data_6I57
#
_entry.id   6I57
#
_entity_poly.entity_id   1
_entity_poly.type   'polypeptide(L)'
_entity_poly.pdbx_seq_one_letter_code
;GPHMTFKALKEEGNQCVNDKNYKDALSKYSECLKINNKECAIYTNRALCYLKLCQFEEAKQDCDQALQLADGNVKAFYRR
ALAHKGLKNYQKSLIDLNKVILLDPSIIEAKMELEEVTRLLNLKD
;
_entity_poly.pdbx_strand_id   A
#
# COMPACT_ATOMS: atom_id res chain seq x y z
N GLY A 1 -22.65 24.09 7.98
CA GLY A 1 -22.06 23.87 6.63
C GLY A 1 -21.62 22.44 6.44
N PRO A 2 -20.57 22.21 5.62
CA PRO A 2 -20.06 20.87 5.34
C PRO A 2 -19.58 20.15 6.60
N HIS A 3 -20.18 19.02 6.89
CA HIS A 3 -19.80 18.22 8.06
C HIS A 3 -18.85 17.10 7.64
N MET A 4 -17.61 17.46 7.34
CA MET A 4 -16.63 16.49 6.90
C MET A 4 -16.12 15.65 8.05
N THR A 5 -16.30 14.35 7.94
CA THR A 5 -15.91 13.42 8.98
C THR A 5 -14.79 12.50 8.49
N PHE A 6 -14.44 11.52 9.33
CA PHE A 6 -13.47 10.50 8.95
C PHE A 6 -13.91 9.80 7.67
N LYS A 7 -15.20 9.50 7.60
CA LYS A 7 -15.76 8.80 6.46
C LYS A 7 -15.74 9.67 5.21
N ALA A 8 -16.08 10.94 5.39
CA ALA A 8 -16.06 11.90 4.29
C ALA A 8 -14.65 12.06 3.72
N LEU A 9 -13.67 12.17 4.61
CA LEU A 9 -12.27 12.26 4.21
C LEU A 9 -11.84 11.00 3.47
N LYS A 10 -12.32 9.85 3.94
CA LYS A 10 -12.06 8.58 3.30
C LYS A 10 -12.61 8.59 1.87
N GLU A 11 -13.86 9.02 1.73
CA GLU A 11 -14.52 9.10 0.43
C GLU A 11 -13.80 10.06 -0.50
N GLU A 12 -13.55 11.27 -0.01
CA GLU A 12 -12.88 12.30 -0.80
C GLU A 12 -11.46 11.87 -1.15
N GLY A 13 -10.83 11.14 -0.24
CA GLY A 13 -9.54 10.56 -0.51
C GLY A 13 -9.61 9.59 -1.68
N ASN A 14 -10.66 8.77 -1.70
CA ASN A 14 -10.89 7.83 -2.80
C ASN A 14 -11.07 8.57 -4.11
N GLN A 15 -11.69 9.73 -4.05
CA GLN A 15 -11.90 10.57 -5.23
C GLN A 15 -10.56 10.96 -5.83
N CYS A 16 -9.66 11.46 -4.98
CA CYS A 16 -8.33 11.87 -5.41
C CYS A 16 -7.57 10.68 -6.01
N VAL A 17 -7.79 9.49 -5.45
CA VAL A 17 -7.17 8.28 -5.98
C VAL A 17 -7.66 7.98 -7.39
N ASN A 18 -8.97 8.10 -7.60
CA ASN A 18 -9.56 7.86 -8.91
C ASN A 18 -9.22 8.99 -9.87
N ASP A 19 -9.00 10.17 -9.32
CA ASP A 19 -8.64 11.35 -10.09
C ASP A 19 -7.15 11.31 -10.44
N LYS A 20 -6.47 10.33 -9.86
CA LYS A 20 -5.03 10.15 -10.05
C LYS A 20 -4.24 11.29 -9.42
N ASN A 21 -4.85 11.94 -8.44
CA ASN A 21 -4.20 12.99 -7.70
C ASN A 21 -3.87 12.47 -6.31
N TYR A 22 -2.90 11.57 -6.25
CA TYR A 22 -2.61 10.81 -5.05
C TYR A 22 -1.93 11.68 -4.00
N LYS A 23 -1.25 12.71 -4.45
CA LYS A 23 -0.59 13.64 -3.54
C LYS A 23 -1.61 14.40 -2.70
N ASP A 24 -2.79 14.61 -3.26
CA ASP A 24 -3.88 15.24 -2.51
C ASP A 24 -4.59 14.22 -1.65
N ALA A 25 -4.66 12.99 -2.16
CA ALA A 25 -5.25 11.88 -1.42
C ALA A 25 -4.51 11.68 -0.10
N LEU A 26 -3.19 11.84 -0.15
CA LEU A 26 -2.36 11.77 1.05
C LEU A 26 -2.90 12.71 2.12
N SER A 27 -3.16 13.95 1.72
CA SER A 27 -3.67 14.97 2.63
C SER A 27 -5.00 14.52 3.26
N LYS A 28 -5.93 14.07 2.42
CA LYS A 28 -7.22 13.59 2.89
C LYS A 28 -7.06 12.44 3.88
N TYR A 29 -6.29 11.43 3.50
CA TYR A 29 -6.09 10.26 4.35
C TYR A 29 -5.33 10.63 5.63
N SER A 30 -4.45 11.60 5.55
CA SER A 30 -3.68 12.02 6.72
C SER A 30 -4.57 12.74 7.73
N GLU A 31 -5.63 13.39 7.24
CA GLU A 31 -6.60 14.00 8.13
C GLU A 31 -7.40 12.92 8.84
N CYS A 32 -7.60 11.79 8.17
CA CYS A 32 -8.25 10.64 8.77
C CYS A 32 -7.43 10.14 9.95
N LEU A 33 -6.10 10.22 9.81
CA LEU A 33 -5.19 9.75 10.84
C LEU A 33 -5.18 10.68 12.05
N LYS A 34 -5.79 11.82 11.90
CA LYS A 34 -5.99 12.73 13.03
C LYS A 34 -7.21 12.28 13.83
N ILE A 35 -8.14 11.64 13.15
CA ILE A 35 -9.37 11.18 13.78
C ILE A 35 -9.22 9.74 14.27
N ASN A 36 -8.76 8.86 13.40
CA ASN A 36 -8.72 7.42 13.70
C ASN A 36 -7.56 6.73 12.98
N ASN A 37 -6.71 6.06 13.74
CA ASN A 37 -5.54 5.37 13.20
C ASN A 37 -5.69 3.86 13.29
N LYS A 38 -6.92 3.40 13.46
CA LYS A 38 -7.19 1.97 13.53
C LYS A 38 -7.76 1.47 12.21
N GLU A 39 -7.69 2.31 11.19
CA GLU A 39 -8.20 1.97 9.88
C GLU A 39 -7.06 1.63 8.93
N CYS A 40 -6.81 0.33 8.76
CA CYS A 40 -5.78 -0.15 7.85
C CYS A 40 -6.08 0.24 6.39
N ALA A 41 -7.34 0.53 6.10
CA ALA A 41 -7.74 0.95 4.75
C ALA A 41 -7.11 2.29 4.40
N ILE A 42 -6.97 3.16 5.39
CA ILE A 42 -6.34 4.46 5.18
C ILE A 42 -4.87 4.28 4.84
N TYR A 43 -4.18 3.46 5.63
CA TYR A 43 -2.76 3.21 5.43
C TYR A 43 -2.49 2.52 4.10
N THR A 44 -3.26 1.48 3.80
CA THR A 44 -3.05 0.72 2.57
C THR A 44 -3.26 1.59 1.33
N ASN A 45 -4.25 2.47 1.39
CA ASN A 45 -4.53 3.36 0.27
C ASN A 45 -3.58 4.55 0.26
N ARG A 46 -3.11 4.96 1.43
CA ARG A 46 -2.13 6.03 1.53
C ARG A 46 -0.80 5.54 0.96
N ALA A 47 -0.48 4.28 1.25
CA ALA A 47 0.71 3.63 0.70
C ALA A 47 0.63 3.60 -0.81
N LEU A 48 -0.55 3.30 -1.34
CA LEU A 48 -0.77 3.31 -2.78
C LEU A 48 -0.45 4.69 -3.36
N CYS A 49 -0.91 5.72 -2.67
CA CYS A 49 -0.66 7.09 -3.09
C CYS A 49 0.84 7.38 -3.10
N TYR A 50 1.54 6.86 -2.10
CA TYR A 50 3.00 6.99 -2.02
C TYR A 50 3.66 6.29 -3.20
N LEU A 51 3.18 5.09 -3.52
CA LEU A 51 3.73 4.30 -4.63
C LEU A 51 3.64 5.08 -5.94
N LYS A 52 2.57 5.85 -6.10
CA LYS A 52 2.36 6.62 -7.32
C LYS A 52 3.25 7.85 -7.35
N LEU A 53 3.74 8.26 -6.18
CA LEU A 53 4.69 9.36 -6.09
C LEU A 53 6.11 8.83 -5.96
N CYS A 54 6.26 7.53 -6.20
CA CYS A 54 7.55 6.85 -6.14
C CYS A 54 8.14 6.88 -4.73
N GLN A 55 7.29 7.08 -3.74
CA GLN A 55 7.70 7.09 -2.35
C GLN A 55 7.52 5.70 -1.76
N PHE A 56 8.38 4.78 -2.15
CA PHE A 56 8.27 3.38 -1.77
C PHE A 56 8.61 3.19 -0.31
N GLU A 57 9.62 3.89 0.16
CA GLU A 57 10.06 3.77 1.55
C GLU A 57 8.95 4.22 2.49
N GLU A 58 8.23 5.26 2.09
CA GLU A 58 7.09 5.74 2.84
C GLU A 58 5.95 4.73 2.79
N ALA A 59 5.65 4.25 1.58
CA ALA A 59 4.58 3.29 1.35
C ALA A 59 4.81 2.00 2.16
N LYS A 60 6.07 1.57 2.23
CA LYS A 60 6.44 0.38 2.98
C LYS A 60 5.99 0.50 4.43
N GLN A 61 6.25 1.67 5.01
CA GLN A 61 5.96 1.92 6.41
C GLN A 61 4.46 2.01 6.65
N ASP A 62 3.75 2.66 5.73
CA ASP A 62 2.30 2.76 5.82
C ASP A 62 1.66 1.38 5.75
N CYS A 63 2.20 0.52 4.88
CA CYS A 63 1.71 -0.86 4.77
C CYS A 63 1.95 -1.62 6.07
N ASP A 64 3.07 -1.33 6.74
CA ASP A 64 3.38 -1.97 8.01
C ASP A 64 2.39 -1.52 9.08
N GLN A 65 2.08 -0.23 9.07
CA GLN A 65 1.09 0.34 9.98
C GLN A 65 -0.27 -0.32 9.77
N ALA A 66 -0.56 -0.65 8.51
CA ALA A 66 -1.80 -1.35 8.18
C ALA A 66 -1.80 -2.77 8.73
N LEU A 67 -0.65 -3.43 8.64
CA LEU A 67 -0.51 -4.79 9.15
C LEU A 67 -0.51 -4.81 10.67
N GLN A 68 -0.05 -3.72 11.28
CA GLN A 68 -0.12 -3.58 12.73
C GLN A 68 -1.56 -3.59 13.20
N LEU A 69 -2.46 -3.11 12.36
CA LEU A 69 -3.88 -3.09 12.67
C LEU A 69 -4.52 -4.41 12.27
N ALA A 70 -4.21 -4.88 11.07
CA ALA A 70 -4.75 -6.13 10.58
C ALA A 70 -3.63 -7.04 10.06
N ASP A 71 -3.30 -8.04 10.86
CA ASP A 71 -2.28 -9.01 10.47
C ASP A 71 -2.88 -10.03 9.50
N GLY A 72 -2.78 -9.72 8.23
CA GLY A 72 -3.35 -10.58 7.21
C GLY A 72 -4.01 -9.79 6.12
N ASN A 73 -3.77 -8.49 6.09
CA ASN A 73 -4.32 -7.61 5.08
C ASN A 73 -3.53 -7.75 3.79
N VAL A 74 -4.12 -8.42 2.81
CA VAL A 74 -3.46 -8.71 1.54
C VAL A 74 -3.06 -7.42 0.83
N LYS A 75 -3.88 -6.39 0.94
CA LYS A 75 -3.59 -5.09 0.33
C LYS A 75 -2.29 -4.53 0.89
N ALA A 76 -2.06 -4.73 2.18
CA ALA A 76 -0.88 -4.22 2.85
C ALA A 76 0.37 -4.95 2.41
N PHE A 77 0.26 -6.26 2.26
CA PHE A 77 1.40 -7.07 1.83
C PHE A 77 1.76 -6.74 0.39
N TYR A 78 0.75 -6.77 -0.48
CA TYR A 78 0.96 -6.56 -1.91
C TYR A 78 1.59 -5.21 -2.19
N ARG A 79 1.08 -4.17 -1.54
CA ARG A 79 1.55 -2.82 -1.79
C ARG A 79 2.88 -2.56 -1.10
N ARG A 80 3.18 -3.32 -0.06
CA ARG A 80 4.49 -3.27 0.57
C ARG A 80 5.52 -3.93 -0.35
N ALA A 81 5.13 -5.04 -0.97
CA ALA A 81 5.96 -5.73 -1.95
C ALA A 81 6.29 -4.80 -3.11
N LEU A 82 5.31 -4.00 -3.51
CA LEU A 82 5.53 -3.00 -4.56
C LEU A 82 6.54 -1.98 -4.08
N ALA A 83 6.39 -1.56 -2.84
CA ALA A 83 7.30 -0.60 -2.22
C ALA A 83 8.71 -1.16 -2.17
N HIS A 84 8.85 -2.38 -1.66
CA HIS A 84 10.15 -3.03 -1.58
C HIS A 84 10.78 -3.19 -2.96
N LYS A 85 9.96 -3.57 -3.94
CA LYS A 85 10.46 -3.74 -5.31
C LYS A 85 11.07 -2.43 -5.81
N GLY A 86 10.39 -1.33 -5.53
CA GLY A 86 10.85 -0.02 -5.96
C GLY A 86 12.11 0.42 -5.25
N LEU A 87 12.37 -0.18 -4.09
CA LEU A 87 13.56 0.13 -3.32
C LEU A 87 14.64 -0.91 -3.60
N LYS A 88 14.39 -1.75 -4.59
CA LYS A 88 15.31 -2.81 -4.99
C LYS A 88 15.45 -3.86 -3.90
N ASN A 89 14.46 -3.94 -3.04
CA ASN A 89 14.42 -4.94 -1.98
C ASN A 89 13.59 -6.13 -2.47
N TYR A 90 14.20 -6.95 -3.29
CA TYR A 90 13.48 -8.01 -3.99
C TYR A 90 13.23 -9.20 -3.08
N GLN A 91 14.19 -9.49 -2.20
CA GLN A 91 14.04 -10.58 -1.25
C GLN A 91 12.91 -10.25 -0.28
N LYS A 92 12.88 -8.99 0.15
CA LYS A 92 11.86 -8.50 1.04
C LYS A 92 10.49 -8.55 0.39
N SER A 93 10.41 -8.10 -0.86
CA SER A 93 9.16 -8.06 -1.60
C SER A 93 8.58 -9.46 -1.79
N LEU A 94 9.45 -10.42 -2.09
CA LEU A 94 9.03 -11.81 -2.27
C LEU A 94 8.37 -12.35 -1.00
N ILE A 95 8.84 -11.90 0.15
CA ILE A 95 8.28 -12.33 1.43
C ILE A 95 6.82 -11.90 1.52
N ASP A 96 6.53 -10.68 1.05
CA ASP A 96 5.18 -10.16 1.11
C ASP A 96 4.33 -10.74 -0.01
N LEU A 97 4.95 -10.97 -1.16
CA LEU A 97 4.24 -11.53 -2.31
C LEU A 97 3.81 -12.95 -2.04
N ASN A 98 4.74 -13.76 -1.56
CA ASN A 98 4.43 -15.14 -1.18
C ASN A 98 3.33 -15.17 -0.13
N LYS A 99 3.38 -14.21 0.81
CA LYS A 99 2.37 -14.09 1.84
C LYS A 99 0.99 -13.83 1.22
N VAL A 100 0.95 -12.99 0.20
CA VAL A 100 -0.27 -12.74 -0.55
C VAL A 100 -0.77 -14.03 -1.21
N ILE A 101 0.15 -14.81 -1.75
CA ILE A 101 -0.19 -16.06 -2.40
C ILE A 101 -0.79 -17.06 -1.40
N LEU A 102 -0.36 -16.97 -0.15
CA LEU A 102 -0.87 -17.85 0.89
C LEU A 102 -2.28 -17.44 1.32
N LEU A 103 -2.49 -16.13 1.39
CA LEU A 103 -3.78 -15.59 1.81
C LEU A 103 -4.80 -15.63 0.69
N ASP A 104 -4.39 -15.17 -0.49
CA ASP A 104 -5.30 -15.10 -1.62
C ASP A 104 -4.58 -15.46 -2.92
N PRO A 105 -4.52 -16.76 -3.24
CA PRO A 105 -3.88 -17.25 -4.47
C PRO A 105 -4.75 -17.02 -5.70
N SER A 106 -5.82 -16.26 -5.52
CA SER A 106 -6.74 -15.99 -6.61
C SER A 106 -6.37 -14.67 -7.27
N ILE A 107 -5.41 -13.98 -6.68
CA ILE A 107 -4.96 -12.70 -7.20
C ILE A 107 -3.96 -12.91 -8.33
N ILE A 108 -4.42 -12.69 -9.54
CA ILE A 108 -3.60 -12.87 -10.73
C ILE A 108 -2.43 -11.88 -10.73
N GLU A 109 -2.69 -10.67 -10.26
CA GLU A 109 -1.68 -9.63 -10.22
C GLU A 109 -0.46 -10.09 -9.41
N ALA A 110 -0.73 -10.77 -8.31
CA ALA A 110 0.33 -11.24 -7.41
C ALA A 110 1.14 -12.36 -8.06
N LYS A 111 0.48 -13.15 -8.89
CA LYS A 111 1.14 -14.25 -9.59
C LYS A 111 2.12 -13.72 -10.61
N MET A 112 1.87 -12.51 -11.07
CA MET A 112 2.74 -11.86 -12.04
C MET A 112 3.88 -11.15 -11.33
N GLU A 113 3.66 -10.80 -10.07
CA GLU A 113 4.64 -10.03 -9.33
C GLU A 113 5.76 -10.91 -8.79
N LEU A 114 5.42 -12.03 -8.16
CA LEU A 114 6.44 -12.87 -7.53
C LEU A 114 7.32 -13.53 -8.59
N GLU A 115 6.81 -13.63 -9.82
CA GLU A 115 7.61 -14.18 -10.91
C GLU A 115 8.60 -13.12 -11.40
N GLU A 116 8.16 -11.87 -11.36
CA GLU A 116 8.96 -10.74 -11.82
C GLU A 116 10.06 -10.41 -10.81
N VAL A 117 9.67 -10.27 -9.56
CA VAL A 117 10.59 -9.87 -8.50
C VAL A 117 11.70 -10.88 -8.32
N THR A 118 11.41 -12.16 -8.58
CA THR A 118 12.43 -13.18 -8.50
C THR A 118 13.49 -12.99 -9.58
N ARG A 119 13.09 -12.48 -10.74
CA ARG A 119 14.02 -12.28 -11.84
C ARG A 119 14.91 -11.10 -11.52
N LEU A 120 14.30 -10.09 -10.93
CA LEU A 120 15.02 -8.92 -10.45
C LEU A 120 16.03 -9.32 -9.39
N LEU A 121 15.62 -10.19 -8.49
CA LEU A 121 16.48 -10.70 -7.43
C LEU A 121 17.61 -11.56 -8.03
N ASN A 122 17.32 -12.22 -9.14
CA ASN A 122 18.32 -13.05 -9.81
C ASN A 122 19.26 -12.21 -10.64
N LEU A 123 18.95 -10.93 -10.77
CA LEU A 123 19.81 -9.98 -11.46
C LEU A 123 20.72 -9.30 -10.46
N LYS A 124 21.77 -8.66 -10.98
CA LYS A 124 22.72 -7.96 -10.15
C LYS A 124 22.45 -6.46 -10.24
N ASP A 125 21.52 -6.11 -11.11
CA ASP A 125 21.10 -4.72 -11.29
C ASP A 125 20.46 -4.19 -10.02
N GLY A 1 -12.41 20.52 2.42
CA GLY A 1 -13.35 21.62 2.78
C GLY A 1 -13.39 21.84 4.28
N PRO A 2 -14.28 22.73 4.76
CA PRO A 2 -14.40 23.04 6.18
C PRO A 2 -15.34 22.06 6.90
N HIS A 3 -15.00 21.77 8.16
CA HIS A 3 -15.80 20.91 9.02
C HIS A 3 -16.04 19.55 8.37
N MET A 4 -14.99 18.75 8.29
CA MET A 4 -15.08 17.45 7.65
C MET A 4 -14.75 16.35 8.63
N THR A 5 -15.59 15.33 8.68
CA THR A 5 -15.38 14.21 9.57
C THR A 5 -14.51 13.13 8.92
N PHE A 6 -14.19 12.09 9.67
CA PHE A 6 -13.38 10.99 9.17
C PHE A 6 -13.98 10.40 7.90
N LYS A 7 -15.30 10.24 7.92
CA LYS A 7 -16.02 9.63 6.80
C LYS A 7 -15.87 10.47 5.53
N ALA A 8 -15.91 11.78 5.68
CA ALA A 8 -15.83 12.68 4.54
C ALA A 8 -14.40 12.78 4.03
N LEU A 9 -13.45 12.85 4.95
CA LEU A 9 -12.04 12.93 4.58
C LEU A 9 -11.61 11.63 3.89
N LYS A 10 -12.17 10.51 4.35
CA LYS A 10 -11.90 9.22 3.75
C LYS A 10 -12.36 9.22 2.29
N GLU A 11 -13.61 9.63 2.06
CA GLU A 11 -14.17 9.59 0.72
C GLU A 11 -13.50 10.60 -0.19
N GLU A 12 -13.00 11.69 0.40
CA GLU A 12 -12.19 12.65 -0.33
C GLU A 12 -10.98 11.96 -0.92
N GLY A 13 -10.21 11.30 -0.06
CA GLY A 13 -9.03 10.59 -0.50
C GLY A 13 -9.37 9.53 -1.54
N ASN A 14 -10.47 8.83 -1.33
CA ASN A 14 -10.92 7.79 -2.25
C ASN A 14 -11.10 8.36 -3.65
N GLN A 15 -11.76 9.50 -3.73
CA GLN A 15 -11.99 10.15 -5.02
C GLN A 15 -10.68 10.56 -5.67
N CYS A 16 -9.77 11.09 -4.87
CA CYS A 16 -8.48 11.55 -5.38
C CYS A 16 -7.65 10.37 -5.91
N VAL A 17 -7.75 9.22 -5.26
CA VAL A 17 -7.05 8.02 -5.73
C VAL A 17 -7.56 7.60 -7.11
N ASN A 18 -8.87 7.60 -7.26
CA ASN A 18 -9.49 7.21 -8.53
C ASN A 18 -9.40 8.33 -9.56
N ASP A 19 -9.02 9.51 -9.09
CA ASP A 19 -8.83 10.68 -9.94
C ASP A 19 -7.38 10.75 -10.43
N LYS A 20 -6.56 9.86 -9.87
CA LYS A 20 -5.11 9.83 -10.13
C LYS A 20 -4.43 11.07 -9.56
N ASN A 21 -5.04 11.62 -8.53
CA ASN A 21 -4.49 12.76 -7.81
C ASN A 21 -4.06 12.31 -6.42
N TYR A 22 -3.02 11.50 -6.39
CA TYR A 22 -2.61 10.80 -5.18
C TYR A 22 -2.00 11.74 -4.16
N LYS A 23 -1.40 12.82 -4.64
CA LYS A 23 -0.81 13.83 -3.76
C LYS A 23 -1.90 14.45 -2.87
N ASP A 24 -3.08 14.64 -3.44
CA ASP A 24 -4.20 15.21 -2.70
C ASP A 24 -4.83 14.13 -1.84
N ALA A 25 -4.80 12.90 -2.34
CA ALA A 25 -5.27 11.75 -1.57
C ALA A 25 -4.47 11.63 -0.28
N LEU A 26 -3.16 11.78 -0.40
CA LEU A 26 -2.26 11.81 0.75
C LEU A 26 -2.69 12.91 1.72
N SER A 27 -3.01 14.07 1.14
CA SER A 27 -3.40 15.23 1.93
C SER A 27 -4.69 14.97 2.71
N LYS A 28 -5.57 14.15 2.14
CA LYS A 28 -6.85 13.86 2.77
C LYS A 28 -6.71 12.69 3.75
N TYR A 29 -6.04 11.62 3.33
CA TYR A 29 -5.90 10.42 4.14
C TYR A 29 -5.13 10.68 5.44
N SER A 30 -4.13 11.54 5.36
CA SER A 30 -3.32 11.83 6.55
C SER A 30 -4.15 12.55 7.61
N GLU A 31 -5.13 13.32 7.17
CA GLU A 31 -6.02 14.01 8.08
C GLU A 31 -7.00 13.01 8.70
N CYS A 32 -7.31 11.95 7.95
CA CYS A 32 -8.14 10.86 8.48
C CYS A 32 -7.48 10.23 9.69
N LEU A 33 -6.20 9.91 9.54
CA LEU A 33 -5.43 9.25 10.59
C LEU A 33 -5.37 10.10 11.85
N LYS A 34 -5.36 11.41 11.68
CA LYS A 34 -5.33 12.34 12.81
C LYS A 34 -6.59 12.19 13.66
N ILE A 35 -7.65 11.70 13.02
CA ILE A 35 -8.89 11.41 13.72
C ILE A 35 -8.86 9.98 14.23
N ASN A 36 -8.58 9.05 13.33
CA ASN A 36 -8.60 7.63 13.65
C ASN A 36 -7.38 6.93 13.07
N ASN A 37 -6.56 6.35 13.93
CA ASN A 37 -5.34 5.67 13.50
C ASN A 37 -5.55 4.16 13.47
N LYS A 38 -6.78 3.72 13.74
CA LYS A 38 -7.08 2.30 13.79
C LYS A 38 -7.73 1.81 12.50
N GLU A 39 -7.64 2.62 11.46
CA GLU A 39 -8.21 2.25 10.17
C GLU A 39 -7.10 1.86 9.20
N CYS A 40 -6.94 0.56 9.00
CA CYS A 40 -5.93 0.03 8.09
C CYS A 40 -6.19 0.44 6.65
N ALA A 41 -7.47 0.68 6.31
CA ALA A 41 -7.86 1.01 4.94
C ALA A 41 -7.22 2.32 4.49
N ILE A 42 -7.00 3.22 5.42
CA ILE A 42 -6.37 4.50 5.10
C ILE A 42 -4.90 4.28 4.74
N TYR A 43 -4.22 3.46 5.53
CA TYR A 43 -2.81 3.19 5.31
C TYR A 43 -2.57 2.50 3.97
N THR A 44 -3.38 1.49 3.67
CA THR A 44 -3.25 0.77 2.41
C THR A 44 -3.48 1.69 1.22
N ASN A 45 -4.37 2.65 1.40
CA ASN A 45 -4.67 3.62 0.35
C ASN A 45 -3.55 4.65 0.23
N ARG A 46 -3.01 5.10 1.36
CA ARG A 46 -1.87 6.00 1.34
C ARG A 46 -0.68 5.32 0.68
N ALA A 47 -0.47 4.05 1.02
CA ALA A 47 0.59 3.26 0.42
C ALA A 47 0.49 3.27 -1.10
N LEU A 48 -0.73 3.04 -1.60
CA LEU A 48 -0.98 3.07 -3.04
C LEU A 48 -0.62 4.43 -3.62
N CYS A 49 -0.98 5.48 -2.90
CA CYS A 49 -0.66 6.83 -3.31
C CYS A 49 0.84 7.07 -3.32
N TYR A 50 1.50 6.69 -2.23
CA TYR A 50 2.95 6.84 -2.11
C TYR A 50 3.68 6.14 -3.25
N LEU A 51 3.15 5.00 -3.68
CA LEU A 51 3.74 4.24 -4.77
C LEU A 51 3.76 5.06 -6.06
N LYS A 52 2.79 5.94 -6.22
CA LYS A 52 2.66 6.73 -7.44
C LYS A 52 3.53 7.98 -7.37
N LEU A 53 3.87 8.42 -6.16
CA LEU A 53 4.82 9.51 -5.98
C LEU A 53 6.22 8.96 -5.77
N CYS A 54 6.37 7.65 -5.93
CA CYS A 54 7.67 6.97 -5.82
C CYS A 54 8.22 7.06 -4.39
N GLN A 55 7.32 7.24 -3.43
CA GLN A 55 7.71 7.27 -2.02
C GLN A 55 7.50 5.89 -1.41
N PHE A 56 8.24 4.93 -1.92
CA PHE A 56 8.08 3.53 -1.57
C PHE A 56 8.43 3.30 -0.10
N GLU A 57 9.43 4.02 0.38
CA GLU A 57 9.88 3.90 1.76
C GLU A 57 8.75 4.28 2.72
N GLU A 58 7.99 5.30 2.35
CA GLU A 58 6.85 5.72 3.15
C GLU A 58 5.71 4.71 3.03
N ALA A 59 5.51 4.20 1.81
CA ALA A 59 4.48 3.21 1.55
C ALA A 59 4.71 1.93 2.35
N LYS A 60 5.97 1.54 2.43
CA LYS A 60 6.37 0.36 3.20
C LYS A 60 5.88 0.45 4.63
N GLN A 61 6.03 1.63 5.20
CA GLN A 61 5.63 1.89 6.58
C GLN A 61 4.11 1.84 6.74
N ASP A 62 3.40 2.48 5.82
CA ASP A 62 1.94 2.50 5.85
C ASP A 62 1.36 1.10 5.76
N CYS A 63 1.94 0.28 4.89
CA CYS A 63 1.50 -1.09 4.72
C CYS A 63 1.67 -1.87 6.02
N ASP A 64 2.74 -1.58 6.76
CA ASP A 64 2.98 -2.26 8.02
C ASP A 64 1.98 -1.79 9.07
N GLN A 65 1.72 -0.49 9.10
CA GLN A 65 0.72 0.08 9.99
C GLN A 65 -0.64 -0.59 9.75
N ALA A 66 -0.94 -0.86 8.49
CA ALA A 66 -2.16 -1.55 8.12
C ALA A 66 -2.17 -2.98 8.64
N LEU A 67 -1.00 -3.62 8.58
CA LEU A 67 -0.86 -4.99 9.05
C LEU A 67 -0.93 -5.07 10.56
N GLN A 68 -0.46 -4.03 11.23
CA GLN A 68 -0.53 -3.95 12.69
C GLN A 68 -1.99 -3.96 13.14
N LEU A 69 -2.85 -3.33 12.35
CA LEU A 69 -4.27 -3.27 12.66
C LEU A 69 -4.99 -4.51 12.14
N ALA A 70 -4.60 -4.95 10.95
CA ALA A 70 -5.20 -6.13 10.36
C ALA A 70 -4.16 -7.19 10.03
N ASP A 71 -4.12 -8.24 10.85
CA ASP A 71 -3.17 -9.33 10.65
C ASP A 71 -3.66 -10.26 9.55
N GLY A 72 -3.20 -10.00 8.35
CA GLY A 72 -3.55 -10.85 7.22
C GLY A 72 -4.24 -10.06 6.13
N ASN A 73 -3.97 -8.76 6.09
CA ASN A 73 -4.55 -7.89 5.09
C ASN A 73 -3.75 -8.00 3.79
N VAL A 74 -4.29 -8.77 2.86
CA VAL A 74 -3.64 -9.05 1.58
C VAL A 74 -3.25 -7.76 0.86
N LYS A 75 -4.14 -6.77 0.92
CA LYS A 75 -3.91 -5.48 0.29
C LYS A 75 -2.65 -4.83 0.84
N ALA A 76 -2.41 -5.02 2.13
CA ALA A 76 -1.26 -4.41 2.80
C ALA A 76 0.04 -5.07 2.36
N PHE A 77 0.02 -6.39 2.27
CA PHE A 77 1.20 -7.14 1.86
C PHE A 77 1.59 -6.77 0.43
N TYR A 78 0.59 -6.79 -0.44
CA TYR A 78 0.82 -6.52 -1.86
C TYR A 78 1.39 -5.13 -2.07
N ARG A 79 0.87 -4.16 -1.33
CA ARG A 79 1.33 -2.78 -1.45
C ARG A 79 2.74 -2.64 -0.91
N ARG A 80 3.06 -3.38 0.15
CA ARG A 80 4.41 -3.36 0.72
C ARG A 80 5.40 -3.98 -0.27
N ALA A 81 4.96 -5.05 -0.93
CA ALA A 81 5.78 -5.69 -1.96
C ALA A 81 6.09 -4.74 -3.10
N LEU A 82 5.10 -3.94 -3.48
CA LEU A 82 5.29 -2.94 -4.52
C LEU A 82 6.27 -1.86 -4.05
N ALA A 83 6.18 -1.54 -2.77
CA ALA A 83 7.08 -0.56 -2.16
C ALA A 83 8.51 -1.08 -2.16
N HIS A 84 8.70 -2.29 -1.64
CA HIS A 84 10.01 -2.91 -1.61
C HIS A 84 10.57 -3.08 -3.02
N LYS A 85 9.69 -3.41 -3.96
CA LYS A 85 10.08 -3.59 -5.35
C LYS A 85 10.73 -2.31 -5.88
N GLY A 86 10.13 -1.17 -5.58
CA GLY A 86 10.64 0.11 -6.04
C GLY A 86 11.93 0.51 -5.34
N LEU A 87 12.14 -0.04 -4.15
CA LEU A 87 13.34 0.26 -3.36
C LEU A 87 14.45 -0.75 -3.66
N LYS A 88 14.21 -1.59 -4.66
CA LYS A 88 15.14 -2.66 -5.03
C LYS A 88 15.32 -3.65 -3.88
N ASN A 89 14.29 -3.78 -3.07
CA ASN A 89 14.28 -4.74 -1.98
C ASN A 89 13.48 -5.95 -2.40
N TYR A 90 13.97 -6.61 -3.42
CA TYR A 90 13.23 -7.69 -4.05
C TYR A 90 13.16 -8.91 -3.16
N GLN A 91 14.18 -9.07 -2.32
CA GLN A 91 14.21 -10.16 -1.35
C GLN A 91 13.11 -9.95 -0.32
N LYS A 92 12.82 -8.69 -0.03
CA LYS A 92 11.80 -8.32 0.94
C LYS A 92 10.41 -8.42 0.31
N SER A 93 10.31 -7.95 -0.92
CA SER A 93 9.05 -7.95 -1.66
C SER A 93 8.53 -9.37 -1.87
N LEU A 94 9.43 -10.29 -2.18
CA LEU A 94 9.07 -11.68 -2.39
C LEU A 94 8.40 -12.27 -1.14
N ILE A 95 8.80 -11.78 0.03
CA ILE A 95 8.22 -12.24 1.29
C ILE A 95 6.73 -11.91 1.31
N ASP A 96 6.40 -10.70 0.91
CA ASP A 96 5.02 -10.23 0.95
C ASP A 96 4.22 -10.81 -0.20
N LEU A 97 4.87 -10.97 -1.35
CA LEU A 97 4.22 -11.54 -2.52
C LEU A 97 3.85 -12.99 -2.27
N ASN A 98 4.81 -13.76 -1.75
CA ASN A 98 4.54 -15.14 -1.36
C ASN A 98 3.46 -15.19 -0.28
N LYS A 99 3.48 -14.21 0.62
CA LYS A 99 2.49 -14.11 1.68
C LYS A 99 1.09 -13.96 1.09
N VAL A 100 0.98 -13.09 0.10
CA VAL A 100 -0.28 -12.90 -0.62
C VAL A 100 -0.74 -14.20 -1.28
N ILE A 101 0.22 -14.97 -1.79
CA ILE A 101 -0.09 -16.25 -2.43
C ILE A 101 -0.64 -17.25 -1.40
N LEU A 102 -0.20 -17.12 -0.15
CA LEU A 102 -0.65 -18.01 0.91
C LEU A 102 -2.06 -17.65 1.36
N LEU A 103 -2.38 -16.38 1.29
CA LEU A 103 -3.68 -15.89 1.69
C LEU A 103 -4.68 -16.02 0.54
N ASP A 104 -4.27 -15.53 -0.62
CA ASP A 104 -5.12 -15.54 -1.80
C ASP A 104 -4.33 -15.96 -3.05
N PRO A 105 -4.24 -17.27 -3.29
CA PRO A 105 -3.47 -17.81 -4.43
C PRO A 105 -4.20 -17.62 -5.76
N SER A 106 -5.33 -16.92 -5.72
CA SER A 106 -6.14 -16.70 -6.90
C SER A 106 -5.81 -15.36 -7.54
N ILE A 107 -4.79 -14.70 -7.02
CA ILE A 107 -4.40 -13.40 -7.53
C ILE A 107 -3.31 -13.56 -8.57
N ILE A 108 -3.70 -13.48 -9.84
CA ILE A 108 -2.78 -13.61 -10.96
C ILE A 108 -1.72 -12.51 -10.90
N GLU A 109 -2.15 -11.31 -10.51
CA GLU A 109 -1.24 -10.17 -10.38
C GLU A 109 -0.04 -10.52 -9.51
N ALA A 110 -0.30 -11.15 -8.38
CA ALA A 110 0.75 -11.48 -7.43
C ALA A 110 1.59 -12.64 -7.93
N LYS A 111 0.99 -13.50 -8.75
CA LYS A 111 1.68 -14.67 -9.28
C LYS A 111 2.59 -14.27 -10.42
N MET A 112 2.30 -13.12 -11.01
CA MET A 112 3.16 -12.53 -12.02
C MET A 112 4.24 -11.67 -11.37
N GLU A 113 3.86 -11.00 -10.28
CA GLU A 113 4.80 -10.12 -9.59
C GLU A 113 5.95 -10.89 -8.97
N LEU A 114 5.65 -11.94 -8.20
CA LEU A 114 6.71 -12.65 -7.49
C LEU A 114 7.67 -13.32 -8.47
N GLU A 115 7.18 -13.69 -9.64
CA GLU A 115 8.03 -14.34 -10.63
C GLU A 115 8.91 -13.30 -11.33
N GLU A 116 8.41 -12.07 -11.40
CA GLU A 116 9.17 -10.97 -11.97
C GLU A 116 10.20 -10.48 -10.97
N VAL A 117 9.75 -10.28 -9.73
CA VAL A 117 10.59 -9.80 -8.65
C VAL A 117 11.75 -10.77 -8.38
N THR A 118 11.51 -12.06 -8.58
CA THR A 118 12.57 -13.06 -8.44
C THR A 118 13.68 -12.81 -9.45
N ARG A 119 13.31 -12.42 -10.67
CA ARG A 119 14.30 -12.21 -11.71
C ARG A 119 15.02 -10.90 -11.47
N LEU A 120 14.26 -9.91 -11.01
CA LEU A 120 14.79 -8.63 -10.62
C LEU A 120 15.82 -8.80 -9.51
N LEU A 121 15.49 -9.65 -8.56
CA LEU A 121 16.39 -9.97 -7.45
C LEU A 121 17.63 -10.71 -7.96
N ASN A 122 17.48 -11.42 -9.06
CA ASN A 122 18.57 -12.18 -9.64
C ASN A 122 19.39 -11.35 -10.61
N LEU A 123 18.95 -10.12 -10.86
CA LEU A 123 19.65 -9.22 -11.76
C LEU A 123 20.83 -8.56 -11.05
N LYS A 124 21.76 -8.04 -11.84
CA LYS A 124 22.95 -7.41 -11.31
C LYS A 124 22.89 -5.90 -11.54
N ASP A 125 22.22 -5.49 -12.60
CA ASP A 125 22.06 -4.08 -12.91
C ASP A 125 20.83 -3.51 -12.21
N GLY A 1 -16.48 25.19 12.78
CA GLY A 1 -16.39 23.87 13.45
C GLY A 1 -15.54 22.89 12.66
N PRO A 2 -15.71 21.58 12.91
CA PRO A 2 -14.95 20.54 12.21
C PRO A 2 -15.33 20.44 10.74
N HIS A 3 -14.40 20.77 9.86
CA HIS A 3 -14.64 20.74 8.43
C HIS A 3 -14.23 19.39 7.86
N MET A 4 -15.22 18.60 7.47
CA MET A 4 -15.01 17.25 6.94
C MET A 4 -14.59 16.28 8.05
N THR A 5 -15.37 15.24 8.23
CA THR A 5 -15.08 14.24 9.26
C THR A 5 -14.18 13.15 8.70
N PHE A 6 -13.91 12.14 9.52
CA PHE A 6 -13.13 11.00 9.09
C PHE A 6 -13.72 10.38 7.84
N LYS A 7 -15.05 10.31 7.81
CA LYS A 7 -15.77 9.75 6.67
C LYS A 7 -15.50 10.57 5.42
N ALA A 8 -15.67 11.88 5.52
CA ALA A 8 -15.50 12.78 4.39
C ALA A 8 -14.08 12.73 3.86
N LEU A 9 -13.11 12.71 4.76
CA LEU A 9 -11.71 12.64 4.38
C LEU A 9 -11.41 11.32 3.67
N LYS A 10 -12.01 10.25 4.15
CA LYS A 10 -11.86 8.95 3.51
C LYS A 10 -12.51 8.96 2.12
N GLU A 11 -13.76 9.40 2.06
CA GLU A 11 -14.51 9.42 0.81
C GLU A 11 -13.81 10.26 -0.26
N GLU A 12 -13.58 11.53 0.05
CA GLU A 12 -12.96 12.44 -0.91
C GLU A 12 -11.52 12.01 -1.18
N GLY A 13 -10.91 11.36 -0.21
CA GLY A 13 -9.59 10.79 -0.41
C GLY A 13 -9.60 9.75 -1.52
N ASN A 14 -10.58 8.86 -1.46
CA ASN A 14 -10.76 7.84 -2.49
C ASN A 14 -11.08 8.49 -3.83
N GLN A 15 -11.85 9.58 -3.78
CA GLN A 15 -12.20 10.33 -4.99
C GLN A 15 -10.94 10.84 -5.68
N CYS A 16 -10.05 11.44 -4.90
CA CYS A 16 -8.79 11.93 -5.42
C CYS A 16 -7.96 10.80 -6.01
N VAL A 17 -7.95 9.64 -5.33
CA VAL A 17 -7.24 8.46 -5.83
C VAL A 17 -7.77 8.07 -7.21
N ASN A 18 -9.09 7.99 -7.33
CA ASN A 18 -9.73 7.62 -8.59
C ASN A 18 -9.49 8.68 -9.66
N ASP A 19 -9.33 9.93 -9.23
CA ASP A 19 -9.06 11.04 -10.13
C ASP A 19 -7.60 11.05 -10.57
N LYS A 20 -6.80 10.19 -9.91
CA LYS A 20 -5.36 10.12 -10.12
C LYS A 20 -4.68 11.34 -9.53
N ASN A 21 -5.29 11.85 -8.48
CA ASN A 21 -4.74 12.94 -7.68
C ASN A 21 -4.29 12.37 -6.35
N TYR A 22 -3.25 11.54 -6.39
CA TYR A 22 -2.80 10.82 -5.23
C TYR A 22 -2.15 11.76 -4.22
N LYS A 23 -1.61 12.86 -4.73
CA LYS A 23 -0.98 13.86 -3.88
C LYS A 23 -1.97 14.43 -2.89
N ASP A 24 -3.17 14.76 -3.38
CA ASP A 24 -4.17 15.35 -2.51
C ASP A 24 -4.83 14.28 -1.65
N ALA A 25 -4.93 13.09 -2.21
CA ALA A 25 -5.44 11.93 -1.49
C ALA A 25 -4.61 11.67 -0.24
N LEU A 26 -3.30 11.81 -0.37
CA LEU A 26 -2.37 11.69 0.75
C LEU A 26 -2.79 12.61 1.88
N SER A 27 -3.10 13.85 1.53
CA SER A 27 -3.53 14.84 2.51
C SER A 27 -4.75 14.35 3.28
N LYS A 28 -5.79 13.97 2.53
CA LYS A 28 -7.04 13.48 3.11
C LYS A 28 -6.80 12.31 4.07
N TYR A 29 -6.03 11.33 3.61
CA TYR A 29 -5.79 10.12 4.40
C TYR A 29 -4.93 10.42 5.63
N SER A 30 -4.00 11.35 5.50
CA SER A 30 -3.16 11.74 6.62
C SER A 30 -3.99 12.42 7.70
N GLU A 31 -5.01 13.16 7.26
CA GLU A 31 -5.95 13.78 8.17
C GLU A 31 -6.84 12.73 8.82
N CYS A 32 -7.11 11.66 8.07
CA CYS A 32 -7.89 10.52 8.58
C CYS A 32 -7.19 9.90 9.78
N LEU A 33 -5.89 9.68 9.66
CA LEU A 33 -5.09 9.07 10.72
C LEU A 33 -5.17 9.89 12.00
N LYS A 34 -5.24 11.20 11.85
CA LYS A 34 -5.31 12.11 12.98
C LYS A 34 -6.59 11.90 13.78
N ILE A 35 -7.59 11.30 13.14
CA ILE A 35 -8.84 10.98 13.79
C ILE A 35 -8.88 9.52 14.20
N ASN A 36 -8.35 8.65 13.35
CA ASN A 36 -8.32 7.22 13.63
C ASN A 36 -7.11 6.58 12.97
N ASN A 37 -6.21 6.02 13.79
CA ASN A 37 -5.01 5.38 13.27
C ASN A 37 -5.19 3.87 13.17
N LYS A 38 -6.37 3.39 13.55
CA LYS A 38 -6.66 1.97 13.57
C LYS A 38 -7.22 1.51 12.21
N GLU A 39 -7.56 2.47 11.36
CA GLU A 39 -8.14 2.15 10.06
C GLU A 39 -7.04 1.75 9.07
N CYS A 40 -6.80 0.43 8.94
CA CYS A 40 -5.78 -0.08 8.02
C CYS A 40 -6.09 0.31 6.58
N ALA A 41 -7.38 0.51 6.29
CA ALA A 41 -7.83 0.86 4.95
C ALA A 41 -7.32 2.23 4.52
N ILE A 42 -6.90 3.04 5.49
CA ILE A 42 -6.31 4.33 5.18
C ILE A 42 -4.85 4.15 4.76
N TYR A 43 -4.14 3.32 5.50
CA TYR A 43 -2.73 3.06 5.25
C TYR A 43 -2.53 2.41 3.88
N THR A 44 -3.39 1.45 3.56
CA THR A 44 -3.31 0.73 2.29
C THR A 44 -3.49 1.69 1.11
N ASN A 45 -4.39 2.66 1.26
CA ASN A 45 -4.63 3.63 0.21
C ASN A 45 -3.52 4.68 0.16
N ARG A 46 -2.98 5.04 1.32
CA ARG A 46 -1.83 5.94 1.36
C ARG A 46 -0.65 5.30 0.63
N ALA A 47 -0.43 4.03 0.92
CA ALA A 47 0.64 3.27 0.28
C ALA A 47 0.51 3.30 -1.23
N LEU A 48 -0.70 3.03 -1.72
CA LEU A 48 -0.97 3.08 -3.15
C LEU A 48 -0.64 4.45 -3.73
N CYS A 49 -1.02 5.50 -3.00
CA CYS A 49 -0.75 6.86 -3.42
C CYS A 49 0.76 7.13 -3.43
N TYR A 50 1.43 6.73 -2.36
CA TYR A 50 2.88 6.92 -2.25
C TYR A 50 3.61 6.23 -3.39
N LEU A 51 3.10 5.07 -3.81
CA LEU A 51 3.69 4.32 -4.92
C LEU A 51 3.68 5.14 -6.20
N LYS A 52 2.68 6.00 -6.34
CA LYS A 52 2.51 6.80 -7.54
C LYS A 52 3.42 8.01 -7.54
N LEU A 53 3.72 8.53 -6.35
CA LEU A 53 4.65 9.66 -6.24
C LEU A 53 6.06 9.18 -5.96
N CYS A 54 6.30 7.89 -6.23
CA CYS A 54 7.61 7.29 -6.10
C CYS A 54 8.13 7.39 -4.66
N GLN A 55 7.22 7.29 -3.71
CA GLN A 55 7.59 7.31 -2.30
C GLN A 55 7.40 5.92 -1.70
N PHE A 56 8.15 4.97 -2.23
CA PHE A 56 8.02 3.57 -1.85
C PHE A 56 8.40 3.38 -0.39
N GLU A 57 9.40 4.12 0.05
CA GLU A 57 9.86 4.05 1.44
C GLU A 57 8.73 4.44 2.39
N GLU A 58 7.94 5.43 1.98
CA GLU A 58 6.82 5.89 2.77
C GLU A 58 5.68 4.86 2.71
N ALA A 59 5.44 4.33 1.51
CA ALA A 59 4.40 3.33 1.30
C ALA A 59 4.67 2.08 2.14
N LYS A 60 5.92 1.64 2.16
CA LYS A 60 6.34 0.46 2.91
C LYS A 60 5.85 0.53 4.36
N GLN A 61 6.13 1.65 5.01
CA GLN A 61 5.83 1.83 6.42
C GLN A 61 4.33 1.79 6.68
N ASP A 62 3.55 2.42 5.81
CA ASP A 62 2.10 2.43 5.96
C ASP A 62 1.52 1.03 5.84
N CYS A 63 2.06 0.24 4.92
CA CYS A 63 1.61 -1.12 4.72
C CYS A 63 1.82 -1.96 5.97
N ASP A 64 2.98 -1.79 6.60
CA ASP A 64 3.28 -2.51 7.84
C ASP A 64 2.32 -2.08 8.95
N GLN A 65 2.09 -0.78 9.03
CA GLN A 65 1.15 -0.23 10.00
C GLN A 65 -0.25 -0.81 9.78
N ALA A 66 -0.61 -0.99 8.52
CA ALA A 66 -1.88 -1.61 8.18
C ALA A 66 -1.92 -3.06 8.66
N LEU A 67 -0.79 -3.74 8.56
CA LEU A 67 -0.67 -5.13 8.99
C LEU A 67 -0.71 -5.25 10.51
N GLN A 68 -0.24 -4.21 11.18
CA GLN A 68 -0.33 -4.14 12.63
C GLN A 68 -1.78 -4.10 13.07
N LEU A 69 -2.60 -3.40 12.30
CA LEU A 69 -4.01 -3.24 12.61
C LEU A 69 -4.81 -4.45 12.12
N ALA A 70 -4.47 -4.92 10.94
CA ALA A 70 -5.11 -6.09 10.36
C ALA A 70 -4.09 -7.14 9.97
N ASP A 71 -4.00 -8.19 10.78
CA ASP A 71 -3.02 -9.25 10.56
C ASP A 71 -3.52 -10.20 9.49
N GLY A 72 -3.19 -9.89 8.25
CA GLY A 72 -3.61 -10.73 7.13
C GLY A 72 -4.24 -9.91 6.02
N ASN A 73 -3.93 -8.62 5.99
CA ASN A 73 -4.47 -7.73 4.98
C ASN A 73 -3.70 -7.90 3.68
N VAL A 74 -4.32 -8.61 2.74
CA VAL A 74 -3.69 -8.92 1.45
C VAL A 74 -3.23 -7.66 0.73
N LYS A 75 -4.05 -6.63 0.78
CA LYS A 75 -3.75 -5.38 0.11
C LYS A 75 -2.52 -4.72 0.72
N ALA A 76 -2.37 -4.87 2.04
CA ALA A 76 -1.25 -4.28 2.75
C ALA A 76 0.06 -4.96 2.35
N PHE A 77 0.02 -6.28 2.24
CA PHE A 77 1.20 -7.04 1.81
C PHE A 77 1.57 -6.67 0.38
N TYR A 78 0.56 -6.65 -0.49
CA TYR A 78 0.77 -6.39 -1.90
C TYR A 78 1.35 -4.98 -2.12
N ARG A 79 0.85 -4.01 -1.38
CA ARG A 79 1.34 -2.64 -1.50
C ARG A 79 2.78 -2.53 -1.03
N ARG A 80 3.10 -3.22 0.07
CA ARG A 80 4.44 -3.19 0.63
C ARG A 80 5.43 -3.88 -0.32
N ALA A 81 5.00 -4.99 -0.90
CA ALA A 81 5.80 -5.68 -1.89
C ALA A 81 6.14 -4.77 -3.07
N LEU A 82 5.15 -4.02 -3.53
CA LEU A 82 5.35 -3.06 -4.63
C LEU A 82 6.32 -1.97 -4.20
N ALA A 83 6.19 -1.54 -2.94
CA ALA A 83 7.06 -0.52 -2.38
C ALA A 83 8.50 -1.03 -2.32
N HIS A 84 8.68 -2.20 -1.73
CA HIS A 84 10.00 -2.82 -1.63
C HIS A 84 10.60 -3.03 -3.02
N LYS A 85 9.77 -3.47 -3.96
CA LYS A 85 10.20 -3.71 -5.34
C LYS A 85 10.80 -2.43 -5.92
N GLY A 86 10.16 -1.31 -5.67
CA GLY A 86 10.65 -0.04 -6.17
C GLY A 86 11.94 0.39 -5.48
N LEU A 87 12.10 -0.02 -4.24
CA LEU A 87 13.29 0.32 -3.46
C LEU A 87 14.41 -0.69 -3.71
N LYS A 88 14.18 -1.59 -4.67
CA LYS A 88 15.13 -2.65 -5.01
C LYS A 88 15.28 -3.65 -3.86
N ASN A 89 14.29 -3.67 -2.99
CA ASN A 89 14.25 -4.61 -1.88
C ASN A 89 13.48 -5.83 -2.29
N TYR A 90 14.01 -6.57 -3.24
CA TYR A 90 13.29 -7.66 -3.86
C TYR A 90 13.17 -8.85 -2.91
N GLN A 91 14.16 -9.01 -2.05
CA GLN A 91 14.14 -10.07 -1.05
C GLN A 91 13.04 -9.79 -0.03
N LYS A 92 12.84 -8.51 0.26
CA LYS A 92 11.83 -8.08 1.21
C LYS A 92 10.44 -8.17 0.59
N SER A 93 10.37 -7.82 -0.69
CA SER A 93 9.11 -7.84 -1.42
C SER A 93 8.57 -9.25 -1.56
N LEU A 94 9.46 -10.20 -1.85
CA LEU A 94 9.07 -11.58 -2.02
C LEU A 94 8.39 -12.12 -0.77
N ILE A 95 8.80 -11.61 0.39
CA ILE A 95 8.22 -12.03 1.66
C ILE A 95 6.72 -11.72 1.68
N ASP A 96 6.34 -10.56 1.15
CA ASP A 96 4.95 -10.15 1.15
C ASP A 96 4.19 -10.75 -0.02
N LEU A 97 4.89 -10.93 -1.13
CA LEU A 97 4.28 -11.50 -2.33
C LEU A 97 3.93 -12.96 -2.09
N ASN A 98 4.88 -13.72 -1.56
CA ASN A 98 4.66 -15.12 -1.23
C ASN A 98 3.53 -15.26 -0.21
N LYS A 99 3.37 -14.23 0.62
CA LYS A 99 2.29 -14.21 1.60
C LYS A 99 0.93 -14.07 0.92
N VAL A 100 0.84 -13.12 -0.01
CA VAL A 100 -0.40 -12.88 -0.73
C VAL A 100 -0.86 -14.14 -1.46
N ILE A 101 0.11 -14.90 -1.98
CA ILE A 101 -0.17 -16.15 -2.66
C ILE A 101 -0.87 -17.15 -1.74
N LEU A 102 -0.61 -17.04 -0.45
CA LEU A 102 -1.20 -17.94 0.53
C LEU A 102 -2.57 -17.44 0.97
N LEU A 103 -2.69 -16.12 1.09
CA LEU A 103 -3.92 -15.51 1.53
C LEU A 103 -4.98 -15.55 0.44
N ASP A 104 -4.56 -15.30 -0.79
CA ASP A 104 -5.46 -15.39 -1.94
C ASP A 104 -4.68 -15.72 -3.20
N PRO A 105 -4.58 -17.01 -3.54
CA PRO A 105 -3.85 -17.47 -4.71
C PRO A 105 -4.59 -17.22 -6.02
N SER A 106 -5.69 -16.49 -5.93
CA SER A 106 -6.49 -16.20 -7.11
C SER A 106 -6.01 -14.90 -7.75
N ILE A 107 -5.09 -14.24 -7.07
CA ILE A 107 -4.59 -12.96 -7.53
C ILE A 107 -3.45 -13.17 -8.52
N ILE A 108 -3.78 -13.09 -9.80
CA ILE A 108 -2.79 -13.26 -10.86
C ILE A 108 -1.74 -12.17 -10.78
N GLU A 109 -2.17 -10.98 -10.38
CA GLU A 109 -1.27 -9.85 -10.24
C GLU A 109 -0.09 -10.18 -9.32
N ALA A 110 -0.38 -10.90 -8.24
CA ALA A 110 0.65 -11.26 -7.28
C ALA A 110 1.55 -12.35 -7.84
N LYS A 111 0.98 -13.18 -8.72
CA LYS A 111 1.71 -14.28 -9.31
C LYS A 111 2.67 -13.75 -10.37
N MET A 112 2.30 -12.62 -10.96
CA MET A 112 3.13 -11.99 -11.97
C MET A 112 4.22 -11.15 -11.31
N GLU A 113 3.98 -10.75 -10.06
CA GLU A 113 4.95 -9.96 -9.33
C GLU A 113 6.06 -10.83 -8.77
N LEU A 114 5.72 -11.85 -7.98
CA LEU A 114 6.75 -12.64 -7.29
C LEU A 114 7.62 -13.39 -8.30
N GLU A 115 7.07 -13.69 -9.47
CA GLU A 115 7.85 -14.35 -10.52
C GLU A 115 8.89 -13.39 -11.07
N GLU A 116 8.50 -12.12 -11.18
CA GLU A 116 9.36 -11.10 -11.74
C GLU A 116 10.37 -10.62 -10.70
N VAL A 117 9.88 -10.40 -9.48
CA VAL A 117 10.71 -9.90 -8.40
C VAL A 117 11.84 -10.89 -8.07
N THR A 118 11.55 -12.18 -8.18
CA THR A 118 12.58 -13.20 -7.97
C THR A 118 13.66 -13.11 -9.06
N ARG A 119 13.25 -12.71 -10.26
CA ARG A 119 14.17 -12.62 -11.39
C ARG A 119 14.97 -11.33 -11.28
N LEU A 120 14.31 -10.31 -10.75
CA LEU A 120 14.95 -9.03 -10.46
C LEU A 120 15.99 -9.20 -9.36
N LEU A 121 15.63 -9.99 -8.37
CA LEU A 121 16.52 -10.29 -7.26
C LEU A 121 17.72 -11.10 -7.74
N ASN A 122 17.51 -11.91 -8.77
CA ASN A 122 18.59 -12.71 -9.33
C ASN A 122 19.41 -11.93 -10.32
N LEU A 123 18.99 -10.70 -10.57
CA LEU A 123 19.66 -9.83 -11.50
C LEU A 123 20.73 -9.04 -10.74
N LYS A 124 21.78 -8.67 -11.43
CA LYS A 124 22.99 -8.14 -10.78
C LYS A 124 22.81 -6.68 -10.34
N ASP A 125 21.77 -6.04 -10.83
CA ASP A 125 21.48 -4.67 -10.46
C ASP A 125 20.70 -4.64 -9.15
N GLY A 1 -20.45 14.78 1.30
CA GLY A 1 -21.12 14.48 2.59
C GLY A 1 -21.55 15.75 3.30
N PRO A 2 -22.29 15.63 4.42
CA PRO A 2 -22.75 16.79 5.20
C PRO A 2 -21.58 17.49 5.89
N HIS A 3 -20.75 16.71 6.57
CA HIS A 3 -19.55 17.24 7.20
C HIS A 3 -18.34 16.43 6.76
N MET A 4 -17.18 17.07 6.70
CA MET A 4 -15.96 16.40 6.28
C MET A 4 -15.33 15.68 7.44
N THR A 5 -15.93 14.57 7.79
CA THR A 5 -15.47 13.74 8.89
C THR A 5 -14.53 12.66 8.40
N PHE A 6 -14.13 11.77 9.31
CA PHE A 6 -13.25 10.67 8.94
C PHE A 6 -13.84 9.86 7.79
N LYS A 7 -15.14 9.65 7.86
CA LYS A 7 -15.84 8.86 6.85
C LYS A 7 -15.83 9.58 5.51
N ALA A 8 -15.99 10.90 5.55
CA ALA A 8 -16.03 11.70 4.34
C ALA A 8 -14.63 11.89 3.76
N LEU A 9 -13.66 12.11 4.63
CA LEU A 9 -12.27 12.26 4.20
C LEU A 9 -11.78 10.97 3.55
N LYS A 10 -12.23 9.84 4.08
CA LYS A 10 -11.92 8.54 3.52
C LYS A 10 -12.47 8.41 2.09
N GLU A 11 -13.77 8.71 1.94
CA GLU A 11 -14.42 8.53 0.64
C GLU A 11 -13.91 9.55 -0.38
N GLU A 12 -13.66 10.78 0.06
CA GLU A 12 -13.12 11.81 -0.81
C GLU A 12 -11.67 11.48 -1.16
N GLY A 13 -10.96 10.92 -0.20
CA GLY A 13 -9.61 10.44 -0.46
C GLY A 13 -9.61 9.36 -1.52
N ASN A 14 -10.61 8.49 -1.46
CA ASN A 14 -10.80 7.46 -2.47
C ASN A 14 -11.05 8.09 -3.83
N GLN A 15 -11.76 9.21 -3.84
CA GLN A 15 -12.05 9.93 -5.07
C GLN A 15 -10.77 10.44 -5.71
N CYS A 16 -9.81 10.85 -4.87
CA CYS A 16 -8.51 11.27 -5.35
C CYS A 16 -7.79 10.11 -6.02
N VAL A 17 -7.77 8.95 -5.35
CA VAL A 17 -7.14 7.76 -5.90
C VAL A 17 -7.83 7.33 -7.19
N ASN A 18 -9.15 7.38 -7.18
CA ASN A 18 -9.97 7.04 -8.34
C ASN A 18 -9.66 7.98 -9.50
N ASP A 19 -9.42 9.25 -9.19
CA ASP A 19 -9.11 10.26 -10.20
C ASP A 19 -7.64 10.17 -10.62
N LYS A 20 -6.90 9.30 -9.91
CA LYS A 20 -5.46 9.12 -10.12
C LYS A 20 -4.69 10.35 -9.68
N ASN A 21 -5.22 11.01 -8.66
CA ASN A 21 -4.56 12.16 -8.04
C ASN A 21 -4.08 11.77 -6.65
N TYR A 22 -2.92 11.12 -6.62
CA TYR A 22 -2.44 10.47 -5.41
C TYR A 22 -1.77 11.48 -4.47
N LYS A 23 -1.16 12.50 -5.05
CA LYS A 23 -0.46 13.51 -4.27
C LYS A 23 -1.44 14.28 -3.38
N ASP A 24 -2.68 14.40 -3.84
CA ASP A 24 -3.72 15.06 -3.05
C ASP A 24 -4.30 14.08 -2.04
N ALA A 25 -4.45 12.84 -2.47
CA ALA A 25 -4.98 11.78 -1.63
C ALA A 25 -4.18 11.64 -0.34
N LEU A 26 -2.86 11.84 -0.45
CA LEU A 26 -1.97 11.80 0.71
C LEU A 26 -2.48 12.73 1.81
N SER A 27 -2.75 13.97 1.45
CA SER A 27 -3.21 14.97 2.40
C SER A 27 -4.57 14.58 2.97
N LYS A 28 -5.44 14.07 2.11
CA LYS A 28 -6.80 13.70 2.50
C LYS A 28 -6.78 12.54 3.51
N TYR A 29 -5.95 11.54 3.23
CA TYR A 29 -5.81 10.41 4.16
C TYR A 29 -5.05 10.84 5.42
N SER A 30 -4.19 11.83 5.28
CA SER A 30 -3.45 12.36 6.41
C SER A 30 -4.40 13.06 7.39
N GLU A 31 -5.47 13.63 6.85
CA GLU A 31 -6.51 14.25 7.67
C GLU A 31 -7.30 13.19 8.42
N CYS A 32 -7.37 12.00 7.83
CA CYS A 32 -8.06 10.87 8.45
C CYS A 32 -7.31 10.41 9.69
N LEU A 33 -6.00 10.28 9.56
CA LEU A 33 -5.16 9.79 10.66
C LEU A 33 -5.26 10.68 11.88
N LYS A 34 -5.48 11.97 11.67
CA LYS A 34 -5.62 12.92 12.76
C LYS A 34 -6.84 12.57 13.61
N ILE A 35 -7.79 11.88 13.01
CA ILE A 35 -9.00 11.46 13.71
C ILE A 35 -8.86 10.03 14.20
N ASN A 36 -8.40 9.15 13.31
CA ASN A 36 -8.26 7.73 13.63
C ASN A 36 -7.00 7.16 12.98
N ASN A 37 -6.13 6.60 13.80
CA ASN A 37 -4.85 6.07 13.33
C ASN A 37 -4.87 4.55 13.29
N LYS A 38 -6.00 3.96 13.65
CA LYS A 38 -6.12 2.51 13.72
C LYS A 38 -6.93 1.97 12.54
N GLU A 39 -6.97 2.74 11.47
CA GLU A 39 -7.67 2.35 10.26
C GLU A 39 -6.67 1.92 9.19
N CYS A 40 -6.52 0.62 9.00
CA CYS A 40 -5.58 0.07 8.03
C CYS A 40 -5.94 0.49 6.61
N ALA A 41 -7.22 0.79 6.38
CA ALA A 41 -7.70 1.22 5.07
C ALA A 41 -7.04 2.52 4.64
N ILE A 42 -6.77 3.39 5.60
CA ILE A 42 -6.12 4.66 5.32
C ILE A 42 -4.67 4.43 4.91
N TYR A 43 -3.97 3.60 5.68
CA TYR A 43 -2.57 3.31 5.42
C TYR A 43 -2.37 2.60 4.09
N THR A 44 -3.18 1.58 3.84
CA THR A 44 -3.06 0.81 2.61
C THR A 44 -3.26 1.70 1.38
N ASN A 45 -4.27 2.57 1.44
CA ASN A 45 -4.55 3.47 0.34
C ASN A 45 -3.53 4.59 0.26
N ARG A 46 -3.03 5.03 1.42
CA ARG A 46 -2.01 6.06 1.48
C ARG A 46 -0.71 5.54 0.86
N ALA A 47 -0.37 4.31 1.22
CA ALA A 47 0.81 3.64 0.67
C ALA A 47 0.70 3.50 -0.85
N LEU A 48 -0.51 3.17 -1.31
CA LEU A 48 -0.76 3.05 -2.74
C LEU A 48 -0.43 4.36 -3.44
N CYS A 49 -0.79 5.47 -2.78
CA CYS A 49 -0.50 6.79 -3.30
C CYS A 49 0.99 7.06 -3.28
N TYR A 50 1.65 6.73 -2.16
CA TYR A 50 3.09 6.93 -2.02
C TYR A 50 3.86 6.20 -3.12
N LEU A 51 3.39 5.01 -3.47
CA LEU A 51 4.02 4.22 -4.54
C LEU A 51 4.09 5.02 -5.83
N LYS A 52 3.01 5.74 -6.13
CA LYS A 52 2.92 6.49 -7.37
C LYS A 52 3.85 7.70 -7.37
N LEU A 53 4.03 8.32 -6.20
CA LEU A 53 4.98 9.43 -6.07
C LEU A 53 6.39 8.90 -5.83
N CYS A 54 6.57 7.59 -5.99
CA CYS A 54 7.88 6.94 -5.85
C CYS A 54 8.44 7.10 -4.45
N GLN A 55 7.54 7.17 -3.47
CA GLN A 55 7.92 7.29 -2.08
C GLN A 55 7.68 5.97 -1.37
N PHE A 56 8.43 4.96 -1.80
CA PHE A 56 8.21 3.59 -1.36
C PHE A 56 8.55 3.43 0.11
N GLU A 57 9.52 4.20 0.58
CA GLU A 57 9.96 4.12 1.97
C GLU A 57 8.81 4.44 2.92
N GLU A 58 8.01 5.44 2.56
CA GLU A 58 6.85 5.80 3.38
C GLU A 58 5.71 4.80 3.17
N ALA A 59 5.57 4.34 1.94
CA ALA A 59 4.55 3.34 1.60
C ALA A 59 4.79 2.04 2.37
N LYS A 60 6.05 1.64 2.47
CA LYS A 60 6.44 0.44 3.20
C LYS A 60 5.93 0.51 4.64
N GLN A 61 6.20 1.64 5.29
CA GLN A 61 5.84 1.84 6.69
C GLN A 61 4.34 1.88 6.88
N ASP A 62 3.62 2.43 5.91
CA ASP A 62 2.15 2.48 5.96
C ASP A 62 1.56 1.09 5.86
N CYS A 63 2.05 0.32 4.89
CA CYS A 63 1.59 -1.05 4.72
C CYS A 63 1.88 -1.88 5.97
N ASP A 64 3.04 -1.63 6.55
CA ASP A 64 3.44 -2.30 7.79
C ASP A 64 2.50 -1.93 8.93
N GLN A 65 2.17 -0.64 9.02
CA GLN A 65 1.26 -0.14 9.98
C GLN A 65 -0.10 -0.75 9.80
N ALA A 66 -0.55 -0.75 8.56
CA ALA A 66 -1.83 -1.35 8.20
C ALA A 66 -1.90 -2.81 8.67
N LEU A 67 -0.79 -3.52 8.55
CA LEU A 67 -0.72 -4.91 8.98
C LEU A 67 -0.67 -5.05 10.50
N GLN A 68 -0.12 -4.03 11.16
CA GLN A 68 -0.13 -4.00 12.62
C GLN A 68 -1.55 -3.86 13.14
N LEU A 69 -2.37 -3.17 12.35
CA LEU A 69 -3.76 -2.94 12.71
C LEU A 69 -4.63 -4.09 12.23
N ALA A 70 -4.40 -4.54 11.01
CA ALA A 70 -5.11 -5.67 10.45
C ALA A 70 -4.14 -6.79 10.10
N ASP A 71 -4.13 -7.82 10.94
CA ASP A 71 -3.21 -8.94 10.76
C ASP A 71 -3.72 -9.88 9.67
N GLY A 72 -3.34 -9.58 8.43
CA GLY A 72 -3.74 -10.42 7.31
C GLY A 72 -4.35 -9.60 6.18
N ASN A 73 -3.96 -8.33 6.09
CA ASN A 73 -4.48 -7.45 5.06
C ASN A 73 -3.70 -7.65 3.78
N VAL A 74 -4.34 -8.31 2.81
CA VAL A 74 -3.70 -8.66 1.55
C VAL A 74 -3.17 -7.43 0.82
N LYS A 75 -3.94 -6.35 0.81
CA LYS A 75 -3.53 -5.12 0.15
C LYS A 75 -2.26 -4.57 0.78
N ALA A 76 -2.13 -4.73 2.10
CA ALA A 76 -0.98 -4.21 2.80
C ALA A 76 0.28 -4.98 2.43
N PHE A 77 0.16 -6.30 2.30
CA PHE A 77 1.30 -7.12 1.89
C PHE A 77 1.70 -6.79 0.45
N TYR A 78 0.71 -6.78 -0.43
CA TYR A 78 0.93 -6.54 -1.85
C TYR A 78 1.58 -5.18 -2.08
N ARG A 79 1.08 -4.16 -1.39
CA ARG A 79 1.57 -2.80 -1.60
C ARG A 79 2.90 -2.58 -0.87
N ARG A 80 3.15 -3.35 0.19
CA ARG A 80 4.47 -3.35 0.82
C ARG A 80 5.48 -3.96 -0.13
N ALA A 81 5.07 -5.03 -0.80
CA ALA A 81 5.90 -5.67 -1.81
C ALA A 81 6.28 -4.70 -2.90
N LEU A 82 5.32 -3.90 -3.35
CA LEU A 82 5.57 -2.88 -4.35
C LEU A 82 6.55 -1.84 -3.81
N ALA A 83 6.39 -1.50 -2.54
CA ALA A 83 7.27 -0.55 -1.88
C ALA A 83 8.69 -1.11 -1.81
N HIS A 84 8.83 -2.34 -1.34
CA HIS A 84 10.14 -2.99 -1.29
C HIS A 84 10.74 -3.11 -2.68
N LYS A 85 9.89 -3.43 -3.66
CA LYS A 85 10.31 -3.55 -5.04
C LYS A 85 10.98 -2.25 -5.51
N GLY A 86 10.35 -1.13 -5.18
CA GLY A 86 10.88 0.16 -5.58
C GLY A 86 12.16 0.52 -4.86
N LEU A 87 12.39 -0.09 -3.71
CA LEU A 87 13.60 0.14 -2.93
C LEU A 87 14.64 -0.94 -3.24
N LYS A 88 14.35 -1.74 -4.25
CA LYS A 88 15.22 -2.84 -4.68
C LYS A 88 15.36 -3.89 -3.59
N ASN A 89 14.38 -3.95 -2.70
CA ASN A 89 14.34 -4.94 -1.64
C ASN A 89 13.52 -6.14 -2.11
N TYR A 90 14.07 -6.86 -3.07
CA TYR A 90 13.33 -7.89 -3.77
C TYR A 90 13.18 -9.12 -2.91
N GLN A 91 14.19 -9.36 -2.08
CA GLN A 91 14.17 -10.49 -1.16
C GLN A 91 13.03 -10.32 -0.17
N LYS A 92 12.74 -9.06 0.13
CA LYS A 92 11.70 -8.70 1.07
C LYS A 92 10.33 -8.70 0.40
N SER A 93 10.28 -8.14 -0.80
CA SER A 93 9.04 -8.04 -1.57
C SER A 93 8.46 -9.42 -1.86
N LEU A 94 9.32 -10.36 -2.21
CA LEU A 94 8.88 -11.72 -2.52
C LEU A 94 8.20 -12.37 -1.32
N ILE A 95 8.62 -11.99 -0.12
CA ILE A 95 8.01 -12.52 1.09
C ILE A 95 6.55 -12.09 1.18
N ASP A 96 6.29 -10.82 0.88
CA ASP A 96 4.94 -10.28 0.95
C ASP A 96 4.10 -10.78 -0.20
N LEU A 97 4.72 -10.92 -1.37
CA LEU A 97 4.02 -11.42 -2.55
C LEU A 97 3.60 -12.86 -2.35
N ASN A 98 4.52 -13.68 -1.86
CA ASN A 98 4.20 -15.07 -1.53
C ASN A 98 3.12 -15.13 -0.46
N LYS A 99 3.17 -14.20 0.49
CA LYS A 99 2.14 -14.11 1.54
C LYS A 99 0.76 -13.90 0.92
N VAL A 100 0.68 -12.99 -0.05
CA VAL A 100 -0.57 -12.72 -0.74
C VAL A 100 -1.09 -13.98 -1.44
N ILE A 101 -0.16 -14.77 -1.97
CA ILE A 101 -0.51 -16.02 -2.63
C ILE A 101 -1.13 -17.01 -1.63
N LEU A 102 -0.74 -16.89 -0.37
CA LEU A 102 -1.26 -17.77 0.67
C LEU A 102 -2.63 -17.29 1.13
N LEU A 103 -2.79 -15.97 1.20
CA LEU A 103 -4.06 -15.38 1.63
C LEU A 103 -5.10 -15.43 0.53
N ASP A 104 -4.70 -15.07 -0.68
CA ASP A 104 -5.61 -15.07 -1.81
C ASP A 104 -4.88 -15.49 -3.07
N PRO A 105 -4.86 -16.79 -3.36
CA PRO A 105 -4.15 -17.36 -4.51
C PRO A 105 -4.87 -17.13 -5.84
N SER A 106 -5.93 -16.35 -5.81
CA SER A 106 -6.71 -16.09 -7.01
C SER A 106 -6.32 -14.74 -7.60
N ILE A 107 -5.38 -14.06 -6.96
CA ILE A 107 -4.93 -12.76 -7.43
C ILE A 107 -3.87 -12.93 -8.50
N ILE A 108 -4.28 -12.73 -9.75
CA ILE A 108 -3.38 -12.84 -10.89
C ILE A 108 -2.27 -11.82 -10.79
N GLU A 109 -2.60 -10.66 -10.24
CA GLU A 109 -1.65 -9.57 -10.06
C GLU A 109 -0.43 -10.06 -9.28
N ALA A 110 -0.67 -10.72 -8.17
CA ALA A 110 0.40 -11.20 -7.29
C ALA A 110 1.21 -12.28 -7.98
N LYS A 111 0.54 -13.06 -8.84
CA LYS A 111 1.18 -14.14 -9.56
C LYS A 111 2.15 -13.59 -10.58
N MET A 112 1.83 -12.42 -11.12
CA MET A 112 2.65 -11.79 -12.13
C MET A 112 3.76 -10.97 -11.49
N GLU A 113 3.50 -10.48 -10.29
CA GLU A 113 4.47 -9.65 -9.58
C GLU A 113 5.61 -10.49 -9.01
N LEU A 114 5.28 -11.59 -8.33
CA LEU A 114 6.31 -12.37 -7.65
C LEU A 114 7.26 -13.01 -8.66
N GLU A 115 6.76 -13.32 -9.85
CA GLU A 115 7.61 -13.89 -10.87
C GLU A 115 8.61 -12.84 -11.37
N GLU A 116 8.12 -11.60 -11.48
CA GLU A 116 8.95 -10.50 -11.98
C GLU A 116 10.01 -10.14 -10.96
N VAL A 117 9.59 -10.01 -9.70
CA VAL A 117 10.49 -9.67 -8.62
C VAL A 117 11.58 -10.73 -8.44
N THR A 118 11.28 -11.95 -8.87
CA THR A 118 12.26 -13.01 -8.85
C THR A 118 13.42 -12.70 -9.81
N ARG A 119 13.11 -12.08 -10.94
CA ARG A 119 14.15 -11.73 -11.91
C ARG A 119 14.93 -10.55 -11.38
N LEU A 120 14.21 -9.61 -10.79
CA LEU A 120 14.80 -8.41 -10.20
C LEU A 120 15.80 -8.79 -9.11
N LEU A 121 15.42 -9.75 -8.29
CA LEU A 121 16.28 -10.25 -7.23
C LEU A 121 17.50 -10.96 -7.79
N ASN A 122 17.31 -11.73 -8.86
CA ASN A 122 18.40 -12.46 -9.47
C ASN A 122 19.38 -11.51 -10.16
N LEU A 123 18.85 -10.38 -10.63
CA LEU A 123 19.68 -9.34 -11.22
C LEU A 123 20.31 -8.49 -10.12
N LYS A 124 21.25 -7.63 -10.51
CA LYS A 124 21.97 -6.81 -9.57
C LYS A 124 22.02 -5.35 -10.00
N ASP A 125 21.56 -5.08 -11.21
CA ASP A 125 21.53 -3.73 -11.72
C ASP A 125 20.41 -2.93 -11.07
N GLY A 1 -17.17 27.33 7.54
CA GLY A 1 -16.38 26.42 6.68
C GLY A 1 -16.87 24.99 6.78
N PRO A 2 -16.57 24.16 5.77
CA PRO A 2 -17.03 22.77 5.73
C PRO A 2 -16.15 21.82 6.55
N HIS A 3 -16.69 21.35 7.67
CA HIS A 3 -15.98 20.36 8.48
C HIS A 3 -16.26 18.96 7.94
N MET A 4 -15.20 18.23 7.65
CA MET A 4 -15.34 16.92 7.02
C MET A 4 -15.02 15.82 8.03
N THR A 5 -15.92 14.85 8.12
CA THR A 5 -15.73 13.74 9.05
C THR A 5 -14.82 12.67 8.47
N PHE A 6 -14.51 11.66 9.26
CA PHE A 6 -13.67 10.56 8.81
C PHE A 6 -14.27 9.92 7.56
N LYS A 7 -15.58 9.71 7.59
CA LYS A 7 -16.28 9.09 6.47
C LYS A 7 -16.19 9.95 5.21
N ALA A 8 -16.24 11.26 5.40
CA ALA A 8 -16.16 12.18 4.27
C ALA A 8 -14.76 12.18 3.68
N LEU A 9 -13.77 12.40 4.55
CA LEU A 9 -12.37 12.47 4.13
C LEU A 9 -11.93 11.15 3.48
N LYS A 10 -12.40 10.06 4.03
CA LYS A 10 -12.05 8.73 3.56
C LYS A 10 -12.55 8.50 2.14
N GLU A 11 -13.84 8.78 1.91
CA GLU A 11 -14.44 8.59 0.59
C GLU A 11 -13.89 9.60 -0.41
N GLU A 12 -13.61 10.80 0.05
CA GLU A 12 -12.98 11.82 -0.79
C GLU A 12 -11.56 11.39 -1.15
N GLY A 13 -10.87 10.81 -0.19
CA GLY A 13 -9.53 10.30 -0.44
C GLY A 13 -9.54 9.21 -1.50
N ASN A 14 -10.52 8.32 -1.42
CA ASN A 14 -10.68 7.26 -2.41
C ASN A 14 -10.84 7.87 -3.79
N GLN A 15 -11.65 8.92 -3.87
CA GLN A 15 -11.89 9.63 -5.12
C GLN A 15 -10.62 10.28 -5.63
N CYS A 16 -9.79 10.78 -4.73
CA CYS A 16 -8.51 11.36 -5.12
C CYS A 16 -7.63 10.31 -5.77
N VAL A 17 -7.58 9.12 -5.16
CA VAL A 17 -6.87 7.99 -5.71
C VAL A 17 -7.44 7.62 -7.08
N ASN A 18 -8.76 7.54 -7.12
CA ASN A 18 -9.49 7.19 -8.34
C ASN A 18 -9.34 8.27 -9.41
N ASP A 19 -9.02 9.47 -8.99
CA ASP A 19 -8.85 10.60 -9.91
C ASP A 19 -7.38 10.73 -10.33
N LYS A 20 -6.57 9.79 -9.84
CA LYS A 20 -5.14 9.79 -10.11
C LYS A 20 -4.45 10.99 -9.49
N ASN A 21 -5.05 11.51 -8.43
CA ASN A 21 -4.50 12.63 -7.68
C ASN A 21 -4.03 12.13 -6.33
N TYR A 22 -2.98 11.33 -6.36
CA TYR A 22 -2.51 10.60 -5.19
C TYR A 22 -1.83 11.52 -4.20
N LYS A 23 -1.19 12.56 -4.71
CA LYS A 23 -0.50 13.55 -3.88
C LYS A 23 -1.47 14.26 -2.94
N ASP A 24 -2.72 14.40 -3.39
CA ASP A 24 -3.75 15.04 -2.60
C ASP A 24 -4.42 14.03 -1.68
N ALA A 25 -4.56 12.81 -2.19
CA ALA A 25 -5.12 11.72 -1.41
C ALA A 25 -4.37 11.53 -0.10
N LEU A 26 -3.06 11.74 -0.16
CA LEU A 26 -2.21 11.68 1.03
C LEU A 26 -2.73 12.63 2.10
N SER A 27 -3.10 13.83 1.70
CA SER A 27 -3.60 14.83 2.63
C SER A 27 -4.97 14.44 3.17
N LYS A 28 -5.81 13.95 2.28
CA LYS A 28 -7.16 13.52 2.66
C LYS A 28 -7.08 12.37 3.68
N TYR A 29 -6.25 11.39 3.39
CA TYR A 29 -6.06 10.27 4.28
C TYR A 29 -5.32 10.69 5.55
N SER A 30 -4.48 11.70 5.44
CA SER A 30 -3.76 12.24 6.59
C SER A 30 -4.75 12.77 7.63
N GLU A 31 -5.79 13.42 7.15
CA GLU A 31 -6.83 13.95 8.02
C GLU A 31 -7.63 12.81 8.64
N CYS A 32 -7.75 11.71 7.90
CA CYS A 32 -8.42 10.51 8.40
C CYS A 32 -7.63 9.94 9.58
N LEU A 33 -6.31 9.87 9.42
CA LEU A 33 -5.44 9.33 10.45
C LEU A 33 -5.56 10.12 11.75
N LYS A 34 -5.70 11.43 11.62
CA LYS A 34 -5.80 12.30 12.78
C LYS A 34 -7.04 11.96 13.61
N ILE A 35 -8.05 11.44 12.93
CA ILE A 35 -9.29 11.05 13.57
C ILE A 35 -9.19 9.61 14.07
N ASN A 36 -8.65 8.73 13.24
CA ASN A 36 -8.52 7.33 13.57
C ASN A 36 -7.27 6.73 12.94
N ASN A 37 -6.39 6.17 13.77
CA ASN A 37 -5.15 5.56 13.27
C ASN A 37 -5.26 4.04 13.31
N LYS A 38 -6.47 3.53 13.54
CA LYS A 38 -6.69 2.09 13.64
C LYS A 38 -7.36 1.55 12.38
N GLU A 39 -7.40 2.35 11.33
CA GLU A 39 -7.98 1.92 10.07
C GLU A 39 -6.87 1.63 9.04
N CYS A 40 -6.64 0.34 8.80
CA CYS A 40 -5.60 -0.08 7.86
C CYS A 40 -5.93 0.31 6.42
N ALA A 41 -7.21 0.53 6.13
CA ALA A 41 -7.63 0.92 4.78
C ALA A 41 -7.04 2.27 4.40
N ILE A 42 -6.80 3.11 5.39
CA ILE A 42 -6.21 4.42 5.15
C ILE A 42 -4.74 4.25 4.78
N TYR A 43 -4.00 3.54 5.62
CA TYR A 43 -2.58 3.31 5.41
C TYR A 43 -2.31 2.63 4.07
N THR A 44 -3.07 1.58 3.79
CA THR A 44 -2.90 0.82 2.56
C THR A 44 -3.09 1.70 1.33
N ASN A 45 -4.06 2.61 1.39
CA ASN A 45 -4.35 3.49 0.27
C ASN A 45 -3.33 4.61 0.18
N ARG A 46 -2.83 5.06 1.32
CA ARG A 46 -1.75 6.05 1.32
C ARG A 46 -0.51 5.46 0.68
N ALA A 47 -0.24 4.20 1.01
CA ALA A 47 0.88 3.48 0.43
C ALA A 47 0.76 3.43 -1.09
N LEU A 48 -0.45 3.15 -1.56
CA LEU A 48 -0.72 3.13 -3.00
C LEU A 48 -0.41 4.48 -3.63
N CYS A 49 -0.73 5.55 -2.90
CA CYS A 49 -0.44 6.90 -3.34
C CYS A 49 1.07 7.15 -3.35
N TYR A 50 1.73 6.76 -2.25
CA TYR A 50 3.17 6.93 -2.11
C TYR A 50 3.92 6.24 -3.24
N LEU A 51 3.44 5.06 -3.63
CA LEU A 51 4.04 4.31 -4.73
C LEU A 51 4.09 5.13 -6.01
N LYS A 52 3.08 5.98 -6.19
CA LYS A 52 2.96 6.76 -7.41
C LYS A 52 3.91 7.95 -7.40
N LEU A 53 4.14 8.53 -6.23
CA LEU A 53 5.07 9.65 -6.09
C LEU A 53 6.49 9.16 -5.82
N CYS A 54 6.71 7.85 -6.01
CA CYS A 54 8.02 7.24 -5.87
C CYS A 54 8.52 7.33 -4.42
N GLN A 55 7.58 7.29 -3.48
CA GLN A 55 7.93 7.31 -2.07
C GLN A 55 7.68 5.93 -1.48
N PHE A 56 8.50 4.97 -1.90
CA PHE A 56 8.33 3.57 -1.53
C PHE A 56 8.65 3.35 -0.07
N GLU A 57 9.66 4.04 0.43
CA GLU A 57 10.08 3.90 1.81
C GLU A 57 8.95 4.32 2.75
N GLU A 58 8.27 5.40 2.39
CA GLU A 58 7.11 5.85 3.13
C GLU A 58 5.98 4.84 3.01
N ALA A 59 5.74 4.41 1.77
CA ALA A 59 4.69 3.44 1.46
C ALA A 59 4.86 2.15 2.27
N LYS A 60 6.10 1.70 2.37
CA LYS A 60 6.43 0.49 3.11
C LYS A 60 5.96 0.60 4.56
N GLN A 61 6.24 1.75 5.16
CA GLN A 61 5.91 1.99 6.57
C GLN A 61 4.41 2.06 6.77
N ASP A 62 3.70 2.66 5.81
CA ASP A 62 2.25 2.73 5.88
C ASP A 62 1.64 1.34 5.79
N CYS A 63 2.15 0.52 4.88
CA CYS A 63 1.70 -0.86 4.75
C CYS A 63 1.97 -1.63 6.04
N ASP A 64 3.13 -1.39 6.64
CA ASP A 64 3.48 -2.04 7.89
C ASP A 64 2.50 -1.65 8.99
N GLN A 65 2.27 -0.34 9.13
CA GLN A 65 1.31 0.17 10.11
C GLN A 65 -0.08 -0.41 9.87
N ALA A 66 -0.42 -0.64 8.61
CA ALA A 66 -1.67 -1.27 8.25
C ALA A 66 -1.74 -2.69 8.77
N LEU A 67 -0.61 -3.39 8.72
CA LEU A 67 -0.53 -4.77 9.19
C LEU A 67 -0.56 -4.81 10.71
N GLN A 68 -0.04 -3.75 11.33
CA GLN A 68 -0.06 -3.64 12.78
C GLN A 68 -1.51 -3.56 13.27
N LEU A 69 -2.37 -2.98 12.44
CA LEU A 69 -3.78 -2.87 12.75
C LEU A 69 -4.50 -4.16 12.35
N ALA A 70 -4.27 -4.59 11.13
CA ALA A 70 -4.87 -5.80 10.61
C ALA A 70 -3.78 -6.75 10.12
N ASP A 71 -3.52 -7.78 10.91
CA ASP A 71 -2.50 -8.76 10.58
C ASP A 71 -3.06 -9.78 9.61
N GLY A 72 -2.96 -9.47 8.33
CA GLY A 72 -3.51 -10.33 7.31
C GLY A 72 -4.16 -9.54 6.18
N ASN A 73 -3.87 -8.24 6.13
CA ASN A 73 -4.41 -7.38 5.09
C ASN A 73 -3.61 -7.56 3.81
N VAL A 74 -4.24 -8.20 2.83
CA VAL A 74 -3.60 -8.51 1.56
C VAL A 74 -3.07 -7.26 0.86
N LYS A 75 -3.86 -6.19 0.91
CA LYS A 75 -3.48 -4.94 0.26
C LYS A 75 -2.20 -4.38 0.88
N ALA A 76 -2.04 -4.61 2.19
CA ALA A 76 -0.89 -4.11 2.91
C ALA A 76 0.37 -4.87 2.48
N PHE A 77 0.27 -6.18 2.36
CA PHE A 77 1.39 -7.00 1.94
C PHE A 77 1.77 -6.67 0.50
N TYR A 78 0.78 -6.70 -0.37
CA TYR A 78 0.99 -6.48 -1.80
C TYR A 78 1.63 -5.13 -2.09
N ARG A 79 1.12 -4.08 -1.45
CA ARG A 79 1.60 -2.74 -1.70
C ARG A 79 2.94 -2.48 -1.00
N ARG A 80 3.22 -3.23 0.07
CA ARG A 80 4.52 -3.16 0.72
C ARG A 80 5.56 -3.83 -0.16
N ALA A 81 5.17 -4.93 -0.79
CA ALA A 81 6.01 -5.61 -1.75
C ALA A 81 6.35 -4.69 -2.91
N LEU A 82 5.36 -3.93 -3.37
CA LEU A 82 5.57 -2.96 -4.43
C LEU A 82 6.52 -1.87 -3.97
N ALA A 83 6.42 -1.51 -2.69
CA ALA A 83 7.31 -0.53 -2.09
C ALA A 83 8.73 -1.06 -2.04
N HIS A 84 8.90 -2.25 -1.48
CA HIS A 84 10.21 -2.90 -1.43
C HIS A 84 10.80 -3.06 -2.82
N LYS A 85 9.95 -3.45 -3.75
CA LYS A 85 10.36 -3.64 -5.14
C LYS A 85 10.95 -2.35 -5.72
N GLY A 86 10.34 -1.22 -5.37
CA GLY A 86 10.84 0.06 -5.84
C GLY A 86 12.16 0.44 -5.17
N LEU A 87 12.38 -0.08 -3.97
CA LEU A 87 13.60 0.22 -3.23
C LEU A 87 14.68 -0.81 -3.55
N LYS A 88 14.36 -1.70 -4.49
CA LYS A 88 15.25 -2.79 -4.90
C LYS A 88 15.45 -3.80 -3.77
N ASN A 89 14.44 -3.90 -2.92
CA ASN A 89 14.43 -4.88 -1.85
C ASN A 89 13.58 -6.06 -2.29
N TYR A 90 14.14 -6.86 -3.19
CA TYR A 90 13.36 -7.90 -3.86
C TYR A 90 13.20 -9.11 -2.97
N GLN A 91 14.20 -9.40 -2.16
CA GLN A 91 14.13 -10.52 -1.23
C GLN A 91 13.03 -10.25 -0.20
N LYS A 92 12.88 -8.99 0.15
CA LYS A 92 11.85 -8.55 1.09
C LYS A 92 10.47 -8.59 0.44
N SER A 93 10.39 -8.06 -0.77
CA SER A 93 9.14 -7.98 -1.52
C SER A 93 8.54 -9.36 -1.76
N LEU A 94 9.41 -10.32 -2.09
CA LEU A 94 8.97 -11.69 -2.35
C LEU A 94 8.27 -12.29 -1.14
N ILE A 95 8.67 -11.87 0.05
CA ILE A 95 8.05 -12.37 1.27
C ILE A 95 6.59 -11.93 1.34
N ASP A 96 6.34 -10.68 1.00
CA ASP A 96 4.99 -10.13 1.04
C ASP A 96 4.15 -10.66 -0.12
N LEU A 97 4.79 -10.81 -1.27
CA LEU A 97 4.12 -11.32 -2.46
C LEU A 97 3.66 -12.75 -2.23
N ASN A 98 4.57 -13.57 -1.73
CA ASN A 98 4.24 -14.96 -1.41
C ASN A 98 3.15 -15.04 -0.35
N LYS A 99 3.14 -14.05 0.55
CA LYS A 99 2.10 -14.00 1.58
C LYS A 99 0.74 -13.73 0.94
N VAL A 100 0.70 -12.79 0.01
CA VAL A 100 -0.54 -12.49 -0.72
C VAL A 100 -1.06 -13.74 -1.41
N ILE A 101 -0.16 -14.53 -1.96
CA ILE A 101 -0.51 -15.77 -2.64
C ILE A 101 -1.16 -16.76 -1.66
N LEU A 102 -0.82 -16.64 -0.38
CA LEU A 102 -1.36 -17.53 0.63
C LEU A 102 -2.75 -17.06 1.06
N LEU A 103 -2.89 -15.77 1.25
CA LEU A 103 -4.14 -15.18 1.72
C LEU A 103 -5.17 -15.12 0.60
N ASP A 104 -4.73 -14.72 -0.58
CA ASP A 104 -5.61 -14.63 -1.74
C ASP A 104 -4.85 -14.96 -3.01
N PRO A 105 -4.81 -16.25 -3.39
CA PRO A 105 -4.08 -16.71 -4.55
C PRO A 105 -4.79 -16.39 -5.86
N SER A 106 -5.91 -15.69 -5.77
CA SER A 106 -6.73 -15.42 -6.94
C SER A 106 -6.28 -14.11 -7.59
N ILE A 107 -5.41 -13.40 -6.89
CA ILE A 107 -4.89 -12.14 -7.38
C ILE A 107 -3.84 -12.38 -8.45
N ILE A 108 -4.23 -12.19 -9.70
CA ILE A 108 -3.33 -12.40 -10.82
C ILE A 108 -2.19 -11.41 -10.78
N GLU A 109 -2.47 -10.22 -10.27
CA GLU A 109 -1.46 -9.18 -10.16
C GLU A 109 -0.27 -9.69 -9.34
N ALA A 110 -0.57 -10.34 -8.24
CA ALA A 110 0.45 -10.87 -7.35
C ALA A 110 1.14 -12.08 -7.97
N LYS A 111 0.40 -12.80 -8.81
CA LYS A 111 0.92 -14.00 -9.47
C LYS A 111 1.98 -13.60 -10.50
N MET A 112 1.84 -12.38 -11.00
CA MET A 112 2.80 -11.83 -11.94
C MET A 112 3.96 -11.16 -11.20
N GLU A 113 3.67 -10.57 -10.05
CA GLU A 113 4.68 -9.82 -9.33
C GLU A 113 5.75 -10.74 -8.74
N LEU A 114 5.36 -11.79 -8.05
CA LEU A 114 6.34 -12.66 -7.39
C LEU A 114 7.25 -13.32 -8.42
N GLU A 115 6.72 -13.58 -9.61
CA GLU A 115 7.54 -14.19 -10.65
C GLU A 115 8.51 -13.15 -11.22
N GLU A 116 8.04 -11.91 -11.33
CA GLU A 116 8.84 -10.82 -11.88
C GLU A 116 9.94 -10.42 -10.91
N VAL A 117 9.56 -10.26 -9.64
CA VAL A 117 10.49 -9.85 -8.61
C VAL A 117 11.58 -10.89 -8.41
N THR A 118 11.24 -12.16 -8.63
CA THR A 118 12.21 -13.23 -8.57
C THR A 118 13.25 -13.08 -9.69
N ARG A 119 12.84 -12.51 -10.82
CA ARG A 119 13.74 -12.32 -11.94
C ARG A 119 14.68 -11.19 -11.63
N LEU A 120 14.08 -10.10 -11.13
CA LEU A 120 14.83 -8.93 -10.70
C LEU A 120 15.90 -9.30 -9.69
N LEU A 121 15.49 -10.09 -8.70
CA LEU A 121 16.39 -10.55 -7.65
C LEU A 121 17.52 -11.41 -8.23
N ASN A 122 17.17 -12.27 -9.20
CA ASN A 122 18.14 -13.15 -9.82
C ASN A 122 19.08 -12.40 -10.75
N LEU A 123 18.64 -11.25 -11.24
CA LEU A 123 19.47 -10.40 -12.09
C LEU A 123 20.49 -9.65 -11.24
N LYS A 124 21.30 -8.84 -11.89
CA LYS A 124 22.30 -8.03 -11.19
C LYS A 124 21.79 -6.62 -11.00
N ASP A 125 21.28 -6.05 -12.09
CA ASP A 125 20.70 -4.71 -12.05
C ASP A 125 19.19 -4.78 -12.18
N GLY A 1 -9.56 21.22 6.06
CA GLY A 1 -11.00 21.00 5.85
C GLY A 1 -11.83 21.44 7.04
N PRO A 2 -12.98 22.08 6.81
CA PRO A 2 -13.85 22.58 7.88
C PRO A 2 -14.60 21.46 8.60
N HIS A 3 -13.99 20.92 9.66
CA HIS A 3 -14.61 19.90 10.50
C HIS A 3 -15.02 18.67 9.69
N MET A 4 -14.11 18.21 8.83
CA MET A 4 -14.37 17.04 8.00
C MET A 4 -14.20 15.78 8.82
N THR A 5 -15.20 14.92 8.78
CA THR A 5 -15.19 13.72 9.59
C THR A 5 -14.29 12.66 8.98
N PHE A 6 -13.98 11.62 9.75
CA PHE A 6 -13.15 10.52 9.28
C PHE A 6 -13.71 9.97 7.97
N LYS A 7 -15.02 9.80 7.94
CA LYS A 7 -15.71 9.31 6.75
C LYS A 7 -15.57 10.28 5.59
N ALA A 8 -15.91 11.56 5.82
CA ALA A 8 -15.89 12.55 4.76
C ALA A 8 -14.52 12.64 4.10
N LEU A 9 -13.49 12.60 4.93
CA LEU A 9 -12.11 12.67 4.45
C LEU A 9 -11.77 11.44 3.62
N LYS A 10 -12.14 10.26 4.09
CA LYS A 10 -11.82 9.01 3.39
C LYS A 10 -12.57 8.93 2.06
N GLU A 11 -13.84 9.33 2.07
CA GLU A 11 -14.64 9.28 0.86
C GLU A 11 -14.03 10.19 -0.22
N GLU A 12 -13.74 11.43 0.16
CA GLU A 12 -13.16 12.38 -0.78
C GLU A 12 -11.73 11.97 -1.14
N GLY A 13 -11.08 11.27 -0.23
CA GLY A 13 -9.76 10.72 -0.51
C GLY A 13 -9.79 9.79 -1.70
N ASN A 14 -10.76 8.87 -1.71
CA ASN A 14 -10.93 7.94 -2.82
C ASN A 14 -11.24 8.68 -4.11
N GLN A 15 -11.95 9.80 -3.99
CA GLN A 15 -12.23 10.66 -5.13
C GLN A 15 -10.94 11.22 -5.69
N CYS A 16 -10.07 11.68 -4.81
CA CYS A 16 -8.75 12.16 -5.20
C CYS A 16 -7.96 11.03 -5.86
N VAL A 17 -8.07 9.82 -5.31
CA VAL A 17 -7.44 8.64 -5.88
C VAL A 17 -7.98 8.33 -7.27
N ASN A 18 -9.29 8.48 -7.44
CA ASN A 18 -9.93 8.25 -8.73
C ASN A 18 -9.56 9.33 -9.74
N ASP A 19 -9.36 10.54 -9.25
CA ASP A 19 -8.89 11.66 -10.08
C ASP A 19 -7.40 11.51 -10.37
N LYS A 20 -6.79 10.51 -9.72
CA LYS A 20 -5.36 10.24 -9.83
C LYS A 20 -4.55 11.39 -9.25
N ASN A 21 -5.13 12.05 -8.27
CA ASN A 21 -4.46 13.10 -7.52
C ASN A 21 -3.99 12.53 -6.20
N TYR A 22 -3.08 11.57 -6.29
CA TYR A 22 -2.66 10.78 -5.14
C TYR A 22 -1.88 11.61 -4.14
N LYS A 23 -1.14 12.60 -4.66
CA LYS A 23 -0.36 13.50 -3.82
C LYS A 23 -1.25 14.28 -2.87
N ASP A 24 -2.49 14.51 -3.28
CA ASP A 24 -3.45 15.22 -2.43
C ASP A 24 -4.18 14.23 -1.56
N ALA A 25 -4.48 13.05 -2.10
CA ALA A 25 -5.11 11.98 -1.34
C ALA A 25 -4.30 11.67 -0.08
N LEU A 26 -2.98 11.81 -0.20
CA LEU A 26 -2.08 11.66 0.94
C LEU A 26 -2.52 12.55 2.10
N SER A 27 -2.73 13.82 1.82
CA SER A 27 -3.12 14.77 2.86
C SER A 27 -4.51 14.41 3.41
N LYS A 28 -5.41 14.00 2.52
CA LYS A 28 -6.77 13.66 2.90
C LYS A 28 -6.80 12.49 3.88
N TYR A 29 -6.00 11.47 3.60
CA TYR A 29 -5.94 10.31 4.47
C TYR A 29 -5.16 10.60 5.75
N SER A 30 -4.22 11.53 5.67
CA SER A 30 -3.46 11.93 6.84
C SER A 30 -4.37 12.65 7.84
N GLU A 31 -5.37 13.35 7.31
CA GLU A 31 -6.38 14.00 8.14
C GLU A 31 -7.20 12.96 8.88
N CYS A 32 -7.41 11.81 8.24
CA CYS A 32 -8.11 10.70 8.84
C CYS A 32 -7.30 10.11 10.00
N LEU A 33 -5.99 10.03 9.80
CA LEU A 33 -5.09 9.47 10.80
C LEU A 33 -5.09 10.31 12.08
N LYS A 34 -5.43 11.58 11.93
CA LYS A 34 -5.53 12.47 13.08
C LYS A 34 -6.74 12.10 13.94
N ILE A 35 -7.71 11.44 13.31
CA ILE A 35 -8.92 11.01 14.00
C ILE A 35 -8.80 9.56 14.45
N ASN A 36 -8.33 8.71 13.54
CA ASN A 36 -8.25 7.28 13.80
C ASN A 36 -7.07 6.66 13.05
N ASN A 37 -6.24 5.92 13.77
CA ASN A 37 -5.09 5.25 13.18
C ASN A 37 -5.27 3.74 13.23
N LYS A 38 -6.47 3.30 13.56
CA LYS A 38 -6.74 1.87 13.68
C LYS A 38 -7.47 1.35 12.45
N GLU A 39 -7.56 2.17 11.42
CA GLU A 39 -8.21 1.78 10.18
C GLU A 39 -7.18 1.49 9.10
N CYS A 40 -7.01 0.20 8.78
CA CYS A 40 -6.03 -0.21 7.79
C CYS A 40 -6.41 0.25 6.38
N ALA A 41 -7.69 0.51 6.16
CA ALA A 41 -8.17 0.97 4.85
C ALA A 41 -7.53 2.31 4.49
N ILE A 42 -7.31 3.15 5.49
CA ILE A 42 -6.65 4.42 5.30
C ILE A 42 -5.20 4.19 4.87
N TYR A 43 -4.52 3.30 5.58
CA TYR A 43 -3.11 3.04 5.35
C TYR A 43 -2.86 2.42 3.98
N THR A 44 -3.71 1.46 3.59
CA THR A 44 -3.57 0.84 2.28
C THR A 44 -3.73 1.87 1.17
N ASN A 45 -4.68 2.78 1.36
CA ASN A 45 -4.90 3.87 0.42
C ASN A 45 -3.71 4.82 0.39
N ARG A 46 -3.18 5.15 1.56
CA ARG A 46 -1.99 5.99 1.66
C ARG A 46 -0.84 5.37 0.88
N ALA A 47 -0.59 4.09 1.13
CA ALA A 47 0.48 3.36 0.46
C ALA A 47 0.31 3.36 -1.04
N LEU A 48 -0.93 3.13 -1.50
CA LEU A 48 -1.24 3.11 -2.92
C LEU A 48 -0.86 4.45 -3.55
N CYS A 49 -1.20 5.54 -2.85
CA CYS A 49 -0.91 6.87 -3.32
C CYS A 49 0.60 7.11 -3.36
N TYR A 50 1.30 6.69 -2.32
CA TYR A 50 2.75 6.85 -2.24
C TYR A 50 3.46 6.16 -3.40
N LEU A 51 2.95 5.01 -3.81
CA LEU A 51 3.51 4.26 -4.92
C LEU A 51 3.50 5.09 -6.21
N LYS A 52 2.49 5.94 -6.33
CA LYS A 52 2.30 6.72 -7.55
C LYS A 52 3.28 7.89 -7.60
N LEU A 53 3.67 8.40 -6.44
CA LEU A 53 4.66 9.48 -6.37
C LEU A 53 6.06 8.90 -6.19
N CYS A 54 6.20 7.60 -6.46
CA CYS A 54 7.49 6.91 -6.42
C CYS A 54 8.07 6.90 -5.00
N GLN A 55 7.20 7.07 -4.01
CA GLN A 55 7.63 7.09 -2.61
C GLN A 55 7.39 5.73 -1.98
N PHE A 56 8.16 4.75 -2.44
CA PHE A 56 7.98 3.38 -2.00
C PHE A 56 8.37 3.22 -0.54
N GLU A 57 9.39 3.95 -0.13
CA GLU A 57 9.88 3.90 1.24
C GLU A 57 8.79 4.35 2.20
N GLU A 58 7.99 5.32 1.77
CA GLU A 58 6.89 5.81 2.58
C GLU A 58 5.73 4.82 2.56
N ALA A 59 5.46 4.28 1.38
CA ALA A 59 4.38 3.30 1.20
C ALA A 59 4.63 2.05 2.04
N LYS A 60 5.89 1.63 2.09
CA LYS A 60 6.30 0.46 2.87
C LYS A 60 5.85 0.58 4.32
N GLN A 61 6.04 1.77 4.88
CA GLN A 61 5.70 2.03 6.27
C GLN A 61 4.20 1.90 6.52
N ASP A 62 3.40 2.57 5.69
CA ASP A 62 1.96 2.57 5.85
C ASP A 62 1.36 1.18 5.65
N CYS A 63 1.97 0.40 4.75
CA CYS A 63 1.55 -0.98 4.55
C CYS A 63 1.72 -1.79 5.83
N ASP A 64 2.85 -1.60 6.51
CA ASP A 64 3.13 -2.31 7.75
C ASP A 64 2.16 -1.86 8.83
N GLN A 65 1.90 -0.55 8.88
CA GLN A 65 0.95 0.01 9.83
C GLN A 65 -0.43 -0.59 9.62
N ALA A 66 -0.79 -0.84 8.36
CA ALA A 66 -2.05 -1.48 8.02
C ALA A 66 -2.08 -2.91 8.55
N LEU A 67 -0.94 -3.58 8.44
CA LEU A 67 -0.80 -4.95 8.90
C LEU A 67 -0.86 -5.04 10.41
N GLN A 68 -0.37 -4.00 11.08
CA GLN A 68 -0.43 -3.90 12.53
C GLN A 68 -1.88 -3.90 13.01
N LEU A 69 -2.77 -3.40 12.15
CA LEU A 69 -4.18 -3.31 12.48
C LEU A 69 -4.90 -4.57 12.01
N ALA A 70 -4.57 -5.01 10.81
CA ALA A 70 -5.14 -6.23 10.25
C ALA A 70 -4.05 -7.16 9.75
N ASP A 71 -3.77 -8.20 10.53
CA ASP A 71 -2.77 -9.18 10.18
C ASP A 71 -3.34 -10.16 9.16
N GLY A 72 -3.19 -9.83 7.89
CA GLY A 72 -3.72 -10.68 6.84
C GLY A 72 -4.35 -9.86 5.73
N ASN A 73 -4.00 -8.59 5.66
CA ASN A 73 -4.54 -7.70 4.65
C ASN A 73 -3.71 -7.80 3.38
N VAL A 74 -4.29 -8.46 2.38
CA VAL A 74 -3.61 -8.72 1.12
C VAL A 74 -3.13 -7.42 0.47
N LYS A 75 -3.95 -6.38 0.54
CA LYS A 75 -3.64 -5.12 -0.09
C LYS A 75 -2.41 -4.48 0.55
N ALA A 76 -2.25 -4.72 1.84
CA ALA A 76 -1.11 -4.17 2.57
C ALA A 76 0.17 -4.92 2.21
N PHE A 77 0.09 -6.24 2.13
CA PHE A 77 1.25 -7.06 1.78
C PHE A 77 1.68 -6.79 0.34
N TYR A 78 0.71 -6.85 -0.57
CA TYR A 78 0.98 -6.70 -2.00
C TYR A 78 1.65 -5.36 -2.30
N ARG A 79 1.14 -4.30 -1.68
CA ARG A 79 1.64 -2.97 -1.97
C ARG A 79 2.97 -2.71 -1.25
N ARG A 80 3.20 -3.40 -0.13
CA ARG A 80 4.49 -3.32 0.54
C ARG A 80 5.54 -4.02 -0.31
N ALA A 81 5.16 -5.13 -0.91
CA ALA A 81 6.01 -5.85 -1.85
C ALA A 81 6.34 -4.96 -3.05
N LEU A 82 5.34 -4.26 -3.55
CA LEU A 82 5.55 -3.32 -4.65
C LEU A 82 6.51 -2.22 -4.23
N ALA A 83 6.34 -1.74 -3.00
CA ALA A 83 7.21 -0.73 -2.43
C ALA A 83 8.65 -1.24 -2.34
N HIS A 84 8.82 -2.40 -1.72
CA HIS A 84 10.14 -3.01 -1.60
C HIS A 84 10.76 -3.23 -2.96
N LYS A 85 9.98 -3.74 -3.90
CA LYS A 85 10.45 -3.97 -5.26
C LYS A 85 11.00 -2.68 -5.87
N GLY A 86 10.26 -1.60 -5.70
CA GLY A 86 10.68 -0.32 -6.22
C GLY A 86 11.93 0.20 -5.54
N LEU A 87 12.18 -0.25 -4.32
CA LEU A 87 13.37 0.17 -3.57
C LEU A 87 14.51 -0.81 -3.78
N LYS A 88 14.31 -1.76 -4.70
CA LYS A 88 15.29 -2.79 -5.01
C LYS A 88 15.48 -3.73 -3.83
N ASN A 89 14.44 -3.84 -3.01
CA ASN A 89 14.42 -4.78 -1.90
C ASN A 89 13.62 -6.00 -2.31
N TYR A 90 14.26 -6.84 -3.11
CA TYR A 90 13.56 -7.92 -3.77
C TYR A 90 13.37 -9.10 -2.83
N GLN A 91 14.35 -9.34 -1.98
CA GLN A 91 14.26 -10.42 -1.01
C GLN A 91 13.14 -10.12 -0.02
N LYS A 92 12.98 -8.84 0.30
CA LYS A 92 11.94 -8.38 1.19
C LYS A 92 10.57 -8.48 0.53
N SER A 93 10.50 -8.05 -0.72
CA SER A 93 9.25 -8.06 -1.48
C SER A 93 8.71 -9.48 -1.63
N LEU A 94 9.61 -10.42 -1.87
CA LEU A 94 9.21 -11.83 -2.02
C LEU A 94 8.51 -12.35 -0.77
N ILE A 95 8.92 -11.85 0.39
CA ILE A 95 8.32 -12.27 1.66
C ILE A 95 6.84 -11.87 1.69
N ASP A 96 6.52 -10.71 1.12
CA ASP A 96 5.15 -10.22 1.10
C ASP A 96 4.37 -10.82 -0.04
N LEU A 97 5.05 -11.06 -1.16
CA LEU A 97 4.41 -11.63 -2.33
C LEU A 97 3.98 -13.06 -2.06
N ASN A 98 4.90 -13.85 -1.50
CA ASN A 98 4.59 -15.21 -1.11
C ASN A 98 3.48 -15.22 -0.05
N LYS A 99 3.48 -14.18 0.79
CA LYS A 99 2.44 -14.03 1.80
C LYS A 99 1.09 -13.81 1.16
N VAL A 100 1.02 -12.93 0.17
CA VAL A 100 -0.21 -12.66 -0.56
C VAL A 100 -0.78 -13.95 -1.14
N ILE A 101 0.11 -14.80 -1.65
CA ILE A 101 -0.28 -16.07 -2.23
C ILE A 101 -0.93 -16.98 -1.16
N LEU A 102 -0.59 -16.72 0.09
CA LEU A 102 -1.14 -17.50 1.20
C LEU A 102 -2.58 -17.10 1.50
N LEU A 103 -2.83 -15.81 1.72
CA LEU A 103 -4.18 -15.32 1.89
C LEU A 103 -5.04 -15.60 0.67
N ASP A 104 -4.58 -15.08 -0.45
CA ASP A 104 -5.32 -15.20 -1.71
C ASP A 104 -4.42 -15.77 -2.80
N PRO A 105 -4.38 -17.10 -2.95
CA PRO A 105 -3.56 -17.78 -3.94
C PRO A 105 -4.09 -17.65 -5.37
N SER A 106 -5.17 -16.90 -5.54
CA SER A 106 -5.82 -16.82 -6.83
C SER A 106 -5.51 -15.50 -7.53
N ILE A 107 -4.68 -14.68 -6.89
CA ILE A 107 -4.32 -13.40 -7.46
C ILE A 107 -3.20 -13.56 -8.49
N ILE A 108 -3.57 -13.42 -9.75
CA ILE A 108 -2.63 -13.55 -10.86
C ILE A 108 -1.60 -12.44 -10.80
N GLU A 109 -2.03 -11.26 -10.35
CA GLU A 109 -1.13 -10.11 -10.21
C GLU A 109 0.07 -10.47 -9.33
N ALA A 110 -0.22 -11.08 -8.19
CA ALA A 110 0.83 -11.46 -7.24
C ALA A 110 1.69 -12.59 -7.80
N LYS A 111 1.07 -13.42 -8.63
CA LYS A 111 1.77 -14.55 -9.24
C LYS A 111 2.74 -14.04 -10.30
N MET A 112 2.41 -12.90 -10.89
CA MET A 112 3.26 -12.26 -11.88
C MET A 112 4.32 -11.40 -11.19
N GLU A 113 4.06 -11.02 -9.96
CA GLU A 113 4.99 -10.19 -9.21
C GLU A 113 6.11 -11.02 -8.61
N LEU A 114 5.77 -12.10 -7.92
CA LEU A 114 6.80 -12.89 -7.24
C LEU A 114 7.74 -13.55 -8.25
N GLU A 115 7.24 -13.80 -9.46
CA GLU A 115 8.09 -14.34 -10.51
C GLU A 115 9.03 -13.26 -11.03
N GLU A 116 8.52 -12.03 -11.13
CA GLU A 116 9.30 -10.90 -11.63
C GLU A 116 10.37 -10.51 -10.62
N VAL A 117 9.96 -10.37 -9.37
CA VAL A 117 10.86 -9.97 -8.30
C VAL A 117 11.99 -10.98 -8.13
N THR A 118 11.71 -12.25 -8.38
CA THR A 118 12.74 -13.27 -8.35
C THR A 118 13.78 -13.02 -9.43
N ARG A 119 13.33 -12.53 -10.59
CA ARG A 119 14.22 -12.30 -11.71
C ARG A 119 14.97 -11.00 -11.50
N LEU A 120 14.29 -10.02 -10.92
CA LEU A 120 14.89 -8.76 -10.55
C LEU A 120 16.02 -8.99 -9.56
N LEU A 121 15.77 -9.86 -8.61
CA LEU A 121 16.78 -10.26 -7.63
C LEU A 121 17.94 -10.99 -8.31
N ASN A 122 17.64 -11.67 -9.40
CA ASN A 122 18.64 -12.41 -10.15
C ASN A 122 19.39 -11.51 -11.12
N LEU A 123 18.90 -10.29 -11.29
CA LEU A 123 19.55 -9.33 -12.18
C LEU A 123 20.70 -8.62 -11.47
N LYS A 124 21.49 -7.90 -12.24
CA LYS A 124 22.62 -7.16 -11.70
C LYS A 124 22.24 -5.70 -11.44
N ASP A 125 21.36 -5.18 -12.29
CA ASP A 125 20.93 -3.80 -12.17
C ASP A 125 19.47 -3.74 -11.73
N GLY A 1 -12.32 24.93 14.63
CA GLY A 1 -13.28 23.80 14.70
C GLY A 1 -12.79 22.61 13.92
N PRO A 2 -13.45 21.45 14.07
CA PRO A 2 -13.07 20.21 13.39
C PRO A 2 -13.15 20.33 11.86
N HIS A 3 -12.11 19.91 11.18
CA HIS A 3 -12.04 20.02 9.73
C HIS A 3 -12.47 18.72 9.07
N MET A 4 -13.78 18.53 8.93
CA MET A 4 -14.36 17.36 8.25
C MET A 4 -14.16 16.08 9.06
N THR A 5 -15.21 15.28 9.13
CA THR A 5 -15.17 14.06 9.91
C THR A 5 -14.37 12.98 9.21
N PHE A 6 -14.04 11.91 9.92
CA PHE A 6 -13.28 10.81 9.34
C PHE A 6 -13.96 10.30 8.07
N LYS A 7 -15.28 10.22 8.12
CA LYS A 7 -16.07 9.77 6.98
C LYS A 7 -15.82 10.67 5.77
N ALA A 8 -15.96 11.97 5.97
CA ALA A 8 -15.81 12.94 4.88
C ALA A 8 -14.40 12.92 4.33
N LEU A 9 -13.42 12.85 5.22
CA LEU A 9 -12.02 12.83 4.83
C LEU A 9 -11.69 11.58 4.01
N LYS A 10 -12.25 10.45 4.43
CA LYS A 10 -12.07 9.21 3.69
C LYS A 10 -12.65 9.36 2.28
N GLU A 11 -13.84 9.93 2.22
CA GLU A 11 -14.49 10.19 0.93
C GLU A 11 -13.61 11.07 0.06
N GLU A 12 -13.10 12.16 0.64
CA GLU A 12 -12.21 13.06 -0.08
C GLU A 12 -11.01 12.31 -0.63
N GLY A 13 -10.41 11.47 0.21
CA GLY A 13 -9.29 10.66 -0.21
C GLY A 13 -9.63 9.81 -1.42
N ASN A 14 -10.76 9.11 -1.34
CA ASN A 14 -11.21 8.26 -2.44
C ASN A 14 -11.47 9.07 -3.70
N GLN A 15 -12.08 10.23 -3.55
CA GLN A 15 -12.37 11.10 -4.69
C GLN A 15 -11.08 11.55 -5.35
N CYS A 16 -10.03 11.68 -4.56
CA CYS A 16 -8.72 12.03 -5.08
C CYS A 16 -8.10 10.81 -5.77
N VAL A 17 -8.12 9.68 -5.09
CA VAL A 17 -7.57 8.43 -5.63
C VAL A 17 -8.19 8.10 -6.98
N ASN A 18 -9.51 8.25 -7.07
CA ASN A 18 -10.25 7.91 -8.29
C ASN A 18 -10.03 8.96 -9.37
N ASP A 19 -9.46 10.10 -9.01
CA ASP A 19 -9.20 11.16 -9.96
C ASP A 19 -7.72 11.23 -10.28
N LYS A 20 -6.99 10.20 -9.83
CA LYS A 20 -5.54 10.13 -10.00
C LYS A 20 -4.84 11.27 -9.27
N ASN A 21 -5.50 11.80 -8.26
CA ASN A 21 -4.95 12.87 -7.44
C ASN A 21 -4.42 12.28 -6.14
N TYR A 22 -3.51 11.33 -6.30
CA TYR A 22 -2.97 10.56 -5.18
C TYR A 22 -2.13 11.45 -4.27
N LYS A 23 -1.51 12.47 -4.86
CA LYS A 23 -0.69 13.39 -4.10
C LYS A 23 -1.51 14.12 -3.05
N ASP A 24 -2.73 14.49 -3.39
CA ASP A 24 -3.61 15.20 -2.47
C ASP A 24 -4.31 14.20 -1.55
N ALA A 25 -4.56 13.01 -2.07
CA ALA A 25 -5.16 11.93 -1.30
C ALA A 25 -4.32 11.64 -0.06
N LEU A 26 -3.01 11.73 -0.20
CA LEU A 26 -2.09 11.55 0.91
C LEU A 26 -2.45 12.49 2.07
N SER A 27 -2.71 13.74 1.74
CA SER A 27 -3.02 14.75 2.74
C SER A 27 -4.40 14.50 3.36
N LYS A 28 -5.33 14.04 2.52
CA LYS A 28 -6.69 13.75 2.98
C LYS A 28 -6.70 12.56 3.93
N TYR A 29 -5.95 11.51 3.58
CA TYR A 29 -5.85 10.36 4.46
C TYR A 29 -5.01 10.68 5.68
N SER A 30 -4.13 11.67 5.55
CA SER A 30 -3.33 12.14 6.67
C SER A 30 -4.25 12.77 7.72
N GLU A 31 -5.32 13.41 7.27
CA GLU A 31 -6.32 13.97 8.17
C GLU A 31 -7.13 12.86 8.80
N CYS A 32 -7.34 11.78 8.06
CA CYS A 32 -8.02 10.60 8.58
C CYS A 32 -7.25 10.05 9.77
N LEU A 33 -5.92 10.05 9.64
CA LEU A 33 -5.03 9.52 10.67
C LEU A 33 -4.97 10.45 11.88
N LYS A 34 -5.53 11.63 11.75
CA LYS A 34 -5.67 12.53 12.89
C LYS A 34 -6.80 12.04 13.78
N ILE A 35 -7.78 11.40 13.17
CA ILE A 35 -8.96 10.93 13.87
C ILE A 35 -8.86 9.44 14.19
N ASN A 36 -8.58 8.62 13.17
CA ASN A 36 -8.58 7.18 13.34
C ASN A 36 -7.36 6.55 12.68
N ASN A 37 -6.62 5.76 13.44
CA ASN A 37 -5.42 5.10 12.95
C ASN A 37 -5.57 3.58 13.03
N LYS A 38 -6.80 3.13 13.28
CA LYS A 38 -7.07 1.74 13.42
C LYS A 38 -7.54 1.14 12.09
N GLU A 39 -7.79 2.00 11.11
CA GLU A 39 -8.30 1.55 9.83
C GLU A 39 -7.16 1.30 8.85
N CYS A 40 -6.89 0.02 8.59
CA CYS A 40 -5.85 -0.37 7.65
C CYS A 40 -6.20 0.01 6.22
N ALA A 41 -7.48 0.25 5.95
CA ALA A 41 -7.92 0.66 4.62
C ALA A 41 -7.37 2.04 4.28
N ILE A 42 -7.17 2.87 5.30
CA ILE A 42 -6.57 4.18 5.11
C ILE A 42 -5.12 4.03 4.68
N TYR A 43 -4.39 3.22 5.44
CA TYR A 43 -2.97 3.00 5.19
C TYR A 43 -2.73 2.34 3.83
N THR A 44 -3.58 1.38 3.47
CA THR A 44 -3.45 0.71 2.18
C THR A 44 -3.69 1.68 1.03
N ASN A 45 -4.68 2.55 1.19
CA ASN A 45 -4.95 3.61 0.22
C ASN A 45 -3.78 4.59 0.17
N ARG A 46 -3.23 4.90 1.34
CA ARG A 46 -2.05 5.75 1.45
C ARG A 46 -0.89 5.17 0.65
N ALA A 47 -0.61 3.90 0.90
CA ALA A 47 0.46 3.20 0.21
C ALA A 47 0.24 3.20 -1.30
N LEU A 48 -0.99 2.94 -1.71
CA LEU A 48 -1.36 2.97 -3.13
C LEU A 48 -1.03 4.33 -3.73
N CYS A 49 -1.38 5.40 -3.01
CA CYS A 49 -1.10 6.75 -3.46
C CYS A 49 0.41 6.97 -3.56
N TYR A 50 1.14 6.59 -2.52
CA TYR A 50 2.59 6.76 -2.49
C TYR A 50 3.28 6.09 -3.67
N LEU A 51 2.72 4.96 -4.11
CA LEU A 51 3.28 4.22 -5.23
C LEU A 51 3.23 5.05 -6.52
N LYS A 52 2.22 5.90 -6.64
CA LYS A 52 2.07 6.75 -7.82
C LYS A 52 3.05 7.91 -7.79
N LEU A 53 3.43 8.34 -6.59
CA LEU A 53 4.45 9.38 -6.44
C LEU A 53 5.83 8.76 -6.34
N CYS A 54 5.89 7.44 -6.48
CA CYS A 54 7.15 6.68 -6.45
C CYS A 54 7.84 6.82 -5.10
N GLN A 55 7.06 7.10 -4.06
CA GLN A 55 7.60 7.21 -2.72
C GLN A 55 7.45 5.87 -2.00
N PHE A 56 8.21 4.89 -2.48
CA PHE A 56 8.09 3.51 -2.01
C PHE A 56 8.48 3.40 -0.55
N GLU A 57 9.45 4.21 -0.13
CA GLU A 57 9.94 4.19 1.24
C GLU A 57 8.83 4.58 2.20
N GLU A 58 8.01 5.54 1.78
CA GLU A 58 6.88 5.99 2.58
C GLU A 58 5.79 4.93 2.57
N ALA A 59 5.49 4.42 1.38
CA ALA A 59 4.44 3.41 1.20
C ALA A 59 4.72 2.17 2.05
N LYS A 60 5.98 1.77 2.09
CA LYS A 60 6.40 0.61 2.87
C LYS A 60 5.93 0.71 4.32
N GLN A 61 6.10 1.89 4.89
CA GLN A 61 5.78 2.13 6.29
C GLN A 61 4.28 2.07 6.53
N ASP A 62 3.50 2.69 5.65
CA ASP A 62 2.04 2.66 5.76
C ASP A 62 1.52 1.24 5.67
N CYS A 63 2.17 0.41 4.86
CA CYS A 63 1.77 -0.98 4.71
C CYS A 63 1.93 -1.74 6.02
N ASP A 64 3.04 -1.48 6.71
CA ASP A 64 3.30 -2.12 8.00
C ASP A 64 2.22 -1.70 9.00
N GLN A 65 1.86 -0.42 8.94
CA GLN A 65 0.82 0.12 9.80
C GLN A 65 -0.52 -0.55 9.51
N ALA A 66 -0.74 -0.89 8.24
CA ALA A 66 -1.96 -1.58 7.84
C ALA A 66 -1.95 -3.02 8.34
N LEU A 67 -0.77 -3.62 8.37
CA LEU A 67 -0.62 -5.01 8.76
C LEU A 67 -0.70 -5.19 10.27
N GLN A 68 -0.27 -4.18 11.01
CA GLN A 68 -0.35 -4.26 12.47
C GLN A 68 -1.79 -4.27 12.91
N LEU A 69 -2.62 -3.52 12.20
CA LEU A 69 -4.01 -3.39 12.58
C LEU A 69 -4.78 -4.64 12.17
N ALA A 70 -4.47 -5.13 10.97
CA ALA A 70 -5.09 -6.34 10.47
C ALA A 70 -4.01 -7.30 9.96
N ASP A 71 -3.75 -8.33 10.75
CA ASP A 71 -2.71 -9.30 10.42
C ASP A 71 -3.21 -10.28 9.36
N GLY A 72 -3.18 -9.84 8.11
CA GLY A 72 -3.63 -10.67 7.02
C GLY A 72 -4.30 -9.88 5.93
N ASN A 73 -3.94 -8.60 5.81
CA ASN A 73 -4.48 -7.74 4.77
C ASN A 73 -3.68 -7.92 3.49
N VAL A 74 -4.27 -8.63 2.54
CA VAL A 74 -3.62 -8.96 1.28
C VAL A 74 -3.12 -7.71 0.56
N LYS A 75 -3.94 -6.67 0.55
CA LYS A 75 -3.58 -5.43 -0.13
C LYS A 75 -2.38 -4.78 0.53
N ALA A 76 -2.29 -4.90 1.85
CA ALA A 76 -1.19 -4.30 2.60
C ALA A 76 0.12 -4.98 2.23
N PHE A 77 0.09 -6.30 2.09
CA PHE A 77 1.26 -7.05 1.67
C PHE A 77 1.63 -6.66 0.25
N TYR A 78 0.62 -6.63 -0.61
CA TYR A 78 0.81 -6.34 -2.02
C TYR A 78 1.43 -4.97 -2.23
N ARG A 79 0.94 -3.97 -1.49
CA ARG A 79 1.46 -2.61 -1.60
C ARG A 79 2.92 -2.57 -1.16
N ARG A 80 3.23 -3.26 -0.06
CA ARG A 80 4.58 -3.25 0.49
C ARG A 80 5.54 -3.99 -0.43
N ALA A 81 5.07 -5.07 -1.03
CA ALA A 81 5.87 -5.81 -2.00
C ALA A 81 6.26 -4.91 -3.17
N LEU A 82 5.30 -4.11 -3.63
CA LEU A 82 5.56 -3.17 -4.72
C LEU A 82 6.52 -2.08 -4.26
N ALA A 83 6.32 -1.63 -3.03
CA ALA A 83 7.19 -0.61 -2.43
C ALA A 83 8.62 -1.12 -2.35
N HIS A 84 8.80 -2.30 -1.76
CA HIS A 84 10.11 -2.91 -1.65
C HIS A 84 10.72 -3.15 -3.02
N LYS A 85 9.90 -3.59 -3.95
CA LYS A 85 10.33 -3.82 -5.32
C LYS A 85 10.94 -2.56 -5.91
N GLY A 86 10.29 -1.42 -5.65
CA GLY A 86 10.77 -0.16 -6.15
C GLY A 86 12.03 0.31 -5.46
N LEU A 87 12.28 -0.21 -4.26
CA LEU A 87 13.47 0.14 -3.50
C LEU A 87 14.57 -0.88 -3.72
N LYS A 88 14.32 -1.82 -4.63
CA LYS A 88 15.24 -2.93 -4.92
C LYS A 88 15.43 -3.81 -3.69
N ASN A 89 14.40 -3.88 -2.88
CA ASN A 89 14.37 -4.77 -1.73
C ASN A 89 13.52 -5.98 -2.10
N TYR A 90 14.04 -6.75 -3.03
CA TYR A 90 13.28 -7.79 -3.69
C TYR A 90 13.08 -8.98 -2.76
N GLN A 91 14.04 -9.22 -1.89
CA GLN A 91 13.93 -10.28 -0.91
C GLN A 91 12.76 -9.97 0.03
N LYS A 92 12.67 -8.71 0.42
CA LYS A 92 11.60 -8.24 1.28
C LYS A 92 10.24 -8.36 0.57
N SER A 93 10.24 -7.96 -0.70
CA SER A 93 9.04 -8.01 -1.51
C SER A 93 8.51 -9.44 -1.65
N LEU A 94 9.43 -10.37 -1.90
CA LEU A 94 9.06 -11.77 -2.06
C LEU A 94 8.35 -12.31 -0.82
N ILE A 95 8.75 -11.84 0.35
CA ILE A 95 8.14 -12.27 1.59
C ILE A 95 6.66 -11.86 1.63
N ASP A 96 6.37 -10.69 1.08
CA ASP A 96 4.99 -10.20 1.04
C ASP A 96 4.22 -10.83 -0.10
N LEU A 97 4.89 -11.05 -1.22
CA LEU A 97 4.24 -11.64 -2.39
C LEU A 97 3.83 -13.07 -2.12
N ASN A 98 4.74 -13.84 -1.57
CA ASN A 98 4.45 -15.22 -1.20
C ASN A 98 3.34 -15.29 -0.15
N LYS A 99 3.29 -14.28 0.70
CA LYS A 99 2.25 -14.19 1.72
C LYS A 99 0.89 -13.96 1.07
N VAL A 100 0.86 -13.10 0.06
CA VAL A 100 -0.36 -12.87 -0.70
C VAL A 100 -0.83 -14.16 -1.36
N ILE A 101 0.12 -14.97 -1.81
CA ILE A 101 -0.18 -16.26 -2.44
C ILE A 101 -0.79 -17.22 -1.41
N LEU A 102 -0.44 -17.03 -0.15
CA LEU A 102 -0.98 -17.87 0.92
C LEU A 102 -2.43 -17.49 1.20
N LEU A 103 -2.71 -16.21 1.17
CA LEU A 103 -4.03 -15.69 1.46
C LEU A 103 -4.94 -15.85 0.26
N ASP A 104 -4.46 -15.45 -0.91
CA ASP A 104 -5.24 -15.55 -2.12
C ASP A 104 -4.36 -15.93 -3.31
N PRO A 105 -4.26 -17.24 -3.60
CA PRO A 105 -3.43 -17.75 -4.70
C PRO A 105 -4.09 -17.56 -6.07
N SER A 106 -5.18 -16.79 -6.09
CA SER A 106 -5.92 -16.60 -7.32
C SER A 106 -5.45 -15.33 -8.03
N ILE A 107 -4.72 -14.49 -7.31
CA ILE A 107 -4.26 -13.22 -7.83
C ILE A 107 -3.14 -13.42 -8.84
N ILE A 108 -3.49 -13.28 -10.11
CA ILE A 108 -2.52 -13.42 -11.20
C ILE A 108 -1.46 -12.34 -11.09
N GLU A 109 -1.86 -11.17 -10.62
CA GLU A 109 -0.94 -10.05 -10.43
C GLU A 109 0.24 -10.47 -9.55
N ALA A 110 -0.08 -11.15 -8.45
CA ALA A 110 0.94 -11.58 -7.50
C ALA A 110 1.78 -12.71 -8.06
N LYS A 111 1.17 -13.51 -8.94
CA LYS A 111 1.85 -14.64 -9.55
C LYS A 111 2.88 -14.14 -10.55
N MET A 112 2.59 -13.00 -11.14
CA MET A 112 3.48 -12.40 -12.11
C MET A 112 4.55 -11.57 -11.42
N GLU A 113 4.27 -11.14 -10.19
CA GLU A 113 5.21 -10.32 -9.46
C GLU A 113 6.27 -11.17 -8.78
N LEU A 114 5.87 -12.22 -8.06
CA LEU A 114 6.85 -13.01 -7.32
C LEU A 114 7.80 -13.73 -8.27
N GLU A 115 7.36 -13.97 -9.50
CA GLU A 115 8.22 -14.57 -10.51
C GLU A 115 9.24 -13.53 -11.00
N GLU A 116 8.79 -12.30 -11.15
CA GLU A 116 9.63 -11.23 -11.68
C GLU A 116 10.59 -10.75 -10.61
N VAL A 117 10.08 -10.57 -9.40
CA VAL A 117 10.88 -10.09 -8.28
C VAL A 117 12.03 -11.06 -7.96
N THR A 118 11.80 -12.35 -8.17
CA THR A 118 12.86 -13.33 -8.00
C THR A 118 13.97 -13.11 -9.04
N ARG A 119 13.58 -12.68 -10.24
CA ARG A 119 14.53 -12.46 -11.32
C ARG A 119 15.25 -11.14 -11.09
N LEU A 120 14.49 -10.16 -10.63
CA LEU A 120 15.01 -8.86 -10.27
C LEU A 120 16.02 -8.97 -9.14
N LEU A 121 15.72 -9.84 -8.20
CA LEU A 121 16.61 -10.12 -7.08
C LEU A 121 17.92 -10.73 -7.56
N ASN A 122 17.83 -11.55 -8.61
CA ASN A 122 19.00 -12.21 -9.17
C ASN A 122 19.84 -11.24 -10.00
N LEU A 123 19.24 -10.13 -10.40
CA LEU A 123 19.95 -9.12 -11.18
C LEU A 123 21.01 -8.41 -10.35
N LYS A 124 21.95 -7.79 -11.03
CA LYS A 124 23.09 -7.17 -10.38
C LYS A 124 22.89 -5.66 -10.25
N ASP A 125 21.83 -5.17 -10.84
CA ASP A 125 21.46 -3.77 -10.72
C ASP A 125 20.70 -3.54 -9.43
N GLY A 1 -11.75 25.62 6.13
CA GLY A 1 -12.07 24.82 4.93
C GLY A 1 -13.41 24.14 5.05
N PRO A 2 -13.70 23.15 4.17
CA PRO A 2 -14.96 22.41 4.22
C PRO A 2 -15.06 21.50 5.45
N HIS A 3 -16.27 21.29 5.93
CA HIS A 3 -16.50 20.42 7.09
C HIS A 3 -16.41 18.97 6.68
N MET A 4 -15.23 18.39 6.80
CA MET A 4 -15.02 17.01 6.39
C MET A 4 -14.65 16.15 7.57
N THR A 5 -15.43 15.09 7.78
CA THR A 5 -15.17 14.15 8.85
C THR A 5 -14.23 13.04 8.38
N PHE A 6 -13.91 12.12 9.27
CA PHE A 6 -13.09 10.97 8.91
C PHE A 6 -13.72 10.22 7.75
N LYS A 7 -15.04 10.06 7.81
CA LYS A 7 -15.79 9.36 6.79
C LYS A 7 -15.68 10.09 5.44
N ALA A 8 -15.93 11.40 5.47
CA ALA A 8 -15.89 12.21 4.27
C ALA A 8 -14.48 12.22 3.67
N LEU A 9 -13.49 12.42 4.52
CA LEU A 9 -12.10 12.45 4.09
C LEU A 9 -11.68 11.14 3.44
N LYS A 10 -12.18 10.04 3.99
CA LYS A 10 -11.91 8.72 3.44
C LYS A 10 -12.51 8.59 2.04
N GLU A 11 -13.79 8.93 1.94
CA GLU A 11 -14.53 8.82 0.67
C GLU A 11 -13.90 9.71 -0.40
N GLU A 12 -13.72 10.98 -0.06
CA GLU A 12 -13.14 11.93 -0.99
C GLU A 12 -11.70 11.58 -1.32
N GLY A 13 -11.00 11.05 -0.32
CA GLY A 13 -9.64 10.59 -0.53
C GLY A 13 -9.57 9.50 -1.58
N ASN A 14 -10.54 8.59 -1.55
CA ASN A 14 -10.63 7.52 -2.55
C ASN A 14 -10.87 8.11 -3.93
N GLN A 15 -11.63 9.21 -3.97
CA GLN A 15 -11.93 9.89 -5.22
C GLN A 15 -10.65 10.47 -5.81
N CYS A 16 -9.79 11.00 -4.95
CA CYS A 16 -8.49 11.53 -5.38
C CYS A 16 -7.66 10.43 -6.02
N VAL A 17 -7.71 9.24 -5.44
CA VAL A 17 -7.01 8.07 -5.97
C VAL A 17 -7.47 7.76 -7.38
N ASN A 18 -8.79 7.69 -7.56
CA ASN A 18 -9.38 7.41 -8.86
C ASN A 18 -9.06 8.52 -9.85
N ASP A 19 -8.98 9.74 -9.35
CA ASP A 19 -8.67 10.92 -10.17
C ASP A 19 -7.17 10.98 -10.49
N LYS A 20 -6.44 9.99 -9.98
CA LYS A 20 -4.99 9.89 -10.21
C LYS A 20 -4.26 11.04 -9.54
N ASN A 21 -4.91 11.65 -8.57
CA ASN A 21 -4.34 12.76 -7.83
C ASN A 21 -3.90 12.26 -6.46
N TYR A 22 -2.97 11.32 -6.50
CA TYR A 22 -2.51 10.61 -5.32
C TYR A 22 -1.84 11.56 -4.34
N LYS A 23 -1.20 12.59 -4.87
CA LYS A 23 -0.52 13.59 -4.05
C LYS A 23 -1.51 14.33 -3.13
N ASP A 24 -2.75 14.43 -3.58
CA ASP A 24 -3.81 15.06 -2.80
C ASP A 24 -4.42 14.05 -1.85
N ALA A 25 -4.55 12.81 -2.33
CA ALA A 25 -5.07 11.72 -1.54
C ALA A 25 -4.26 11.54 -0.26
N LEU A 26 -2.94 11.67 -0.39
CA LEU A 26 -2.04 11.60 0.77
C LEU A 26 -2.46 12.61 1.83
N SER A 27 -2.72 13.83 1.41
CA SER A 27 -3.09 14.90 2.32
C SER A 27 -4.47 14.63 2.94
N LYS A 28 -5.38 14.12 2.13
CA LYS A 28 -6.73 13.82 2.59
C LYS A 28 -6.71 12.69 3.61
N TYR A 29 -5.96 11.63 3.32
CA TYR A 29 -5.84 10.52 4.24
C TYR A 29 -5.03 10.92 5.48
N SER A 30 -4.16 11.91 5.32
CA SER A 30 -3.37 12.40 6.45
C SER A 30 -4.30 13.04 7.48
N GLU A 31 -5.33 13.72 7.00
CA GLU A 31 -6.33 14.31 7.88
C GLU A 31 -7.09 13.22 8.62
N CYS A 32 -7.35 12.12 7.91
CA CYS A 32 -8.01 10.96 8.50
C CYS A 32 -7.22 10.44 9.69
N LEU A 33 -5.91 10.31 9.51
CA LEU A 33 -5.03 9.76 10.54
C LEU A 33 -5.12 10.58 11.84
N LYS A 34 -5.18 11.89 11.71
CA LYS A 34 -5.22 12.77 12.87
C LYS A 34 -6.50 12.54 13.67
N ILE A 35 -7.50 12.00 13.00
CA ILE A 35 -8.75 11.66 13.64
C ILE A 35 -8.71 10.22 14.15
N ASN A 36 -8.16 9.33 13.34
CA ASN A 36 -8.07 7.91 13.68
C ASN A 36 -6.92 7.23 12.93
N ASN A 37 -5.96 6.68 13.67
CA ASN A 37 -4.84 5.96 13.07
C ASN A 37 -5.06 4.45 13.18
N LYS A 38 -6.25 4.04 13.61
CA LYS A 38 -6.52 2.62 13.81
C LYS A 38 -7.28 2.01 12.63
N GLU A 39 -7.37 2.77 11.54
CA GLU A 39 -8.05 2.30 10.35
C GLU A 39 -7.04 1.91 9.27
N CYS A 40 -6.90 0.62 9.03
CA CYS A 40 -5.96 0.11 8.03
C CYS A 40 -6.32 0.55 6.62
N ALA A 41 -7.60 0.87 6.41
CA ALA A 41 -8.07 1.31 5.10
C ALA A 41 -7.38 2.60 4.67
N ILE A 42 -7.04 3.43 5.64
CA ILE A 42 -6.36 4.69 5.37
C ILE A 42 -4.91 4.41 4.96
N TYR A 43 -4.24 3.56 5.72
CA TYR A 43 -2.84 3.23 5.46
C TYR A 43 -2.67 2.52 4.13
N THR A 44 -3.51 1.52 3.88
CA THR A 44 -3.39 0.72 2.66
C THR A 44 -3.56 1.57 1.41
N ASN A 45 -4.53 2.47 1.42
CA ASN A 45 -4.79 3.32 0.26
C ASN A 45 -3.77 4.45 0.19
N ARG A 46 -3.29 4.88 1.34
CA ARG A 46 -2.27 5.94 1.39
C ARG A 46 -0.95 5.40 0.84
N ALA A 47 -0.63 4.17 1.21
CA ALA A 47 0.55 3.49 0.69
C ALA A 47 0.47 3.35 -0.82
N LEU A 48 -0.73 3.03 -1.31
CA LEU A 48 -0.98 2.91 -2.74
C LEU A 48 -0.66 4.23 -3.45
N CYS A 49 -0.97 5.33 -2.77
CA CYS A 49 -0.70 6.65 -3.30
C CYS A 49 0.80 6.94 -3.28
N TYR A 50 1.46 6.58 -2.18
CA TYR A 50 2.90 6.78 -2.03
C TYR A 50 3.67 6.08 -3.15
N LEU A 51 3.18 4.92 -3.57
CA LEU A 51 3.80 4.17 -4.65
C LEU A 51 3.89 4.99 -5.93
N LYS A 52 2.92 5.87 -6.13
CA LYS A 52 2.85 6.67 -7.34
C LYS A 52 3.80 7.87 -7.26
N LEU A 53 3.94 8.43 -6.07
CA LEU A 53 4.89 9.53 -5.86
C LEU A 53 6.29 8.99 -5.61
N CYS A 54 6.45 7.68 -5.80
CA CYS A 54 7.75 7.02 -5.69
C CYS A 54 8.27 7.02 -4.24
N GLN A 55 7.37 7.23 -3.29
CA GLN A 55 7.73 7.17 -1.88
C GLN A 55 7.49 5.77 -1.34
N PHE A 56 8.24 4.82 -1.87
CA PHE A 56 8.06 3.41 -1.53
C PHE A 56 8.40 3.16 -0.07
N GLU A 57 9.42 3.85 0.41
CA GLU A 57 9.84 3.72 1.80
C GLU A 57 8.69 4.10 2.74
N GLU A 58 7.97 5.14 2.37
CA GLU A 58 6.83 5.59 3.15
C GLU A 58 5.68 4.59 3.03
N ALA A 59 5.44 4.13 1.81
CA ALA A 59 4.40 3.13 1.57
C ALA A 59 4.64 1.85 2.36
N LYS A 60 5.91 1.47 2.44
CA LYS A 60 6.32 0.30 3.21
C LYS A 60 5.86 0.42 4.67
N GLN A 61 6.12 1.58 5.25
CA GLN A 61 5.78 1.85 6.65
C GLN A 61 4.27 1.88 6.85
N ASP A 62 3.56 2.48 5.91
CA ASP A 62 2.11 2.56 5.98
C ASP A 62 1.46 1.19 5.93
N CYS A 63 1.97 0.33 5.05
CA CYS A 63 1.47 -1.03 4.94
C CYS A 63 1.73 -1.81 6.23
N ASP A 64 2.88 -1.55 6.85
CA ASP A 64 3.23 -2.20 8.11
C ASP A 64 2.26 -1.77 9.21
N GLN A 65 1.92 -0.50 9.23
CA GLN A 65 0.92 0.03 10.16
C GLN A 65 -0.43 -0.64 9.95
N ALA A 66 -0.80 -0.79 8.67
CA ALA A 66 -2.04 -1.45 8.31
C ALA A 66 -2.06 -2.90 8.79
N LEU A 67 -0.90 -3.53 8.73
CA LEU A 67 -0.75 -4.92 9.16
C LEU A 67 -0.83 -5.06 10.67
N GLN A 68 -0.45 -4.00 11.37
CA GLN A 68 -0.55 -3.98 12.83
C GLN A 68 -2.01 -3.92 13.24
N LEU A 69 -2.81 -3.22 12.45
CA LEU A 69 -4.24 -3.09 12.71
C LEU A 69 -4.98 -4.33 12.22
N ALA A 70 -4.58 -4.83 11.06
CA ALA A 70 -5.18 -6.04 10.51
C ALA A 70 -4.09 -7.06 10.19
N ASP A 71 -3.98 -8.07 11.05
CA ASP A 71 -2.96 -9.11 10.87
C ASP A 71 -3.43 -10.12 9.83
N GLY A 72 -3.09 -9.84 8.58
CA GLY A 72 -3.47 -10.72 7.48
C GLY A 72 -4.10 -9.97 6.33
N ASN A 73 -3.80 -8.67 6.25
CA ASN A 73 -4.34 -7.83 5.19
C ASN A 73 -3.53 -8.02 3.92
N VAL A 74 -4.12 -8.74 2.97
CA VAL A 74 -3.48 -9.07 1.70
C VAL A 74 -3.02 -7.81 0.96
N LYS A 75 -3.88 -6.80 0.95
CA LYS A 75 -3.58 -5.56 0.26
C LYS A 75 -2.37 -4.88 0.88
N ALA A 76 -2.21 -5.02 2.19
CA ALA A 76 -1.09 -4.41 2.90
C ALA A 76 0.22 -5.11 2.54
N PHE A 77 0.18 -6.44 2.43
CA PHE A 77 1.35 -7.20 2.04
C PHE A 77 1.72 -6.90 0.59
N TYR A 78 0.71 -6.96 -0.27
CA TYR A 78 0.90 -6.76 -1.71
C TYR A 78 1.49 -5.39 -2.00
N ARG A 79 0.93 -4.36 -1.40
CA ARG A 79 1.36 -2.99 -1.66
C ARG A 79 2.71 -2.70 -0.98
N ARG A 80 3.02 -3.42 0.09
CA ARG A 80 4.32 -3.30 0.72
C ARG A 80 5.38 -3.96 -0.16
N ALA A 81 5.03 -5.10 -0.73
CA ALA A 81 5.88 -5.78 -1.70
C ALA A 81 6.19 -4.87 -2.88
N LEU A 82 5.17 -4.13 -3.34
CA LEU A 82 5.34 -3.17 -4.42
C LEU A 82 6.33 -2.09 -4.00
N ALA A 83 6.23 -1.67 -2.74
CA ALA A 83 7.12 -0.68 -2.18
C ALA A 83 8.55 -1.19 -2.14
N HIS A 84 8.74 -2.37 -1.56
CA HIS A 84 10.05 -3.00 -1.48
C HIS A 84 10.66 -3.18 -2.88
N LYS A 85 9.81 -3.54 -3.82
CA LYS A 85 10.21 -3.72 -5.21
C LYS A 85 10.83 -2.43 -5.77
N GLY A 86 10.26 -1.29 -5.38
CA GLY A 86 10.76 -0.01 -5.84
C GLY A 86 11.99 0.43 -5.07
N LEU A 87 12.24 -0.22 -3.94
CA LEU A 87 13.39 0.12 -3.09
C LEU A 87 14.53 -0.87 -3.32
N LYS A 88 14.38 -1.70 -4.35
CA LYS A 88 15.36 -2.74 -4.69
C LYS A 88 15.48 -3.77 -3.56
N ASN A 89 14.40 -3.90 -2.79
CA ASN A 89 14.32 -4.92 -1.75
C ASN A 89 13.48 -6.07 -2.26
N TYR A 90 14.06 -6.82 -3.19
CA TYR A 90 13.32 -7.83 -3.91
C TYR A 90 13.10 -9.06 -3.07
N GLN A 91 14.08 -9.37 -2.22
CA GLN A 91 13.95 -10.50 -1.31
C GLN A 91 12.87 -10.19 -0.28
N LYS A 92 12.84 -8.93 0.16
CA LYS A 92 11.82 -8.46 1.08
C LYS A 92 10.43 -8.54 0.44
N SER A 93 10.34 -8.09 -0.80
CA SER A 93 9.09 -8.07 -1.53
C SER A 93 8.55 -9.48 -1.76
N LEU A 94 9.43 -10.40 -2.10
CA LEU A 94 9.03 -11.78 -2.34
C LEU A 94 8.38 -12.39 -1.12
N ILE A 95 8.86 -12.01 0.07
CA ILE A 95 8.29 -12.50 1.31
C ILE A 95 6.81 -12.10 1.42
N ASP A 96 6.52 -10.86 1.06
CA ASP A 96 5.15 -10.35 1.14
C ASP A 96 4.31 -10.86 -0.02
N LEU A 97 4.92 -11.02 -1.18
CA LEU A 97 4.23 -11.54 -2.35
C LEU A 97 3.82 -12.98 -2.14
N ASN A 98 4.76 -13.79 -1.67
CA ASN A 98 4.46 -15.19 -1.34
C ASN A 98 3.44 -15.27 -0.23
N LYS A 99 3.49 -14.30 0.69
CA LYS A 99 2.51 -14.20 1.76
C LYS A 99 1.12 -14.01 1.19
N VAL A 100 1.01 -13.14 0.20
CA VAL A 100 -0.23 -12.92 -0.52
C VAL A 100 -0.68 -14.20 -1.22
N ILE A 101 0.27 -14.92 -1.80
CA ILE A 101 -0.03 -16.18 -2.47
C ILE A 101 -0.55 -17.23 -1.48
N LEU A 102 -0.12 -17.11 -0.23
CA LEU A 102 -0.59 -17.99 0.84
C LEU A 102 -2.02 -17.63 1.23
N LEU A 103 -2.26 -16.34 1.36
CA LEU A 103 -3.56 -15.85 1.78
C LEU A 103 -4.58 -15.97 0.66
N ASP A 104 -4.18 -15.61 -0.55
CA ASP A 104 -5.06 -15.71 -1.71
C ASP A 104 -4.25 -16.06 -2.96
N PRO A 105 -4.15 -17.35 -3.28
CA PRO A 105 -3.42 -17.83 -4.45
C PRO A 105 -4.19 -17.65 -5.74
N SER A 106 -5.32 -16.95 -5.66
CA SER A 106 -6.17 -16.77 -6.82
C SER A 106 -5.89 -15.42 -7.47
N ILE A 107 -5.00 -14.66 -6.85
CA ILE A 107 -4.63 -13.35 -7.36
C ILE A 107 -3.58 -13.48 -8.45
N ILE A 108 -4.01 -13.27 -9.69
CA ILE A 108 -3.11 -13.35 -10.82
C ILE A 108 -2.12 -12.19 -10.79
N GLU A 109 -2.55 -11.06 -10.25
CA GLU A 109 -1.71 -9.88 -10.13
C GLU A 109 -0.45 -10.21 -9.34
N ALA A 110 -0.63 -10.90 -8.21
CA ALA A 110 0.48 -11.27 -7.35
C ALA A 110 1.36 -12.31 -8.02
N LYS A 111 0.77 -13.09 -8.92
CA LYS A 111 1.49 -14.13 -9.64
C LYS A 111 2.43 -13.50 -10.66
N MET A 112 2.05 -12.33 -11.15
CA MET A 112 2.85 -11.63 -12.14
C MET A 112 3.91 -10.77 -11.45
N GLU A 113 3.64 -10.39 -10.21
CA GLU A 113 4.58 -9.58 -9.45
C GLU A 113 5.75 -10.40 -8.94
N LEU A 114 5.47 -11.53 -8.29
CA LEU A 114 6.53 -12.31 -7.65
C LEU A 114 7.46 -12.93 -8.69
N GLU A 115 6.93 -13.20 -9.90
CA GLU A 115 7.77 -13.70 -10.98
C GLU A 115 8.70 -12.59 -11.45
N GLU A 116 8.20 -11.37 -11.46
CA GLU A 116 8.96 -10.21 -11.90
C GLU A 116 10.03 -9.87 -10.88
N VAL A 117 9.63 -9.82 -9.62
CA VAL A 117 10.56 -9.51 -8.53
C VAL A 117 11.69 -10.53 -8.45
N THR A 118 11.37 -11.78 -8.78
CA THR A 118 12.39 -12.82 -8.83
C THR A 118 13.40 -12.55 -9.95
N ARG A 119 12.95 -11.93 -11.04
CA ARG A 119 13.83 -11.64 -12.15
C ARG A 119 14.72 -10.46 -11.79
N LEU A 120 14.15 -9.54 -11.04
CA LEU A 120 14.86 -8.37 -10.54
C LEU A 120 15.89 -8.78 -9.49
N LEU A 121 15.48 -9.69 -8.61
CA LEU A 121 16.37 -10.22 -7.57
C LEU A 121 17.53 -10.98 -8.18
N ASN A 122 17.30 -11.59 -9.34
CA ASN A 122 18.33 -12.34 -10.03
C ASN A 122 19.26 -11.42 -10.81
N LEU A 123 18.95 -10.14 -10.80
CA LEU A 123 19.81 -9.14 -11.38
C LEU A 123 20.72 -8.56 -10.31
N LYS A 124 21.69 -7.75 -10.71
CA LYS A 124 22.64 -7.20 -9.76
C LYS A 124 22.00 -6.09 -8.93
N ASP A 125 21.63 -5.01 -9.59
CA ASP A 125 21.09 -3.84 -8.92
C ASP A 125 20.06 -3.15 -9.81
N GLY A 1 -21.82 23.29 9.81
CA GLY A 1 -21.25 22.80 11.09
C GLY A 1 -20.10 21.84 10.86
N PRO A 2 -19.74 21.04 11.87
CA PRO A 2 -18.66 20.07 11.76
C PRO A 2 -19.02 18.89 10.86
N HIS A 3 -18.89 19.09 9.56
CA HIS A 3 -19.21 18.05 8.59
C HIS A 3 -17.94 17.37 8.12
N MET A 4 -16.83 18.10 8.16
CA MET A 4 -15.54 17.56 7.75
C MET A 4 -15.04 16.58 8.80
N THR A 5 -15.29 15.29 8.55
CA THR A 5 -14.96 14.25 9.50
C THR A 5 -14.08 13.19 8.86
N PHE A 6 -13.83 12.11 9.60
CA PHE A 6 -13.06 10.98 9.10
C PHE A 6 -13.70 10.45 7.81
N LYS A 7 -15.03 10.38 7.83
CA LYS A 7 -15.78 9.87 6.70
C LYS A 7 -15.66 10.81 5.50
N ALA A 8 -15.71 12.11 5.77
CA ALA A 8 -15.60 13.11 4.71
C ALA A 8 -14.20 13.14 4.11
N LEU A 9 -13.22 12.85 4.94
CA LEU A 9 -11.83 12.79 4.49
C LEU A 9 -11.61 11.56 3.64
N LYS A 10 -12.20 10.45 4.05
CA LYS A 10 -12.07 9.20 3.31
C LYS A 10 -12.72 9.32 1.93
N GLU A 11 -13.94 9.87 1.89
CA GLU A 11 -14.68 10.00 0.64
C GLU A 11 -13.94 10.89 -0.35
N GLU A 12 -13.41 12.01 0.13
CA GLU A 12 -12.67 12.94 -0.72
C GLU A 12 -11.34 12.33 -1.12
N GLY A 13 -10.80 11.49 -0.24
CA GLY A 13 -9.61 10.74 -0.58
C GLY A 13 -9.87 9.80 -1.74
N ASN A 14 -11.02 9.14 -1.72
CA ASN A 14 -11.44 8.27 -2.81
C ASN A 14 -11.56 9.06 -4.10
N GLN A 15 -12.13 10.25 -4.00
CA GLN A 15 -12.29 11.13 -5.15
C GLN A 15 -10.94 11.54 -5.71
N CYS A 16 -9.98 11.81 -4.83
CA CYS A 16 -8.64 12.17 -5.25
C CYS A 16 -7.98 11.01 -5.99
N VAL A 17 -8.10 9.80 -5.44
CA VAL A 17 -7.57 8.60 -6.10
C VAL A 17 -8.26 8.39 -7.44
N ASN A 18 -9.58 8.59 -7.46
CA ASN A 18 -10.37 8.50 -8.68
C ASN A 18 -9.92 9.56 -9.70
N ASP A 19 -9.62 10.75 -9.21
CA ASP A 19 -9.13 11.85 -10.05
C ASP A 19 -7.68 11.60 -10.46
N LYS A 20 -7.08 10.57 -9.86
CA LYS A 20 -5.68 10.21 -10.06
C LYS A 20 -4.75 11.25 -9.44
N ASN A 21 -5.30 12.01 -8.50
CA ASN A 21 -4.53 12.99 -7.75
C ASN A 21 -4.09 12.38 -6.43
N TYR A 22 -3.08 11.53 -6.51
CA TYR A 22 -2.62 10.76 -5.37
C TYR A 22 -1.95 11.64 -4.34
N LYS A 23 -1.42 12.77 -4.79
CA LYS A 23 -0.76 13.72 -3.92
C LYS A 23 -1.69 14.18 -2.81
N ASP A 24 -2.87 14.64 -3.19
CA ASP A 24 -3.80 15.18 -2.23
C ASP A 24 -4.60 14.08 -1.55
N ALA A 25 -4.63 12.91 -2.18
CA ALA A 25 -5.22 11.74 -1.56
C ALA A 25 -4.47 11.43 -0.27
N LEU A 26 -3.15 11.62 -0.32
CA LEU A 26 -2.31 11.45 0.86
C LEU A 26 -2.76 12.37 1.98
N SER A 27 -3.09 13.60 1.63
CA SER A 27 -3.53 14.60 2.59
C SER A 27 -4.84 14.18 3.25
N LYS A 28 -5.81 13.80 2.42
CA LYS A 28 -7.12 13.38 2.90
C LYS A 28 -6.99 12.21 3.87
N TYR A 29 -6.21 11.22 3.47
CA TYR A 29 -6.00 10.04 4.29
C TYR A 29 -5.10 10.35 5.50
N SER A 30 -4.27 11.38 5.37
CA SER A 30 -3.42 11.81 6.47
C SER A 30 -4.27 12.40 7.58
N GLU A 31 -5.23 13.24 7.20
CA GLU A 31 -6.15 13.83 8.16
C GLU A 31 -7.03 12.75 8.78
N CYS A 32 -7.22 11.65 8.06
CA CYS A 32 -7.92 10.50 8.60
C CYS A 32 -7.16 9.90 9.77
N LEU A 33 -5.84 9.79 9.60
CA LEU A 33 -4.99 9.21 10.63
C LEU A 33 -4.99 10.06 11.89
N LYS A 34 -5.21 11.35 11.74
CA LYS A 34 -5.29 12.27 12.87
C LYS A 34 -6.46 11.88 13.77
N ILE A 35 -7.47 11.26 13.17
CA ILE A 35 -8.65 10.86 13.89
C ILE A 35 -8.58 9.38 14.27
N ASN A 36 -8.29 8.54 13.28
CA ASN A 36 -8.31 7.10 13.48
C ASN A 36 -7.13 6.43 12.78
N ASN A 37 -6.24 5.84 13.57
CA ASN A 37 -5.08 5.13 13.03
C ASN A 37 -5.33 3.62 13.08
N LYS A 38 -6.56 3.24 13.35
CA LYS A 38 -6.93 1.84 13.46
C LYS A 38 -7.64 1.35 12.20
N GLU A 39 -7.59 2.18 11.16
CA GLU A 39 -8.19 1.84 9.88
C GLU A 39 -7.09 1.47 8.88
N CYS A 40 -6.82 0.18 8.74
CA CYS A 40 -5.77 -0.29 7.84
C CYS A 40 -6.06 0.09 6.38
N ALA A 41 -7.36 0.25 6.07
CA ALA A 41 -7.77 0.64 4.73
C ALA A 41 -7.14 1.97 4.32
N ILE A 42 -7.04 2.89 5.29
CA ILE A 42 -6.43 4.19 5.03
C ILE A 42 -4.97 4.02 4.63
N TYR A 43 -4.26 3.19 5.38
CA TYR A 43 -2.85 2.93 5.13
C TYR A 43 -2.64 2.26 3.77
N THR A 44 -3.49 1.28 3.46
CA THR A 44 -3.37 0.58 2.19
C THR A 44 -3.68 1.49 1.01
N ASN A 45 -4.50 2.51 1.24
CA ASN A 45 -4.83 3.48 0.20
C ASN A 45 -3.70 4.50 0.05
N ARG A 46 -3.13 4.92 1.17
CA ARG A 46 -1.99 5.84 1.14
C ARG A 46 -0.81 5.20 0.44
N ALA A 47 -0.54 3.94 0.79
CA ALA A 47 0.54 3.19 0.20
C ALA A 47 0.43 3.17 -1.33
N LEU A 48 -0.78 2.97 -1.82
CA LEU A 48 -1.03 2.97 -3.27
C LEU A 48 -0.66 4.33 -3.85
N CYS A 49 -1.11 5.39 -3.19
CA CYS A 49 -0.83 6.75 -3.61
C CYS A 49 0.68 7.03 -3.58
N TYR A 50 1.34 6.51 -2.55
CA TYR A 50 2.79 6.65 -2.42
C TYR A 50 3.51 5.94 -3.55
N LEU A 51 3.03 4.77 -3.93
CA LEU A 51 3.62 4.00 -5.02
C LEU A 51 3.56 4.80 -6.32
N LYS A 52 2.51 5.59 -6.48
CA LYS A 52 2.33 6.41 -7.66
C LYS A 52 3.30 7.58 -7.66
N LEU A 53 3.60 8.09 -6.48
CA LEU A 53 4.49 9.23 -6.33
C LEU A 53 5.91 8.79 -5.95
N CYS A 54 6.26 7.56 -6.36
CA CYS A 54 7.57 6.97 -6.13
C CYS A 54 8.07 7.12 -4.68
N GLN A 55 7.13 7.05 -3.75
CA GLN A 55 7.47 7.12 -2.33
C GLN A 55 7.29 5.75 -1.70
N PHE A 56 8.11 4.81 -2.14
CA PHE A 56 8.00 3.42 -1.71
C PHE A 56 8.35 3.28 -0.24
N GLU A 57 9.34 4.05 0.19
CA GLU A 57 9.76 4.04 1.59
C GLU A 57 8.61 4.49 2.47
N GLU A 58 7.84 5.46 1.99
CA GLU A 58 6.67 5.95 2.70
C GLU A 58 5.58 4.91 2.70
N ALA A 59 5.39 4.26 1.55
CA ALA A 59 4.40 3.21 1.40
C ALA A 59 4.68 2.04 2.33
N LYS A 60 5.94 1.64 2.41
CA LYS A 60 6.37 0.55 3.28
C LYS A 60 5.92 0.79 4.72
N GLN A 61 6.11 2.02 5.18
CA GLN A 61 5.76 2.41 6.54
C GLN A 61 4.27 2.24 6.81
N ASP A 62 3.45 2.68 5.85
CA ASP A 62 2.00 2.60 6.00
C ASP A 62 1.52 1.16 5.96
N CYS A 63 2.13 0.36 5.09
CA CYS A 63 1.76 -1.04 4.94
C CYS A 63 1.97 -1.81 6.25
N ASP A 64 3.07 -1.52 6.94
CA ASP A 64 3.35 -2.20 8.21
C ASP A 64 2.32 -1.80 9.26
N GLN A 65 1.96 -0.52 9.27
CA GLN A 65 0.94 -0.02 10.17
C GLN A 65 -0.40 -0.69 9.90
N ALA A 66 -0.67 -0.91 8.62
CA ALA A 66 -1.89 -1.61 8.22
C ALA A 66 -1.89 -3.04 8.74
N LEU A 67 -0.72 -3.68 8.71
CA LEU A 67 -0.58 -5.05 9.20
C LEU A 67 -0.69 -5.11 10.72
N GLN A 68 -0.25 -4.04 11.38
CA GLN A 68 -0.38 -3.96 12.84
C GLN A 68 -1.85 -3.95 13.25
N LEU A 69 -2.68 -3.42 12.38
CA LEU A 69 -4.12 -3.35 12.64
C LEU A 69 -4.80 -4.62 12.15
N ALA A 70 -4.46 -5.02 10.93
CA ALA A 70 -5.04 -6.21 10.34
C ALA A 70 -3.96 -7.23 10.05
N ASP A 71 -3.90 -8.25 10.89
CA ASP A 71 -2.91 -9.30 10.74
C ASP A 71 -3.34 -10.29 9.67
N GLY A 72 -2.90 -10.03 8.45
CA GLY A 72 -3.23 -10.90 7.34
C GLY A 72 -3.89 -10.14 6.21
N ASN A 73 -3.72 -8.83 6.19
CA ASN A 73 -4.32 -7.99 5.17
C ASN A 73 -3.53 -8.12 3.87
N VAL A 74 -4.11 -8.83 2.91
CA VAL A 74 -3.47 -9.10 1.63
C VAL A 74 -3.06 -7.81 0.92
N LYS A 75 -3.90 -6.79 1.05
CA LYS A 75 -3.64 -5.51 0.41
C LYS A 75 -2.41 -4.85 1.00
N ALA A 76 -2.23 -5.00 2.31
CA ALA A 76 -1.10 -4.41 3.00
C ALA A 76 0.20 -5.06 2.56
N PHE A 77 0.17 -6.39 2.41
CA PHE A 77 1.33 -7.13 1.93
C PHE A 77 1.65 -6.74 0.50
N TYR A 78 0.61 -6.73 -0.33
CA TYR A 78 0.75 -6.43 -1.74
C TYR A 78 1.35 -5.05 -1.95
N ARG A 79 0.89 -4.07 -1.18
CA ARG A 79 1.41 -2.72 -1.27
C ARG A 79 2.87 -2.67 -0.86
N ARG A 80 3.20 -3.35 0.23
CA ARG A 80 4.57 -3.34 0.75
C ARG A 80 5.52 -4.05 -0.21
N ALA A 81 5.05 -5.12 -0.83
CA ALA A 81 5.83 -5.83 -1.84
C ALA A 81 6.18 -4.91 -2.99
N LEU A 82 5.19 -4.13 -3.44
CA LEU A 82 5.41 -3.18 -4.52
C LEU A 82 6.37 -2.08 -4.08
N ALA A 83 6.23 -1.68 -2.82
CA ALA A 83 7.11 -0.67 -2.23
C ALA A 83 8.56 -1.17 -2.21
N HIS A 84 8.75 -2.37 -1.65
CA HIS A 84 10.08 -2.97 -1.59
C HIS A 84 10.64 -3.19 -2.99
N LYS A 85 9.76 -3.55 -3.91
CA LYS A 85 10.14 -3.74 -5.31
C LYS A 85 10.78 -2.47 -5.87
N GLY A 86 10.18 -1.33 -5.56
CA GLY A 86 10.70 -0.06 -6.02
C GLY A 86 11.94 0.36 -5.24
N LEU A 87 12.10 -0.19 -4.05
CA LEU A 87 13.25 0.12 -3.21
C LEU A 87 14.39 -0.87 -3.47
N LYS A 88 14.21 -1.69 -4.52
CA LYS A 88 15.20 -2.70 -4.89
C LYS A 88 15.37 -3.74 -3.78
N ASN A 89 14.36 -3.84 -2.92
CA ASN A 89 14.36 -4.79 -1.82
C ASN A 89 13.56 -6.01 -2.22
N TYR A 90 14.06 -6.74 -3.19
CA TYR A 90 13.31 -7.81 -3.81
C TYR A 90 13.22 -9.01 -2.90
N GLN A 91 14.23 -9.19 -2.06
CA GLN A 91 14.21 -10.25 -1.06
C GLN A 91 13.11 -9.98 -0.03
N LYS A 92 12.88 -8.70 0.21
CA LYS A 92 11.86 -8.28 1.16
C LYS A 92 10.47 -8.36 0.53
N SER A 93 10.39 -7.98 -0.74
CA SER A 93 9.13 -7.99 -1.47
C SER A 93 8.60 -9.42 -1.62
N LEU A 94 9.50 -10.36 -1.91
CA LEU A 94 9.11 -11.75 -2.07
C LEU A 94 8.43 -12.29 -0.82
N ILE A 95 8.84 -11.80 0.34
CA ILE A 95 8.26 -12.21 1.61
C ILE A 95 6.77 -11.87 1.64
N ASP A 96 6.43 -10.70 1.10
CA ASP A 96 5.04 -10.24 1.11
C ASP A 96 4.27 -10.85 -0.06
N LEU A 97 4.95 -11.01 -1.18
CA LEU A 97 4.31 -11.57 -2.37
C LEU A 97 3.90 -13.02 -2.12
N ASN A 98 4.83 -13.80 -1.58
CA ASN A 98 4.53 -15.19 -1.21
C ASN A 98 3.42 -15.23 -0.18
N LYS A 99 3.44 -14.28 0.75
CA LYS A 99 2.42 -14.19 1.77
C LYS A 99 1.05 -13.96 1.14
N VAL A 100 1.01 -13.08 0.16
CA VAL A 100 -0.22 -12.84 -0.60
C VAL A 100 -0.67 -14.10 -1.32
N ILE A 101 0.29 -14.84 -1.86
CA ILE A 101 -0.03 -16.09 -2.56
C ILE A 101 -0.62 -17.11 -1.59
N LEU A 102 -0.12 -17.11 -0.36
CA LEU A 102 -0.60 -18.04 0.67
C LEU A 102 -2.02 -17.67 1.09
N LEU A 103 -2.28 -16.38 1.17
CA LEU A 103 -3.58 -15.88 1.60
C LEU A 103 -4.59 -15.95 0.46
N ASP A 104 -4.17 -15.54 -0.73
CA ASP A 104 -5.06 -15.52 -1.89
C ASP A 104 -4.27 -15.88 -3.15
N PRO A 105 -4.18 -17.17 -3.47
CA PRO A 105 -3.40 -17.66 -4.62
C PRO A 105 -4.10 -17.44 -5.95
N SER A 106 -5.22 -16.74 -5.93
CA SER A 106 -6.00 -16.49 -7.13
C SER A 106 -5.66 -15.12 -7.70
N ILE A 107 -4.82 -14.39 -6.98
CA ILE A 107 -4.39 -13.09 -7.42
C ILE A 107 -3.29 -13.23 -8.46
N ILE A 108 -3.68 -13.20 -9.73
CA ILE A 108 -2.74 -13.36 -10.83
C ILE A 108 -1.73 -12.23 -10.83
N GLU A 109 -2.18 -11.05 -10.44
CA GLU A 109 -1.31 -9.88 -10.35
C GLU A 109 -0.09 -10.18 -9.49
N ALA A 110 -0.32 -10.83 -8.36
CA ALA A 110 0.75 -11.15 -7.43
C ALA A 110 1.58 -12.32 -7.93
N LYS A 111 0.96 -13.19 -8.71
CA LYS A 111 1.64 -14.38 -9.22
C LYS A 111 2.59 -13.99 -10.34
N MET A 112 2.30 -12.88 -10.98
CA MET A 112 3.17 -12.34 -12.00
C MET A 112 4.26 -11.47 -11.39
N GLU A 113 4.02 -11.01 -10.17
CA GLU A 113 4.98 -10.16 -9.49
C GLU A 113 6.11 -10.95 -8.87
N LEU A 114 5.80 -11.98 -8.08
CA LEU A 114 6.84 -12.71 -7.38
C LEU A 114 7.79 -13.40 -8.35
N GLU A 115 7.28 -13.73 -9.54
CA GLU A 115 8.13 -14.36 -10.55
C GLU A 115 9.09 -13.33 -11.14
N GLU A 116 8.63 -12.10 -11.25
CA GLU A 116 9.42 -11.02 -11.80
C GLU A 116 10.41 -10.53 -10.75
N VAL A 117 9.92 -10.36 -9.53
CA VAL A 117 10.75 -9.92 -8.43
C VAL A 117 11.88 -10.92 -8.17
N THR A 118 11.64 -12.19 -8.45
CA THR A 118 12.68 -13.20 -8.38
C THR A 118 13.75 -12.93 -9.45
N ARG A 119 13.33 -12.46 -10.61
CA ARG A 119 14.27 -12.21 -11.71
C ARG A 119 15.02 -10.92 -11.45
N LEU A 120 14.30 -9.95 -10.91
CA LEU A 120 14.88 -8.68 -10.50
C LEU A 120 15.92 -8.90 -9.42
N LEU A 121 15.61 -9.83 -8.52
CA LEU A 121 16.51 -10.20 -7.44
C LEU A 121 17.70 -10.99 -7.98
N ASN A 122 17.47 -11.72 -9.06
CA ASN A 122 18.53 -12.51 -9.69
C ASN A 122 19.45 -11.63 -10.52
N LEU A 123 18.94 -10.46 -10.90
CA LEU A 123 19.76 -9.47 -11.58
C LEU A 123 20.82 -8.94 -10.63
N LYS A 124 21.90 -8.45 -11.20
CA LYS A 124 23.06 -8.04 -10.42
C LYS A 124 22.98 -6.56 -10.06
N ASP A 125 22.26 -5.80 -10.87
CA ASP A 125 22.05 -4.39 -10.60
C ASP A 125 20.71 -4.17 -9.94
N GLY A 1 -20.13 25.37 5.41
CA GLY A 1 -18.73 25.14 5.86
C GLY A 1 -18.38 23.66 5.90
N PRO A 2 -17.27 23.26 5.28
CA PRO A 2 -16.87 21.86 5.21
C PRO A 2 -16.25 21.36 6.52
N HIS A 3 -17.07 20.75 7.36
CA HIS A 3 -16.58 20.14 8.60
C HIS A 3 -15.75 18.91 8.27
N MET A 4 -16.34 18.02 7.47
CA MET A 4 -15.66 16.84 6.95
C MET A 4 -15.20 15.88 8.04
N THR A 5 -15.92 14.78 8.16
CA THR A 5 -15.61 13.76 9.15
C THR A 5 -14.63 12.74 8.60
N PHE A 6 -14.27 11.76 9.42
CA PHE A 6 -13.39 10.68 9.00
C PHE A 6 -13.95 9.97 7.77
N LYS A 7 -15.26 9.77 7.77
CA LYS A 7 -15.93 9.09 6.68
C LYS A 7 -15.82 9.91 5.39
N ALA A 8 -15.99 11.23 5.53
CA ALA A 8 -15.91 12.12 4.38
C ALA A 8 -14.49 12.22 3.87
N LEU A 9 -13.54 12.23 4.79
CA LEU A 9 -12.12 12.30 4.42
C LEU A 9 -11.72 11.04 3.65
N LYS A 10 -12.24 9.89 4.08
CA LYS A 10 -11.96 8.62 3.41
C LYS A 10 -12.49 8.64 1.97
N GLU A 11 -13.74 9.07 1.80
CA GLU A 11 -14.37 9.08 0.48
C GLU A 11 -13.65 10.08 -0.44
N GLU A 12 -13.27 11.22 0.12
CA GLU A 12 -12.53 12.22 -0.63
C GLU A 12 -11.19 11.65 -1.10
N GLY A 13 -10.53 10.94 -0.20
CA GLY A 13 -9.28 10.28 -0.55
C GLY A 13 -9.48 9.28 -1.68
N ASN A 14 -10.55 8.49 -1.59
CA ASN A 14 -10.88 7.53 -2.63
C ASN A 14 -11.06 8.22 -3.97
N GLN A 15 -11.74 9.37 -3.95
CA GLN A 15 -11.97 10.15 -5.16
C GLN A 15 -10.65 10.55 -5.80
N CYS A 16 -9.68 10.93 -4.97
CA CYS A 16 -8.36 11.32 -5.44
C CYS A 16 -7.60 10.12 -5.99
N VAL A 17 -7.77 8.96 -5.34
CA VAL A 17 -7.14 7.73 -5.82
C VAL A 17 -7.71 7.34 -7.19
N ASN A 18 -9.02 7.44 -7.32
CA ASN A 18 -9.68 7.16 -8.58
C ASN A 18 -9.29 8.19 -9.64
N ASP A 19 -9.08 9.43 -9.18
CA ASP A 19 -8.73 10.53 -10.06
C ASP A 19 -7.23 10.50 -10.39
N LYS A 20 -6.52 9.57 -9.74
CA LYS A 20 -5.08 9.40 -9.94
C LYS A 20 -4.31 10.60 -9.43
N ASN A 21 -4.93 11.33 -8.52
CA ASN A 21 -4.31 12.47 -7.87
C ASN A 21 -3.85 12.04 -6.48
N TYR A 22 -2.86 11.16 -6.47
CA TYR A 22 -2.42 10.49 -5.26
C TYR A 22 -1.78 11.47 -4.28
N LYS A 23 -1.13 12.50 -4.81
CA LYS A 23 -0.49 13.50 -3.97
C LYS A 23 -1.52 14.25 -3.11
N ASP A 24 -2.74 14.36 -3.62
CA ASP A 24 -3.81 15.00 -2.87
C ASP A 24 -4.47 13.99 -1.95
N ALA A 25 -4.55 12.74 -2.42
CA ALA A 25 -5.10 11.64 -1.64
C ALA A 25 -4.34 11.48 -0.33
N LEU A 26 -3.03 11.65 -0.39
CA LEU A 26 -2.18 11.61 0.81
C LEU A 26 -2.67 12.61 1.84
N SER A 27 -2.97 13.82 1.38
CA SER A 27 -3.38 14.89 2.26
C SER A 27 -4.75 14.57 2.88
N LYS A 28 -5.64 13.98 2.10
CA LYS A 28 -6.97 13.63 2.56
C LYS A 28 -6.91 12.49 3.56
N TYR A 29 -6.11 11.47 3.26
CA TYR A 29 -5.92 10.34 4.16
C TYR A 29 -5.14 10.76 5.41
N SER A 30 -4.31 11.78 5.27
CA SER A 30 -3.55 12.30 6.39
C SER A 30 -4.49 12.85 7.46
N GLU A 31 -5.57 13.47 7.02
CA GLU A 31 -6.58 14.01 7.92
C GLU A 31 -7.35 12.88 8.61
N CYS A 32 -7.41 11.74 7.95
CA CYS A 32 -8.07 10.56 8.52
C CYS A 32 -7.30 10.08 9.75
N LEU A 33 -5.98 10.07 9.64
CA LEU A 33 -5.10 9.58 10.68
C LEU A 33 -5.07 10.51 11.88
N LYS A 34 -5.66 11.68 11.70
CA LYS A 34 -5.82 12.61 12.80
C LYS A 34 -6.97 12.18 13.70
N ILE A 35 -7.96 11.52 13.09
CA ILE A 35 -9.14 11.07 13.82
C ILE A 35 -9.02 9.62 14.26
N ASN A 36 -8.67 8.75 13.32
CA ASN A 36 -8.62 7.31 13.58
C ASN A 36 -7.39 6.69 12.96
N ASN A 37 -6.67 5.89 13.75
CA ASN A 37 -5.46 5.24 13.28
C ASN A 37 -5.59 3.72 13.34
N LYS A 38 -6.82 3.24 13.49
CA LYS A 38 -7.08 1.80 13.49
C LYS A 38 -7.65 1.36 12.15
N GLU A 39 -7.76 2.31 11.24
CA GLU A 39 -8.27 2.01 9.91
C GLU A 39 -7.12 1.68 8.98
N CYS A 40 -6.81 0.39 8.86
CA CYS A 40 -5.73 -0.07 7.98
C CYS A 40 -6.01 0.28 6.52
N ALA A 41 -7.27 0.50 6.18
CA ALA A 41 -7.64 0.91 4.82
C ALA A 41 -6.95 2.20 4.43
N ILE A 42 -6.88 3.14 5.36
CA ILE A 42 -6.23 4.42 5.12
C ILE A 42 -4.78 4.20 4.73
N TYR A 43 -4.10 3.33 5.47
CA TYR A 43 -2.70 3.02 5.21
C TYR A 43 -2.53 2.30 3.87
N THR A 44 -3.36 1.31 3.62
CA THR A 44 -3.26 0.53 2.38
C THR A 44 -3.50 1.41 1.15
N ASN A 45 -4.37 2.40 1.30
CA ASN A 45 -4.69 3.32 0.22
C ASN A 45 -3.62 4.39 0.11
N ARG A 46 -3.13 4.85 1.26
CA ARG A 46 -2.12 5.88 1.30
C ARG A 46 -0.79 5.34 0.76
N ALA A 47 -0.50 4.08 1.08
CA ALA A 47 0.69 3.41 0.57
C ALA A 47 0.66 3.36 -0.95
N LEU A 48 -0.51 3.08 -1.51
CA LEU A 48 -0.70 3.06 -2.96
C LEU A 48 -0.36 4.43 -3.55
N CYS A 49 -0.76 5.47 -2.85
CA CYS A 49 -0.50 6.83 -3.29
C CYS A 49 1.00 7.13 -3.25
N TYR A 50 1.67 6.58 -2.23
CA TYR A 50 3.12 6.75 -2.11
C TYR A 50 3.86 6.04 -3.23
N LEU A 51 3.32 4.92 -3.68
CA LEU A 51 3.94 4.12 -4.72
C LEU A 51 4.03 4.87 -6.04
N LYS A 52 3.06 5.76 -6.25
CA LYS A 52 3.01 6.53 -7.49
C LYS A 52 3.88 7.77 -7.41
N LEU A 53 4.23 8.18 -6.20
CA LEU A 53 5.07 9.35 -6.00
C LEU A 53 6.49 8.94 -5.68
N CYS A 54 6.86 7.74 -6.11
CA CYS A 54 8.18 7.13 -5.85
C CYS A 54 8.61 7.30 -4.39
N GLN A 55 7.65 7.20 -3.48
CA GLN A 55 7.92 7.29 -2.06
C GLN A 55 7.63 5.95 -1.41
N PHE A 56 8.32 4.94 -1.90
CA PHE A 56 8.11 3.55 -1.48
C PHE A 56 8.53 3.35 -0.04
N GLU A 57 9.58 4.05 0.37
CA GLU A 57 10.09 3.95 1.73
C GLU A 57 9.02 4.40 2.73
N GLU A 58 8.22 5.38 2.31
CA GLU A 58 7.09 5.84 3.12
C GLU A 58 5.97 4.82 3.09
N ALA A 59 5.69 4.30 1.90
CA ALA A 59 4.64 3.31 1.70
C ALA A 59 4.89 2.06 2.54
N LYS A 60 6.15 1.68 2.63
CA LYS A 60 6.57 0.52 3.42
C LYS A 60 6.11 0.66 4.86
N GLN A 61 6.12 1.89 5.36
CA GLN A 61 5.76 2.20 6.74
C GLN A 61 4.25 2.12 6.93
N ASP A 62 3.52 2.65 5.96
CA ASP A 62 2.06 2.60 5.98
C ASP A 62 1.56 1.16 6.01
N CYS A 63 2.15 0.34 5.17
CA CYS A 63 1.79 -1.07 5.10
C CYS A 63 2.08 -1.76 6.43
N ASP A 64 3.13 -1.30 7.11
CA ASP A 64 3.50 -1.83 8.40
C ASP A 64 2.38 -1.60 9.40
N GLN A 65 1.96 -0.34 9.53
CA GLN A 65 0.89 0.04 10.43
C GLN A 65 -0.42 -0.66 10.05
N ALA A 66 -0.64 -0.82 8.75
CA ALA A 66 -1.83 -1.51 8.27
C ALA A 66 -1.86 -2.95 8.78
N LEU A 67 -0.71 -3.60 8.75
CA LEU A 67 -0.59 -4.98 9.20
C LEU A 67 -0.65 -5.07 10.73
N GLN A 68 -0.20 -4.01 11.39
CA GLN A 68 -0.28 -3.94 12.85
C GLN A 68 -1.73 -3.90 13.29
N LEU A 69 -2.58 -3.33 12.45
CA LEU A 69 -4.01 -3.26 12.75
C LEU A 69 -4.70 -4.53 12.29
N ALA A 70 -4.37 -4.97 11.07
CA ALA A 70 -4.94 -6.18 10.51
C ALA A 70 -3.84 -7.10 9.99
N ASP A 71 -3.56 -8.15 10.73
CA ASP A 71 -2.56 -9.13 10.32
C ASP A 71 -3.18 -10.12 9.37
N GLY A 72 -3.10 -9.80 8.09
CA GLY A 72 -3.72 -10.62 7.07
C GLY A 72 -4.32 -9.77 5.98
N ASN A 73 -4.01 -8.49 6.00
CA ASN A 73 -4.51 -7.55 5.01
C ASN A 73 -3.69 -7.70 3.74
N VAL A 74 -4.28 -8.40 2.76
CA VAL A 74 -3.61 -8.68 1.50
C VAL A 74 -3.18 -7.39 0.80
N LYS A 75 -4.04 -6.39 0.86
CA LYS A 75 -3.75 -5.10 0.26
C LYS A 75 -2.50 -4.49 0.88
N ALA A 76 -2.32 -4.69 2.17
CA ALA A 76 -1.17 -4.13 2.88
C ALA A 76 0.12 -4.82 2.44
N PHE A 77 0.07 -6.15 2.33
CA PHE A 77 1.22 -6.91 1.90
C PHE A 77 1.60 -6.53 0.47
N TYR A 78 0.59 -6.44 -0.39
CA TYR A 78 0.79 -6.15 -1.80
C TYR A 78 1.43 -4.77 -1.98
N ARG A 79 0.96 -3.78 -1.21
CA ARG A 79 1.53 -2.44 -1.29
C ARG A 79 2.98 -2.44 -0.81
N ARG A 80 3.25 -3.20 0.25
CA ARG A 80 4.59 -3.30 0.80
C ARG A 80 5.53 -4.00 -0.19
N ALA A 81 5.04 -5.04 -0.84
CA ALA A 81 5.80 -5.74 -1.86
C ALA A 81 6.16 -4.79 -2.99
N LEU A 82 5.21 -3.95 -3.39
CA LEU A 82 5.46 -2.95 -4.42
C LEU A 82 6.44 -1.90 -3.92
N ALA A 83 6.31 -1.55 -2.64
CA ALA A 83 7.20 -0.60 -2.02
C ALA A 83 8.64 -1.10 -2.04
N HIS A 84 8.83 -2.32 -1.53
CA HIS A 84 10.16 -2.93 -1.53
C HIS A 84 10.66 -3.11 -2.95
N LYS A 85 9.75 -3.46 -3.85
CA LYS A 85 10.10 -3.65 -5.26
C LYS A 85 10.71 -2.38 -5.84
N GLY A 86 10.06 -1.25 -5.55
CA GLY A 86 10.55 0.03 -6.03
C GLY A 86 11.85 0.44 -5.34
N LEU A 87 12.10 -0.12 -4.18
CA LEU A 87 13.31 0.16 -3.43
C LEU A 87 14.39 -0.86 -3.77
N LYS A 88 14.07 -1.70 -4.75
CA LYS A 88 14.96 -2.77 -5.22
C LYS A 88 15.27 -3.75 -4.09
N ASN A 89 14.33 -3.89 -3.19
CA ASN A 89 14.40 -4.84 -2.10
C ASN A 89 13.56 -6.05 -2.45
N TYR A 90 14.02 -6.80 -3.43
CA TYR A 90 13.21 -7.86 -4.02
C TYR A 90 13.14 -9.09 -3.12
N GLN A 91 14.17 -9.27 -2.31
CA GLN A 91 14.19 -10.36 -1.34
C GLN A 91 13.10 -10.11 -0.29
N LYS A 92 12.93 -8.85 0.04
CA LYS A 92 11.91 -8.44 1.00
C LYS A 92 10.52 -8.56 0.39
N SER A 93 10.39 -8.04 -0.83
CA SER A 93 9.11 -8.00 -1.53
C SER A 93 8.55 -9.41 -1.75
N LEU A 94 9.41 -10.35 -2.10
CA LEU A 94 9.00 -11.73 -2.33
C LEU A 94 8.34 -12.33 -1.09
N ILE A 95 8.79 -11.91 0.08
CA ILE A 95 8.23 -12.39 1.34
C ILE A 95 6.78 -11.95 1.46
N ASP A 96 6.51 -10.72 1.04
CA ASP A 96 5.15 -10.17 1.13
C ASP A 96 4.29 -10.70 0.01
N LEU A 97 4.89 -10.90 -1.17
CA LEU A 97 4.17 -11.42 -2.33
C LEU A 97 3.71 -12.84 -2.08
N ASN A 98 4.62 -13.68 -1.61
CA ASN A 98 4.28 -15.05 -1.25
C ASN A 98 3.19 -15.09 -0.19
N LYS A 99 3.24 -14.13 0.73
CA LYS A 99 2.22 -14.02 1.76
C LYS A 99 0.86 -13.72 1.13
N VAL A 100 0.84 -12.84 0.16
CA VAL A 100 -0.37 -12.55 -0.60
C VAL A 100 -0.87 -13.80 -1.30
N ILE A 101 0.06 -14.55 -1.89
CA ILE A 101 -0.30 -15.79 -2.59
C ILE A 101 -0.95 -16.80 -1.65
N LEU A 102 -0.57 -16.77 -0.38
CA LEU A 102 -1.13 -17.70 0.60
C LEU A 102 -2.51 -17.25 1.04
N LEU A 103 -2.68 -15.95 1.22
CA LEU A 103 -3.95 -15.39 1.65
C LEU A 103 -4.95 -15.39 0.50
N ASP A 104 -4.48 -15.03 -0.67
CA ASP A 104 -5.34 -14.96 -1.84
C ASP A 104 -4.56 -15.34 -3.10
N PRO A 105 -4.55 -16.65 -3.43
CA PRO A 105 -3.80 -17.15 -4.59
C PRO A 105 -4.51 -16.88 -5.92
N SER A 106 -5.60 -16.12 -5.87
CA SER A 106 -6.36 -15.85 -7.08
C SER A 106 -6.08 -14.44 -7.58
N ILE A 107 -5.15 -13.75 -6.93
CA ILE A 107 -4.74 -12.43 -7.39
C ILE A 107 -3.70 -12.57 -8.48
N ILE A 108 -4.15 -12.43 -9.72
CA ILE A 108 -3.28 -12.57 -10.88
C ILE A 108 -2.16 -11.54 -10.84
N GLU A 109 -2.49 -10.35 -10.37
CA GLU A 109 -1.51 -9.27 -10.26
C GLU A 109 -0.34 -9.70 -9.38
N ALA A 110 -0.64 -10.34 -8.26
CA ALA A 110 0.39 -10.77 -7.33
C ALA A 110 1.20 -11.92 -7.90
N LYS A 111 0.56 -12.74 -8.70
CA LYS A 111 1.21 -13.91 -9.28
C LYS A 111 2.18 -13.49 -10.37
N MET A 112 1.88 -12.37 -11.01
CA MET A 112 2.74 -11.84 -12.04
C MET A 112 3.84 -10.97 -11.45
N GLU A 113 3.63 -10.51 -10.22
CA GLU A 113 4.63 -9.70 -9.53
C GLU A 113 5.78 -10.57 -9.02
N LEU A 114 5.48 -11.59 -8.23
CA LEU A 114 6.54 -12.37 -7.59
C LEU A 114 7.39 -13.11 -8.62
N GLU A 115 6.79 -13.45 -9.76
CA GLU A 115 7.52 -14.11 -10.83
C GLU A 115 8.49 -13.13 -11.49
N GLU A 116 8.14 -11.85 -11.48
CA GLU A 116 9.00 -10.81 -12.02
C GLU A 116 10.04 -10.41 -10.97
N VAL A 117 9.59 -10.24 -9.74
CA VAL A 117 10.45 -9.84 -8.64
C VAL A 117 11.57 -10.86 -8.41
N THR A 118 11.28 -12.12 -8.66
CA THR A 118 12.28 -13.17 -8.57
C THR A 118 13.40 -12.94 -9.59
N ARG A 119 13.04 -12.42 -10.76
CA ARG A 119 14.01 -12.18 -11.82
C ARG A 119 14.79 -10.93 -11.51
N LEU A 120 14.07 -9.93 -11.02
CA LEU A 120 14.66 -8.67 -10.61
C LEU A 120 15.69 -8.89 -9.51
N LEU A 121 15.37 -9.80 -8.62
CA LEU A 121 16.26 -10.18 -7.54
C LEU A 121 17.50 -10.90 -8.07
N ASN A 122 17.32 -11.67 -9.14
CA ASN A 122 18.42 -12.44 -9.72
C ASN A 122 19.27 -11.59 -10.66
N LEU A 123 18.84 -10.35 -10.90
CA LEU A 123 19.58 -9.43 -11.74
C LEU A 123 20.86 -8.98 -11.04
N LYS A 124 21.76 -8.40 -11.83
CA LYS A 124 23.09 -8.05 -11.34
C LYS A 124 23.09 -6.69 -10.69
N ASP A 125 22.18 -5.83 -11.12
CA ASP A 125 22.04 -4.51 -10.53
C ASP A 125 20.72 -4.39 -9.79
N GLY A 1 -24.48 16.29 2.88
CA GLY A 1 -24.13 17.22 3.98
C GLY A 1 -22.69 17.69 3.88
N PRO A 2 -22.47 19.01 3.84
CA PRO A 2 -21.13 19.60 3.69
C PRO A 2 -20.33 19.58 5.00
N HIS A 3 -20.23 18.42 5.63
CA HIS A 3 -19.49 18.29 6.88
C HIS A 3 -18.41 17.23 6.71
N MET A 4 -17.16 17.65 6.78
CA MET A 4 -16.03 16.75 6.57
C MET A 4 -15.80 15.86 7.78
N THR A 5 -15.93 14.56 7.58
CA THR A 5 -15.71 13.58 8.62
C THR A 5 -14.64 12.59 8.20
N PHE A 6 -14.33 11.63 9.06
CA PHE A 6 -13.37 10.59 8.73
C PHE A 6 -13.78 9.85 7.47
N LYS A 7 -15.08 9.57 7.37
CA LYS A 7 -15.61 8.82 6.25
C LYS A 7 -15.54 9.64 4.97
N ALA A 8 -15.85 10.93 5.08
CA ALA A 8 -15.78 11.83 3.93
C ALA A 8 -14.34 11.95 3.43
N LEU A 9 -13.41 12.11 4.37
CA LEU A 9 -11.99 12.19 4.05
C LEU A 9 -11.52 10.93 3.35
N LYS A 10 -11.95 9.78 3.87
CA LYS A 10 -11.60 8.50 3.28
C LYS A 10 -12.11 8.40 1.84
N GLU A 11 -13.39 8.74 1.64
CA GLU A 11 -14.00 8.62 0.32
C GLU A 11 -13.36 9.58 -0.68
N GLU A 12 -13.13 10.82 -0.26
CA GLU A 12 -12.46 11.78 -1.13
C GLU A 12 -11.04 11.33 -1.45
N GLY A 13 -10.42 10.67 -0.48
CA GLY A 13 -9.14 10.06 -0.71
C GLY A 13 -9.23 8.97 -1.76
N ASN A 14 -10.25 8.12 -1.63
CA ASN A 14 -10.51 7.06 -2.61
C ASN A 14 -10.69 7.65 -4.00
N GLN A 15 -11.46 8.74 -4.06
CA GLN A 15 -11.74 9.41 -5.33
C GLN A 15 -10.45 9.93 -5.95
N CYS A 16 -9.57 10.47 -5.12
CA CYS A 16 -8.28 10.95 -5.59
C CYS A 16 -7.44 9.78 -6.09
N VAL A 17 -7.52 8.65 -5.39
CA VAL A 17 -6.83 7.43 -5.82
C VAL A 17 -7.29 7.00 -7.22
N ASN A 18 -8.61 6.90 -7.39
CA ASN A 18 -9.20 6.47 -8.65
C ASN A 18 -8.97 7.51 -9.75
N ASP A 19 -8.67 8.74 -9.35
CA ASP A 19 -8.46 9.83 -10.29
C ASP A 19 -6.98 10.01 -10.58
N LYS A 20 -6.16 9.11 -10.05
CA LYS A 20 -4.70 9.14 -10.25
C LYS A 20 -4.11 10.40 -9.61
N ASN A 21 -4.81 10.95 -8.65
CA ASN A 21 -4.37 12.15 -7.96
C ASN A 21 -4.00 11.81 -6.53
N TYR A 22 -2.98 10.98 -6.40
CA TYR A 22 -2.60 10.40 -5.11
C TYR A 22 -2.02 11.46 -4.18
N LYS A 23 -1.43 12.50 -4.76
CA LYS A 23 -0.85 13.58 -3.97
C LYS A 23 -1.91 14.29 -3.14
N ASP A 24 -3.13 14.34 -3.64
CA ASP A 24 -4.24 14.95 -2.92
C ASP A 24 -4.92 13.95 -2.02
N ALA A 25 -4.81 12.68 -2.38
CA ALA A 25 -5.32 11.59 -1.53
C ALA A 25 -4.58 11.60 -0.20
N LEU A 26 -3.27 11.82 -0.27
CA LEU A 26 -2.43 11.91 0.92
C LEU A 26 -2.96 12.98 1.87
N SER A 27 -3.35 14.11 1.31
CA SER A 27 -3.85 15.22 2.10
C SER A 27 -5.12 14.83 2.85
N LYS A 28 -5.97 14.04 2.20
CA LYS A 28 -7.23 13.62 2.81
C LYS A 28 -7.00 12.50 3.82
N TYR A 29 -6.11 11.58 3.48
CA TYR A 29 -5.79 10.47 4.38
C TYR A 29 -5.02 10.95 5.60
N SER A 30 -4.25 12.02 5.44
CA SER A 30 -3.54 12.62 6.56
C SER A 30 -4.54 13.11 7.61
N GLU A 31 -5.62 13.72 7.14
CA GLU A 31 -6.64 14.24 8.04
C GLU A 31 -7.45 13.10 8.64
N CYS A 32 -7.44 11.96 7.98
CA CYS A 32 -8.06 10.75 8.52
C CYS A 32 -7.34 10.29 9.77
N LEU A 33 -6.02 10.37 9.73
CA LEU A 33 -5.16 9.89 10.81
C LEU A 33 -5.21 10.83 12.00
N LYS A 34 -5.79 12.00 11.79
CA LYS A 34 -6.09 12.90 12.88
C LYS A 34 -7.22 12.32 13.73
N ILE A 35 -8.12 11.61 13.06
CA ILE A 35 -9.31 11.07 13.71
C ILE A 35 -9.10 9.63 14.13
N ASN A 36 -8.68 8.79 13.18
CA ASN A 36 -8.58 7.35 13.41
C ASN A 36 -7.34 6.77 12.75
N ASN A 37 -6.55 6.04 13.53
CA ASN A 37 -5.34 5.41 13.04
C ASN A 37 -5.43 3.90 13.14
N LYS A 38 -6.63 3.41 13.47
CA LYS A 38 -6.89 2.01 13.56
C LYS A 38 -7.37 1.47 12.21
N GLU A 39 -7.69 2.38 11.30
CA GLU A 39 -8.17 2.02 9.98
C GLU A 39 -7.00 1.71 9.05
N CYS A 40 -6.72 0.42 8.88
CA CYS A 40 -5.67 -0.03 7.97
C CYS A 40 -5.96 0.39 6.53
N ALA A 41 -7.23 0.63 6.21
CA ALA A 41 -7.62 1.05 4.87
C ALA A 41 -7.02 2.41 4.51
N ILE A 42 -6.78 3.23 5.52
CA ILE A 42 -6.14 4.52 5.31
C ILE A 42 -4.68 4.31 4.94
N TYR A 43 -4.01 3.48 5.72
CA TYR A 43 -2.60 3.21 5.50
C TYR A 43 -2.35 2.49 4.17
N THR A 44 -3.21 1.53 3.85
CA THR A 44 -3.06 0.79 2.61
C THR A 44 -3.18 1.73 1.41
N ASN A 45 -4.24 2.53 1.37
CA ASN A 45 -4.46 3.43 0.26
C ASN A 45 -3.44 4.57 0.27
N ARG A 46 -2.99 4.96 1.46
CA ARG A 46 -1.98 6.01 1.58
C ARG A 46 -0.65 5.51 1.05
N ALA A 47 -0.33 4.26 1.39
CA ALA A 47 0.88 3.61 0.88
C ALA A 47 0.81 3.49 -0.64
N LEU A 48 -0.37 3.15 -1.14
CA LEU A 48 -0.60 3.07 -2.58
C LEU A 48 -0.31 4.42 -3.24
N CYS A 49 -0.66 5.49 -2.54
CA CYS A 49 -0.39 6.83 -3.02
C CYS A 49 1.11 7.08 -3.07
N TYR A 50 1.81 6.76 -1.98
CA TYR A 50 3.25 6.97 -1.90
C TYR A 50 3.99 6.24 -3.00
N LEU A 51 3.45 5.11 -3.43
CA LEU A 51 4.06 4.32 -4.51
C LEU A 51 4.15 5.12 -5.81
N LYS A 52 3.18 5.99 -6.03
CA LYS A 52 3.12 6.77 -7.26
C LYS A 52 4.02 8.00 -7.18
N LEU A 53 4.25 8.48 -5.96
CA LEU A 53 5.16 9.60 -5.75
C LEU A 53 6.58 9.10 -5.47
N CYS A 54 6.79 7.81 -5.73
CA CYS A 54 8.11 7.18 -5.55
C CYS A 54 8.61 7.28 -4.11
N GLN A 55 7.68 7.33 -3.18
CA GLN A 55 8.02 7.37 -1.76
C GLN A 55 7.79 6.00 -1.14
N PHE A 56 8.52 5.03 -1.65
CA PHE A 56 8.33 3.64 -1.26
C PHE A 56 8.71 3.41 0.19
N GLU A 57 9.71 4.15 0.66
CA GLU A 57 10.19 4.01 2.03
C GLU A 57 9.09 4.39 3.02
N GLU A 58 8.33 5.42 2.70
CA GLU A 58 7.19 5.82 3.52
C GLU A 58 6.06 4.80 3.35
N ALA A 59 5.82 4.41 2.11
CA ALA A 59 4.78 3.41 1.80
C ALA A 59 4.99 2.11 2.56
N LYS A 60 6.26 1.70 2.67
CA LYS A 60 6.63 0.48 3.39
C LYS A 60 6.10 0.54 4.82
N GLN A 61 6.30 1.68 5.46
CA GLN A 61 5.94 1.86 6.85
C GLN A 61 4.42 1.99 7.01
N ASP A 62 3.76 2.54 6.00
CA ASP A 62 2.30 2.63 6.00
C ASP A 62 1.69 1.24 5.97
N CYS A 63 2.21 0.41 5.07
CA CYS A 63 1.76 -0.98 4.98
C CYS A 63 2.04 -1.71 6.29
N ASP A 64 3.16 -1.36 6.90
CA ASP A 64 3.53 -1.92 8.19
C ASP A 64 2.50 -1.54 9.26
N GLN A 65 2.13 -0.27 9.28
CA GLN A 65 1.10 0.22 10.19
C GLN A 65 -0.24 -0.48 9.93
N ALA A 66 -0.54 -0.70 8.66
CA ALA A 66 -1.77 -1.40 8.28
C ALA A 66 -1.75 -2.83 8.81
N LEU A 67 -0.59 -3.47 8.77
CA LEU A 67 -0.42 -4.82 9.27
C LEU A 67 -0.46 -4.86 10.79
N GLN A 68 -0.01 -3.77 11.41
CA GLN A 68 -0.09 -3.63 12.86
C GLN A 68 -1.55 -3.62 13.32
N LEU A 69 -2.42 -3.13 12.46
CA LEU A 69 -3.84 -3.06 12.77
C LEU A 69 -4.53 -4.36 12.35
N ALA A 70 -4.21 -4.83 11.15
CA ALA A 70 -4.77 -6.06 10.63
C ALA A 70 -3.66 -7.01 10.20
N ASP A 71 -3.42 -8.03 11.02
CA ASP A 71 -2.39 -9.02 10.73
C ASP A 71 -2.93 -10.03 9.72
N GLY A 72 -2.73 -9.73 8.45
CA GLY A 72 -3.22 -10.59 7.41
C GLY A 72 -3.89 -9.80 6.31
N ASN A 73 -3.58 -8.51 6.25
CA ASN A 73 -4.16 -7.63 5.25
C ASN A 73 -3.44 -7.82 3.92
N VAL A 74 -4.11 -8.50 3.00
CA VAL A 74 -3.56 -8.81 1.68
C VAL A 74 -3.18 -7.53 0.94
N LYS A 75 -4.02 -6.52 1.07
CA LYS A 75 -3.82 -5.26 0.39
C LYS A 75 -2.54 -4.59 0.89
N ALA A 76 -2.27 -4.77 2.18
CA ALA A 76 -1.09 -4.18 2.80
C ALA A 76 0.18 -4.89 2.35
N PHE A 77 0.15 -6.22 2.31
CA PHE A 77 1.31 -7.00 1.90
C PHE A 77 1.68 -6.66 0.46
N TYR A 78 0.68 -6.65 -0.41
CA TYR A 78 0.90 -6.38 -1.82
C TYR A 78 1.54 -5.00 -2.02
N ARG A 79 1.10 -4.03 -1.23
CA ARG A 79 1.62 -2.67 -1.32
C ARG A 79 3.04 -2.58 -0.77
N ARG A 80 3.30 -3.27 0.33
CA ARG A 80 4.63 -3.28 0.92
C ARG A 80 5.60 -3.96 -0.04
N ALA A 81 5.11 -4.98 -0.73
CA ALA A 81 5.88 -5.64 -1.78
C ALA A 81 6.26 -4.65 -2.87
N LEU A 82 5.29 -3.85 -3.30
CA LEU A 82 5.55 -2.83 -4.31
C LEU A 82 6.53 -1.79 -3.80
N ALA A 83 6.40 -1.45 -2.52
CA ALA A 83 7.30 -0.51 -1.88
C ALA A 83 8.73 -1.03 -1.89
N HIS A 84 8.91 -2.26 -1.43
CA HIS A 84 10.22 -2.89 -1.42
C HIS A 84 10.74 -3.06 -2.85
N LYS A 85 9.84 -3.38 -3.76
CA LYS A 85 10.20 -3.55 -5.16
C LYS A 85 10.83 -2.26 -5.71
N GLY A 86 10.25 -1.12 -5.31
CA GLY A 86 10.76 0.16 -5.73
C GLY A 86 12.06 0.51 -5.04
N LEU A 87 12.27 -0.03 -3.85
CA LEU A 87 13.48 0.21 -3.08
C LEU A 87 14.55 -0.82 -3.43
N LYS A 88 14.31 -1.61 -4.47
CA LYS A 88 15.23 -2.65 -4.92
C LYS A 88 15.43 -3.69 -3.82
N ASN A 89 14.40 -3.87 -3.01
CA ASN A 89 14.40 -4.87 -1.95
C ASN A 89 13.50 -6.02 -2.37
N TYR A 90 13.93 -6.72 -3.38
CA TYR A 90 13.12 -7.74 -4.01
C TYR A 90 13.01 -8.97 -3.11
N GLN A 91 14.04 -9.19 -2.32
CA GLN A 91 14.05 -10.27 -1.34
C GLN A 91 12.95 -10.04 -0.32
N LYS A 92 12.75 -8.78 0.01
CA LYS A 92 11.74 -8.37 0.98
C LYS A 92 10.35 -8.40 0.36
N SER A 93 10.28 -7.96 -0.89
CA SER A 93 9.02 -7.90 -1.62
C SER A 93 8.43 -9.28 -1.84
N LEU A 94 9.29 -10.24 -2.18
CA LEU A 94 8.85 -11.60 -2.40
C LEU A 94 8.18 -12.19 -1.17
N ILE A 95 8.67 -11.81 0.00
CA ILE A 95 8.12 -12.29 1.26
C ILE A 95 6.66 -11.87 1.39
N ASP A 96 6.34 -10.67 0.90
CA ASP A 96 4.98 -10.15 0.96
C ASP A 96 4.14 -10.70 -0.18
N LEU A 97 4.76 -10.86 -1.34
CA LEU A 97 4.06 -11.36 -2.52
C LEU A 97 3.66 -12.81 -2.31
N ASN A 98 4.61 -13.62 -1.86
CA ASN A 98 4.35 -15.03 -1.59
C ASN A 98 3.34 -15.18 -0.46
N LYS A 99 3.27 -14.16 0.40
CA LYS A 99 2.28 -14.14 1.46
C LYS A 99 0.89 -13.94 0.88
N VAL A 100 0.76 -12.97 -0.01
CA VAL A 100 -0.50 -12.70 -0.70
C VAL A 100 -0.99 -13.95 -1.42
N ILE A 101 -0.04 -14.70 -1.97
CA ILE A 101 -0.35 -15.94 -2.68
C ILE A 101 -1.03 -16.97 -1.77
N LEU A 102 -0.73 -16.91 -0.47
CA LEU A 102 -1.33 -17.85 0.47
C LEU A 102 -2.69 -17.35 0.93
N LEU A 103 -2.76 -16.06 1.20
CA LEU A 103 -3.98 -15.45 1.70
C LEU A 103 -5.06 -15.44 0.62
N ASP A 104 -4.64 -15.21 -0.62
CA ASP A 104 -5.57 -15.24 -1.74
C ASP A 104 -4.84 -15.65 -3.02
N PRO A 105 -4.85 -16.95 -3.34
CA PRO A 105 -4.14 -17.50 -4.50
C PRO A 105 -4.84 -17.21 -5.83
N SER A 106 -5.95 -16.47 -5.77
CA SER A 106 -6.71 -16.17 -6.97
C SER A 106 -6.44 -14.75 -7.45
N ILE A 107 -5.45 -14.12 -6.85
CA ILE A 107 -5.05 -12.79 -7.26
C ILE A 107 -4.02 -12.88 -8.38
N ILE A 108 -4.46 -12.60 -9.61
CA ILE A 108 -3.64 -12.77 -10.78
C ILE A 108 -2.51 -11.74 -10.82
N GLU A 109 -2.82 -10.51 -10.40
CA GLU A 109 -1.84 -9.43 -10.38
C GLU A 109 -0.67 -9.79 -9.46
N ALA A 110 -0.96 -10.49 -8.38
CA ALA A 110 0.07 -10.94 -7.45
C ALA A 110 0.93 -12.02 -8.08
N LYS A 111 0.33 -12.79 -8.98
CA LYS A 111 1.03 -13.87 -9.65
C LYS A 111 2.00 -13.31 -10.68
N MET A 112 1.67 -12.13 -11.18
CA MET A 112 2.49 -11.48 -12.19
C MET A 112 3.59 -10.66 -11.53
N GLU A 113 3.42 -10.33 -10.26
CA GLU A 113 4.43 -9.57 -9.54
C GLU A 113 5.54 -10.47 -9.03
N LEU A 114 5.20 -11.54 -8.31
CA LEU A 114 6.23 -12.38 -7.70
C LEU A 114 7.06 -13.10 -8.77
N GLU A 115 6.45 -13.33 -9.93
CA GLU A 115 7.16 -13.99 -11.03
C GLU A 115 8.15 -13.01 -11.65
N GLU A 116 7.85 -11.72 -11.51
CA GLU A 116 8.69 -10.67 -12.05
C GLU A 116 9.77 -10.29 -11.03
N VAL A 117 9.34 -10.11 -9.79
CA VAL A 117 10.23 -9.70 -8.71
C VAL A 117 11.32 -10.73 -8.45
N THR A 118 10.98 -12.01 -8.58
CA THR A 118 11.98 -13.06 -8.42
C THR A 118 13.07 -12.94 -9.49
N ARG A 119 12.69 -12.46 -10.67
CA ARG A 119 13.62 -12.31 -11.76
C ARG A 119 14.41 -11.03 -11.58
N LEU A 120 13.72 -9.99 -11.13
CA LEU A 120 14.34 -8.72 -10.77
C LEU A 120 15.41 -8.93 -9.71
N LEU A 121 15.09 -9.78 -8.74
CA LEU A 121 16.03 -10.16 -7.69
C LEU A 121 17.23 -10.89 -8.28
N ASN A 122 16.98 -11.70 -9.30
CA ASN A 122 18.04 -12.49 -9.93
C ASN A 122 18.84 -11.67 -10.94
N LEU A 123 18.41 -10.43 -11.17
CA LEU A 123 19.12 -9.55 -12.09
C LEU A 123 20.34 -8.94 -11.43
N LYS A 124 21.01 -8.05 -12.14
CA LYS A 124 22.23 -7.43 -11.62
C LYS A 124 21.89 -6.39 -10.55
N ASP A 125 21.09 -5.40 -10.94
CA ASP A 125 20.68 -4.36 -10.01
C ASP A 125 19.20 -4.47 -9.71
N GLY A 1 -11.84 18.64 13.31
CA GLY A 1 -12.64 19.73 13.92
C GLY A 1 -13.93 19.97 13.16
N PRO A 2 -14.29 21.24 12.92
CA PRO A 2 -15.53 21.60 12.23
C PRO A 2 -15.41 21.52 10.72
N HIS A 3 -14.26 21.07 10.24
CA HIS A 3 -14.03 20.91 8.82
C HIS A 3 -14.00 19.44 8.43
N MET A 4 -15.12 18.96 7.88
CA MET A 4 -15.24 17.58 7.40
C MET A 4 -15.14 16.58 8.55
N THR A 5 -15.34 15.31 8.21
CA THR A 5 -15.22 14.24 9.19
C THR A 5 -14.28 13.16 8.67
N PHE A 6 -14.03 12.14 9.48
CA PHE A 6 -13.17 11.03 9.05
C PHE A 6 -13.73 10.38 7.80
N LYS A 7 -15.05 10.19 7.78
CA LYS A 7 -15.72 9.56 6.66
C LYS A 7 -15.59 10.43 5.40
N ALA A 8 -15.81 11.74 5.58
CA ALA A 8 -15.71 12.67 4.47
C ALA A 8 -14.29 12.70 3.91
N LEU A 9 -13.31 12.77 4.80
CA LEU A 9 -11.91 12.80 4.40
C LEU A 9 -11.52 11.53 3.66
N LYS A 10 -11.98 10.39 4.16
CA LYS A 10 -11.72 9.10 3.53
C LYS A 10 -12.30 9.07 2.12
N GLU A 11 -13.58 9.41 2.02
CA GLU A 11 -14.29 9.39 0.74
C GLU A 11 -13.64 10.34 -0.27
N GLU A 12 -13.33 11.55 0.17
CA GLU A 12 -12.67 12.52 -0.68
C GLU A 12 -11.32 12.00 -1.16
N GLY A 13 -10.61 11.33 -0.25
CA GLY A 13 -9.35 10.71 -0.61
C GLY A 13 -9.54 9.60 -1.62
N ASN A 14 -10.56 8.78 -1.42
CA ASN A 14 -10.88 7.68 -2.34
C ASN A 14 -11.11 8.21 -3.74
N GLN A 15 -11.80 9.34 -3.83
CA GLN A 15 -12.10 9.95 -5.12
C GLN A 15 -10.81 10.39 -5.81
N CYS A 16 -9.87 10.92 -5.04
CA CYS A 16 -8.58 11.33 -5.57
C CYS A 16 -7.79 10.12 -6.05
N VAL A 17 -7.89 9.01 -5.31
CA VAL A 17 -7.25 7.76 -5.70
C VAL A 17 -7.79 7.28 -7.05
N ASN A 18 -9.11 7.30 -7.18
CA ASN A 18 -9.77 6.87 -8.42
C ASN A 18 -9.53 7.88 -9.53
N ASP A 19 -9.24 9.12 -9.16
CA ASP A 19 -8.96 10.19 -10.11
C ASP A 19 -7.50 10.16 -10.52
N LYS A 20 -6.75 9.22 -9.93
CA LYS A 20 -5.32 9.08 -10.16
C LYS A 20 -4.57 10.31 -9.67
N ASN A 21 -5.15 10.96 -8.68
CA ASN A 21 -4.54 12.12 -8.04
C ASN A 21 -4.18 11.76 -6.62
N TYR A 22 -3.14 10.95 -6.49
CA TYR A 22 -2.74 10.41 -5.20
C TYR A 22 -2.09 11.48 -4.34
N LYS A 23 -1.59 12.53 -5.01
CA LYS A 23 -0.99 13.66 -4.30
C LYS A 23 -1.99 14.28 -3.34
N ASP A 24 -3.22 14.44 -3.80
CA ASP A 24 -4.25 15.04 -2.99
C ASP A 24 -4.77 14.05 -1.97
N ALA A 25 -4.84 12.79 -2.39
CA ALA A 25 -5.27 11.71 -1.52
C ALA A 25 -4.38 11.63 -0.27
N LEU A 26 -3.08 11.83 -0.48
CA LEU A 26 -2.12 11.87 0.63
C LEU A 26 -2.56 12.87 1.69
N SER A 27 -2.90 14.06 1.24
CA SER A 27 -3.32 15.14 2.14
C SER A 27 -4.59 14.75 2.87
N LYS A 28 -5.53 14.16 2.16
CA LYS A 28 -6.81 13.77 2.73
C LYS A 28 -6.66 12.63 3.74
N TYR A 29 -5.90 11.61 3.38
CA TYR A 29 -5.69 10.46 4.25
C TYR A 29 -4.89 10.82 5.49
N SER A 30 -4.00 11.79 5.37
CA SER A 30 -3.22 12.24 6.51
C SER A 30 -4.12 12.95 7.52
N GLU A 31 -5.16 13.59 7.01
CA GLU A 31 -6.17 14.21 7.87
C GLU A 31 -7.00 13.13 8.57
N CYS A 32 -7.19 12.02 7.88
CA CYS A 32 -7.95 10.89 8.43
C CYS A 32 -7.25 10.33 9.66
N LEU A 33 -5.95 10.07 9.53
CA LEU A 33 -5.16 9.47 10.60
C LEU A 33 -5.25 10.28 11.88
N LYS A 34 -5.31 11.60 11.75
CA LYS A 34 -5.35 12.48 12.91
C LYS A 34 -6.61 12.22 13.74
N ILE A 35 -7.62 11.66 13.09
CA ILE A 35 -8.86 11.30 13.76
C ILE A 35 -8.84 9.83 14.16
N ASN A 36 -8.33 8.97 13.28
CA ASN A 36 -8.35 7.53 13.51
C ASN A 36 -7.16 6.85 12.86
N ASN A 37 -6.38 6.13 13.66
CA ASN A 37 -5.27 5.32 13.14
C ASN A 37 -5.57 3.84 13.29
N LYS A 38 -6.85 3.51 13.45
CA LYS A 38 -7.28 2.12 13.53
C LYS A 38 -7.91 1.67 12.21
N GLU A 39 -7.77 2.50 11.19
CA GLU A 39 -8.31 2.19 9.88
C GLU A 39 -7.19 1.81 8.92
N CYS A 40 -6.98 0.50 8.74
CA CYS A 40 -5.94 0.01 7.86
C CYS A 40 -6.17 0.44 6.41
N ALA A 41 -7.42 0.71 6.06
CA ALA A 41 -7.78 1.13 4.71
C ALA A 41 -7.08 2.43 4.33
N ILE A 42 -6.93 3.33 5.30
CA ILE A 42 -6.22 4.59 5.08
C ILE A 42 -4.79 4.31 4.72
N TYR A 43 -4.16 3.40 5.46
CA TYR A 43 -2.77 3.03 5.22
C TYR A 43 -2.60 2.35 3.87
N THR A 44 -3.48 1.39 3.57
CA THR A 44 -3.40 0.65 2.32
C THR A 44 -3.57 1.57 1.10
N ASN A 45 -4.43 2.58 1.24
CA ASN A 45 -4.66 3.53 0.16
C ASN A 45 -3.55 4.56 0.11
N ARG A 46 -3.08 4.98 1.27
CA ARG A 46 -2.02 5.98 1.36
C ARG A 46 -0.71 5.39 0.85
N ALA A 47 -0.50 4.11 1.12
CA ALA A 47 0.67 3.40 0.60
C ALA A 47 0.60 3.33 -0.92
N LEU A 48 -0.57 2.96 -1.44
CA LEU A 48 -0.82 2.98 -2.87
C LEU A 48 -0.50 4.35 -3.46
N CYS A 49 -0.88 5.39 -2.74
CA CYS A 49 -0.60 6.75 -3.15
C CYS A 49 0.91 6.99 -3.19
N TYR A 50 1.60 6.64 -2.10
CA TYR A 50 3.05 6.80 -2.01
C TYR A 50 3.76 6.08 -3.15
N LEU A 51 3.27 4.88 -3.48
CA LEU A 51 3.85 4.09 -4.55
C LEU A 51 3.84 4.85 -5.88
N LYS A 52 2.75 5.56 -6.14
CA LYS A 52 2.60 6.29 -7.39
C LYS A 52 3.51 7.51 -7.44
N LEU A 53 3.81 8.09 -6.28
CA LEU A 53 4.75 9.22 -6.22
C LEU A 53 6.17 8.73 -5.94
N CYS A 54 6.38 7.43 -6.06
CA CYS A 54 7.70 6.82 -5.88
C CYS A 54 8.24 7.06 -4.47
N GLN A 55 7.33 7.06 -3.49
CA GLN A 55 7.72 7.21 -2.09
C GLN A 55 7.55 5.86 -1.39
N PHE A 56 8.39 4.91 -1.78
CA PHE A 56 8.23 3.52 -1.37
C PHE A 56 8.55 3.32 0.10
N GLU A 57 9.54 4.05 0.60
CA GLU A 57 9.96 3.90 2.00
C GLU A 57 8.80 4.25 2.94
N GLU A 58 8.08 5.30 2.60
CA GLU A 58 6.91 5.70 3.37
C GLU A 58 5.75 4.74 3.12
N ALA A 59 5.64 4.24 1.91
CA ALA A 59 4.61 3.26 1.57
C ALA A 59 4.78 1.98 2.37
N LYS A 60 6.03 1.55 2.51
CA LYS A 60 6.38 0.35 3.26
C LYS A 60 5.83 0.44 4.69
N GLN A 61 6.08 1.59 5.32
CA GLN A 61 5.66 1.82 6.70
C GLN A 61 4.15 1.80 6.84
N ASP A 62 3.46 2.46 5.90
CA ASP A 62 2.00 2.48 5.89
C ASP A 62 1.43 1.07 5.82
N CYS A 63 1.98 0.27 4.92
CA CYS A 63 1.54 -1.11 4.75
C CYS A 63 1.73 -1.90 6.03
N ASP A 64 2.84 -1.65 6.72
CA ASP A 64 3.13 -2.31 7.97
C ASP A 64 2.10 -1.93 9.03
N GLN A 65 1.81 -0.63 9.12
CA GLN A 65 0.82 -0.13 10.06
C GLN A 65 -0.56 -0.72 9.77
N ALA A 66 -0.85 -0.94 8.49
CA ALA A 66 -2.09 -1.57 8.09
C ALA A 66 -2.17 -2.99 8.63
N LEU A 67 -1.04 -3.69 8.56
CA LEU A 67 -0.96 -5.05 9.06
C LEU A 67 -0.99 -5.08 10.59
N GLN A 68 -0.51 -4.01 11.20
CA GLN A 68 -0.59 -3.86 12.65
C GLN A 68 -2.04 -3.89 13.11
N LEU A 69 -2.90 -3.27 12.31
CA LEU A 69 -4.32 -3.20 12.63
C LEU A 69 -5.02 -4.46 12.17
N ALA A 70 -4.73 -4.87 10.95
CA ALA A 70 -5.31 -6.08 10.37
C ALA A 70 -4.21 -7.04 9.99
N ASP A 71 -4.01 -8.06 10.83
CA ASP A 71 -2.96 -9.03 10.62
C ASP A 71 -3.41 -10.08 9.62
N GLY A 72 -3.11 -9.84 8.36
CA GLY A 72 -3.49 -10.75 7.30
C GLY A 72 -4.16 -10.02 6.16
N ASN A 73 -3.91 -8.72 6.07
CA ASN A 73 -4.51 -7.91 5.03
C ASN A 73 -3.70 -8.03 3.76
N VAL A 74 -4.27 -8.75 2.79
CA VAL A 74 -3.58 -9.08 1.54
C VAL A 74 -3.09 -7.85 0.80
N LYS A 75 -3.94 -6.82 0.73
CA LYS A 75 -3.59 -5.61 0.00
C LYS A 75 -2.45 -4.87 0.68
N ALA A 76 -2.39 -5.01 2.00
CA ALA A 76 -1.31 -4.39 2.76
C ALA A 76 0.04 -5.03 2.42
N PHE A 77 0.04 -6.35 2.29
CA PHE A 77 1.23 -7.08 1.89
C PHE A 77 1.62 -6.70 0.46
N TYR A 78 0.62 -6.70 -0.41
CA TYR A 78 0.81 -6.43 -1.83
C TYR A 78 1.46 -5.06 -2.05
N ARG A 79 0.94 -4.06 -1.36
CA ARG A 79 1.47 -2.70 -1.50
C ARG A 79 2.89 -2.61 -0.93
N ARG A 80 3.16 -3.35 0.14
CA ARG A 80 4.46 -3.34 0.76
C ARG A 80 5.48 -4.01 -0.16
N ALA A 81 5.06 -5.09 -0.81
CA ALA A 81 5.89 -5.77 -1.80
C ALA A 81 6.26 -4.82 -2.93
N LEU A 82 5.30 -4.03 -3.37
CA LEU A 82 5.53 -3.04 -4.42
C LEU A 82 6.50 -1.97 -3.92
N ALA A 83 6.33 -1.59 -2.65
CA ALA A 83 7.22 -0.62 -2.02
C ALA A 83 8.64 -1.15 -1.97
N HIS A 84 8.80 -2.38 -1.48
CA HIS A 84 10.11 -3.01 -1.41
C HIS A 84 10.72 -3.16 -2.80
N LYS A 85 9.88 -3.45 -3.79
CA LYS A 85 10.35 -3.57 -5.17
C LYS A 85 11.01 -2.27 -5.62
N GLY A 86 10.38 -1.16 -5.28
CA GLY A 86 10.91 0.15 -5.66
C GLY A 86 12.15 0.51 -4.88
N LEU A 87 12.30 -0.09 -3.70
CA LEU A 87 13.45 0.18 -2.86
C LEU A 87 14.55 -0.84 -3.12
N LYS A 88 14.40 -1.60 -4.19
CA LYS A 88 15.37 -2.61 -4.60
C LYS A 88 15.51 -3.70 -3.53
N ASN A 89 14.46 -3.87 -2.75
CA ASN A 89 14.42 -4.89 -1.72
C ASN A 89 13.59 -6.07 -2.21
N TYR A 90 14.13 -6.77 -3.17
CA TYR A 90 13.39 -7.79 -3.89
C TYR A 90 13.25 -9.04 -3.03
N GLN A 91 14.24 -9.31 -2.21
CA GLN A 91 14.19 -10.43 -1.29
C GLN A 91 13.08 -10.21 -0.28
N LYS A 92 12.89 -8.94 0.08
CA LYS A 92 11.89 -8.55 1.05
C LYS A 92 10.49 -8.59 0.42
N SER A 93 10.40 -8.09 -0.81
CA SER A 93 9.14 -8.03 -1.53
C SER A 93 8.58 -9.43 -1.77
N LEU A 94 9.45 -10.38 -2.11
CA LEU A 94 9.04 -11.75 -2.34
C LEU A 94 8.36 -12.34 -1.11
N ILE A 95 8.82 -11.94 0.07
CA ILE A 95 8.24 -12.43 1.31
C ILE A 95 6.78 -12.02 1.41
N ASP A 96 6.48 -10.79 1.01
CA ASP A 96 5.11 -10.28 1.07
C ASP A 96 4.27 -10.84 -0.06
N LEU A 97 4.90 -11.02 -1.22
CA LEU A 97 4.20 -11.57 -2.38
C LEU A 97 3.82 -13.01 -2.13
N ASN A 98 4.77 -13.80 -1.65
CA ASN A 98 4.50 -15.19 -1.28
C ASN A 98 3.41 -15.25 -0.21
N LYS A 99 3.45 -14.29 0.71
CA LYS A 99 2.44 -14.20 1.75
C LYS A 99 1.06 -14.00 1.16
N VAL A 100 0.98 -13.11 0.16
CA VAL A 100 -0.25 -12.90 -0.58
C VAL A 100 -0.70 -14.18 -1.26
N ILE A 101 0.25 -14.90 -1.85
CA ILE A 101 -0.03 -16.17 -2.52
C ILE A 101 -0.58 -17.19 -1.52
N LEU A 102 -0.14 -17.09 -0.27
CA LEU A 102 -0.63 -17.99 0.77
C LEU A 102 -2.04 -17.62 1.18
N LEU A 103 -2.26 -16.32 1.36
CA LEU A 103 -3.56 -15.82 1.78
C LEU A 103 -4.59 -15.98 0.67
N ASP A 104 -4.22 -15.62 -0.54
CA ASP A 104 -5.10 -15.75 -1.69
C ASP A 104 -4.31 -15.95 -2.97
N PRO A 105 -4.16 -17.21 -3.40
CA PRO A 105 -3.42 -17.57 -4.61
C PRO A 105 -4.23 -17.34 -5.88
N SER A 106 -5.35 -16.64 -5.75
CA SER A 106 -6.23 -16.39 -6.89
C SER A 106 -5.95 -15.02 -7.47
N ILE A 107 -5.09 -14.26 -6.81
CA ILE A 107 -4.72 -12.94 -7.28
C ILE A 107 -3.67 -13.05 -8.38
N ILE A 108 -4.12 -12.87 -9.62
CA ILE A 108 -3.25 -12.98 -10.77
C ILE A 108 -2.17 -11.91 -10.72
N GLU A 109 -2.53 -10.75 -10.17
CA GLU A 109 -1.59 -9.64 -10.01
C GLU A 109 -0.34 -10.12 -9.28
N ALA A 110 -0.54 -10.76 -8.13
CA ALA A 110 0.56 -11.22 -7.30
C ALA A 110 1.35 -12.32 -7.98
N LYS A 111 0.65 -13.09 -8.80
CA LYS A 111 1.27 -14.20 -9.53
C LYS A 111 2.23 -13.67 -10.59
N MET A 112 1.93 -12.49 -11.10
CA MET A 112 2.77 -11.86 -12.10
C MET A 112 3.86 -11.03 -11.44
N GLU A 113 3.64 -10.66 -10.19
CA GLU A 113 4.56 -9.79 -9.47
C GLU A 113 5.73 -10.57 -8.89
N LEU A 114 5.46 -11.70 -8.24
CA LEU A 114 6.54 -12.45 -7.59
C LEU A 114 7.50 -13.01 -8.63
N GLU A 115 7.01 -13.26 -9.84
CA GLU A 115 7.88 -13.73 -10.91
C GLU A 115 8.80 -12.60 -11.37
N GLU A 116 8.24 -11.39 -11.43
CA GLU A 116 8.99 -10.21 -11.82
C GLU A 116 10.05 -9.89 -10.77
N VAL A 117 9.63 -9.84 -9.52
CA VAL A 117 10.52 -9.52 -8.42
C VAL A 117 11.65 -10.55 -8.31
N THR A 118 11.36 -11.80 -8.68
CA THR A 118 12.38 -12.82 -8.71
C THR A 118 13.43 -12.48 -9.77
N ARG A 119 13.00 -11.96 -10.92
CA ARG A 119 13.91 -11.66 -12.01
C ARG A 119 14.71 -10.41 -11.69
N LEU A 120 14.09 -9.52 -10.93
CA LEU A 120 14.76 -8.31 -10.46
C LEU A 120 15.81 -8.67 -9.42
N LEU A 121 15.47 -9.61 -8.56
CA LEU A 121 16.38 -10.11 -7.54
C LEU A 121 17.51 -10.91 -8.17
N ASN A 122 17.18 -11.70 -9.19
CA ASN A 122 18.17 -12.52 -9.89
C ASN A 122 19.14 -11.64 -10.68
N LEU A 123 18.75 -10.39 -10.91
CA LEU A 123 19.53 -9.47 -11.65
C LEU A 123 20.25 -8.52 -10.70
N LYS A 124 21.41 -8.04 -11.12
CA LYS A 124 22.22 -7.16 -10.29
C LYS A 124 21.83 -5.72 -10.51
N ASP A 125 20.55 -5.54 -10.39
CA ASP A 125 19.89 -4.25 -10.53
C ASP A 125 20.59 -3.17 -9.69
N GLY A 1 -23.41 19.42 12.67
CA GLY A 1 -22.59 18.45 13.44
C GLY A 1 -21.22 18.27 12.86
N PRO A 2 -20.73 17.03 12.75
CA PRO A 2 -19.41 16.73 12.19
C PRO A 2 -19.26 17.23 10.77
N HIS A 3 -18.35 18.17 10.56
CA HIS A 3 -18.11 18.74 9.25
C HIS A 3 -17.23 17.80 8.43
N MET A 4 -17.87 16.88 7.72
CA MET A 4 -17.21 15.81 6.97
C MET A 4 -16.58 14.79 7.92
N THR A 5 -17.09 13.57 7.85
CA THR A 5 -16.65 12.53 8.75
C THR A 5 -15.51 11.71 8.13
N PHE A 6 -15.03 10.72 8.89
CA PHE A 6 -13.99 9.82 8.42
C PHE A 6 -14.39 9.18 7.09
N LYS A 7 -15.67 8.81 7.00
CA LYS A 7 -16.22 8.14 5.83
C LYS A 7 -16.08 9.01 4.59
N ALA A 8 -16.41 10.30 4.74
CA ALA A 8 -16.36 11.23 3.63
C ALA A 8 -14.92 11.47 3.16
N LEU A 9 -14.02 11.64 4.12
CA LEU A 9 -12.62 11.88 3.82
C LEU A 9 -11.99 10.67 3.14
N LYS A 10 -12.36 9.47 3.61
CA LYS A 10 -11.87 8.24 3.00
C LYS A 10 -12.30 8.17 1.55
N GLU A 11 -13.58 8.46 1.31
CA GLU A 11 -14.14 8.41 -0.04
C GLU A 11 -13.46 9.42 -0.95
N GLU A 12 -13.26 10.64 -0.45
CA GLU A 12 -12.54 11.66 -1.21
C GLU A 12 -11.15 11.17 -1.55
N GLY A 13 -10.50 10.53 -0.59
CA GLY A 13 -9.19 9.94 -0.82
C GLY A 13 -9.24 8.89 -1.90
N ASN A 14 -10.23 8.01 -1.81
CA ASN A 14 -10.44 6.95 -2.80
C ASN A 14 -10.65 7.55 -4.19
N GLN A 15 -11.36 8.67 -4.23
CA GLN A 15 -11.59 9.39 -5.49
C GLN A 15 -10.30 9.99 -6.02
N CYS A 16 -9.49 10.53 -5.11
CA CYS A 16 -8.20 11.10 -5.49
C CYS A 16 -7.30 10.03 -6.08
N VAL A 17 -7.28 8.86 -5.46
CA VAL A 17 -6.51 7.74 -5.98
C VAL A 17 -7.02 7.30 -7.35
N ASN A 18 -8.34 7.28 -7.48
CA ASN A 18 -8.99 6.94 -8.74
C ASN A 18 -8.64 7.96 -9.83
N ASP A 19 -8.54 9.22 -9.43
CA ASP A 19 -8.20 10.30 -10.34
C ASP A 19 -6.70 10.33 -10.64
N LYS A 20 -5.95 9.52 -9.89
CA LYS A 20 -4.49 9.46 -9.96
C LYS A 20 -3.86 10.72 -9.39
N ASN A 21 -4.59 11.36 -8.48
CA ASN A 21 -4.09 12.50 -7.75
C ASN A 21 -3.58 12.02 -6.40
N TYR A 22 -2.53 11.21 -6.45
CA TYR A 22 -2.02 10.52 -5.28
C TYR A 22 -1.37 11.49 -4.30
N LYS A 23 -0.76 12.54 -4.84
CA LYS A 23 -0.05 13.51 -4.02
C LYS A 23 -1.00 14.22 -3.05
N ASP A 24 -2.22 14.46 -3.49
CA ASP A 24 -3.20 15.14 -2.65
C ASP A 24 -3.97 14.12 -1.82
N ALA A 25 -4.09 12.91 -2.35
CA ALA A 25 -4.74 11.82 -1.64
C ALA A 25 -4.05 11.56 -0.30
N LEU A 26 -2.73 11.77 -0.28
CA LEU A 26 -1.95 11.67 0.93
C LEU A 26 -2.55 12.53 2.04
N SER A 27 -2.90 13.76 1.70
CA SER A 27 -3.50 14.68 2.66
C SER A 27 -4.89 14.17 3.06
N LYS A 28 -5.67 13.74 2.08
CA LYS A 28 -7.03 13.27 2.32
C LYS A 28 -7.04 12.11 3.33
N TYR A 29 -6.11 11.17 3.14
CA TYR A 29 -6.01 10.03 4.03
C TYR A 29 -5.43 10.43 5.39
N SER A 30 -4.56 11.43 5.40
CA SER A 30 -4.00 11.92 6.64
C SER A 30 -5.06 12.64 7.47
N GLU A 31 -6.03 13.24 6.77
CA GLU A 31 -7.19 13.83 7.44
C GLU A 31 -7.98 12.75 8.17
N CYS A 32 -7.97 11.54 7.61
CA CYS A 32 -8.64 10.41 8.21
C CYS A 32 -7.91 9.95 9.47
N LEU A 33 -6.59 9.93 9.40
CA LEU A 33 -5.75 9.48 10.51
C LEU A 33 -5.99 10.31 11.76
N LYS A 34 -6.34 11.58 11.56
CA LYS A 34 -6.63 12.48 12.66
C LYS A 34 -7.87 12.04 13.42
N ILE A 35 -8.73 11.29 12.73
CA ILE A 35 -9.95 10.77 13.34
C ILE A 35 -9.73 9.35 13.82
N ASN A 36 -9.15 8.52 12.96
CA ASN A 36 -8.97 7.10 13.25
C ASN A 36 -7.68 6.57 12.64
N ASN A 37 -6.85 5.95 13.47
CA ASN A 37 -5.60 5.36 13.02
C ASN A 37 -5.69 3.84 13.08
N LYS A 38 -6.88 3.34 13.37
CA LYS A 38 -7.10 1.90 13.45
C LYS A 38 -7.67 1.37 12.13
N GLU A 39 -7.59 2.18 11.10
CA GLU A 39 -8.09 1.80 9.78
C GLU A 39 -6.92 1.47 8.85
N CYS A 40 -6.66 0.19 8.67
CA CYS A 40 -5.60 -0.28 7.79
C CYS A 40 -5.83 0.18 6.34
N ALA A 41 -7.10 0.40 5.98
CA ALA A 41 -7.43 0.82 4.62
C ALA A 41 -6.82 2.19 4.29
N ILE A 42 -6.69 3.03 5.30
CA ILE A 42 -6.08 4.35 5.12
C ILE A 42 -4.60 4.20 4.83
N TYR A 43 -3.92 3.43 5.66
CA TYR A 43 -2.48 3.22 5.51
C TYR A 43 -2.14 2.53 4.19
N THR A 44 -2.92 1.52 3.84
CA THR A 44 -2.64 0.76 2.62
C THR A 44 -2.86 1.61 1.37
N ASN A 45 -3.91 2.41 1.37
CA ASN A 45 -4.18 3.30 0.25
C ASN A 45 -3.22 4.47 0.24
N ARG A 46 -2.81 4.91 1.43
CA ARG A 46 -1.83 5.99 1.56
C ARG A 46 -0.48 5.50 1.05
N ALA A 47 -0.16 4.26 1.39
CA ALA A 47 1.05 3.61 0.88
C ALA A 47 1.00 3.52 -0.64
N LEU A 48 -0.18 3.16 -1.15
CA LEU A 48 -0.40 3.10 -2.61
C LEU A 48 -0.09 4.44 -3.25
N CYS A 49 -0.52 5.50 -2.59
CA CYS A 49 -0.24 6.85 -3.07
C CYS A 49 1.27 7.12 -3.05
N TYR A 50 1.90 6.82 -1.92
CA TYR A 50 3.35 7.00 -1.76
C TYR A 50 4.12 6.30 -2.88
N LEU A 51 3.65 5.12 -3.25
CA LEU A 51 4.29 4.33 -4.32
C LEU A 51 4.38 5.10 -5.62
N LYS A 52 3.39 5.96 -5.88
CA LYS A 52 3.35 6.70 -7.13
C LYS A 52 4.19 7.97 -7.05
N LEU A 53 4.42 8.48 -5.84
CA LEU A 53 5.31 9.61 -5.66
C LEU A 53 6.73 9.13 -5.36
N CYS A 54 6.98 7.86 -5.68
CA CYS A 54 8.31 7.25 -5.56
C CYS A 54 8.77 7.19 -4.11
N GLN A 55 7.83 7.33 -3.18
CA GLN A 55 8.13 7.28 -1.77
C GLN A 55 7.87 5.88 -1.21
N PHE A 56 8.62 4.92 -1.75
CA PHE A 56 8.44 3.53 -1.38
C PHE A 56 8.82 3.31 0.07
N GLU A 57 9.86 4.00 0.50
CA GLU A 57 10.34 3.91 1.87
C GLU A 57 9.25 4.35 2.84
N GLU A 58 8.50 5.36 2.46
CA GLU A 58 7.44 5.89 3.29
C GLU A 58 6.22 4.97 3.24
N ALA A 59 5.95 4.46 2.04
CA ALA A 59 4.85 3.51 1.82
C ALA A 59 5.06 2.25 2.66
N LYS A 60 6.31 1.80 2.70
CA LYS A 60 6.68 0.62 3.48
C LYS A 60 6.22 0.74 4.93
N GLN A 61 6.33 1.95 5.48
CA GLN A 61 5.98 2.21 6.87
C GLN A 61 4.48 2.08 7.08
N ASP A 62 3.71 2.69 6.19
CA ASP A 62 2.25 2.64 6.25
C ASP A 62 1.75 1.21 6.20
N CYS A 63 2.41 0.38 5.40
CA CYS A 63 2.08 -1.03 5.29
C CYS A 63 2.25 -1.72 6.64
N ASP A 64 3.29 -1.32 7.38
CA ASP A 64 3.55 -1.88 8.70
C ASP A 64 2.47 -1.44 9.68
N GLN A 65 2.12 -0.17 9.63
CA GLN A 65 1.05 0.38 10.46
C GLN A 65 -0.27 -0.35 10.19
N ALA A 66 -0.50 -0.65 8.92
CA ALA A 66 -1.70 -1.38 8.52
C ALA A 66 -1.68 -2.81 9.06
N LEU A 67 -0.50 -3.41 9.11
CA LEU A 67 -0.34 -4.77 9.62
C LEU A 67 -0.43 -4.81 11.13
N GLN A 68 -0.04 -3.70 11.77
CA GLN A 68 -0.21 -3.56 13.21
C GLN A 68 -1.68 -3.65 13.57
N LEU A 69 -2.52 -3.11 12.70
CA LEU A 69 -3.95 -3.13 12.89
C LEU A 69 -4.53 -4.49 12.51
N ALA A 70 -4.17 -4.95 11.33
CA ALA A 70 -4.64 -6.23 10.84
C ALA A 70 -3.49 -7.08 10.31
N ASP A 71 -3.08 -8.07 11.09
CA ASP A 71 -2.06 -9.00 10.67
C ASP A 71 -2.67 -10.03 9.75
N GLY A 72 -2.59 -9.78 8.46
CA GLY A 72 -3.21 -10.63 7.46
C GLY A 72 -4.00 -9.81 6.47
N ASN A 73 -3.62 -8.54 6.37
CA ASN A 73 -4.29 -7.59 5.50
C ASN A 73 -3.56 -7.54 4.16
N VAL A 74 -4.16 -8.18 3.17
CA VAL A 74 -3.53 -8.39 1.86
C VAL A 74 -3.02 -7.09 1.24
N LYS A 75 -3.81 -6.03 1.33
CA LYS A 75 -3.41 -4.74 0.76
C LYS A 75 -2.10 -4.26 1.37
N ALA A 76 -1.89 -4.56 2.65
CA ALA A 76 -0.71 -4.08 3.35
C ALA A 76 0.54 -4.79 2.85
N PHE A 77 0.41 -6.10 2.67
CA PHE A 77 1.52 -6.90 2.16
C PHE A 77 1.82 -6.50 0.73
N TYR A 78 0.77 -6.32 -0.05
CA TYR A 78 0.88 -5.98 -1.47
C TYR A 78 1.60 -4.66 -1.65
N ARG A 79 1.18 -3.64 -0.90
CA ARG A 79 1.81 -2.32 -1.00
C ARG A 79 3.26 -2.39 -0.55
N ARG A 80 3.53 -3.15 0.51
CA ARG A 80 4.88 -3.30 1.03
C ARG A 80 5.78 -3.95 -0.01
N ALA A 81 5.31 -5.05 -0.61
CA ALA A 81 6.02 -5.71 -1.68
C ALA A 81 6.33 -4.74 -2.81
N LEU A 82 5.33 -3.95 -3.20
CA LEU A 82 5.51 -2.95 -4.25
C LEU A 82 6.57 -1.92 -3.84
N ALA A 83 6.54 -1.54 -2.57
CA ALA A 83 7.50 -0.59 -2.03
C ALA A 83 8.92 -1.15 -2.10
N HIS A 84 9.11 -2.35 -1.58
CA HIS A 84 10.42 -2.99 -1.58
C HIS A 84 10.91 -3.20 -3.01
N LYS A 85 9.99 -3.50 -3.92
CA LYS A 85 10.33 -3.68 -5.32
C LYS A 85 11.01 -2.43 -5.88
N GLY A 86 10.40 -1.29 -5.63
CA GLY A 86 10.98 -0.01 -6.06
C GLY A 86 12.27 0.32 -5.33
N LEU A 87 12.43 -0.25 -4.14
CA LEU A 87 13.63 0.00 -3.32
C LEU A 87 14.73 -1.02 -3.66
N LYS A 88 14.51 -1.77 -4.74
CA LYS A 88 15.45 -2.81 -5.18
C LYS A 88 15.63 -3.88 -4.12
N ASN A 89 14.61 -4.04 -3.29
CA ASN A 89 14.60 -5.05 -2.25
C ASN A 89 13.67 -6.18 -2.67
N TYR A 90 14.15 -6.96 -3.62
CA TYR A 90 13.30 -7.92 -4.29
C TYR A 90 13.07 -9.15 -3.43
N GLN A 91 14.09 -9.54 -2.67
CA GLN A 91 13.97 -10.67 -1.77
C GLN A 91 13.03 -10.32 -0.63
N LYS A 92 13.08 -9.06 -0.21
CA LYS A 92 12.20 -8.57 0.83
C LYS A 92 10.76 -8.52 0.33
N SER A 93 10.60 -8.10 -0.92
CA SER A 93 9.29 -8.02 -1.54
C SER A 93 8.68 -9.40 -1.73
N LEU A 94 9.49 -10.35 -2.17
CA LEU A 94 9.03 -11.73 -2.40
C LEU A 94 8.40 -12.32 -1.14
N ILE A 95 8.93 -11.95 0.02
CA ILE A 95 8.40 -12.43 1.29
C ILE A 95 6.93 -12.03 1.45
N ASP A 96 6.63 -10.77 1.15
CA ASP A 96 5.27 -10.26 1.32
C ASP A 96 4.41 -10.55 0.10
N LEU A 97 5.04 -10.80 -1.03
CA LEU A 97 4.33 -11.23 -2.22
C LEU A 97 3.80 -12.64 -2.04
N ASN A 98 4.68 -13.55 -1.65
CA ASN A 98 4.29 -14.92 -1.34
C ASN A 98 3.25 -14.91 -0.22
N LYS A 99 3.38 -13.93 0.66
CA LYS A 99 2.43 -13.75 1.75
C LYS A 99 1.04 -13.47 1.22
N VAL A 100 0.93 -12.53 0.28
CA VAL A 100 -0.34 -12.22 -0.38
C VAL A 100 -0.94 -13.48 -1.00
N ILE A 101 -0.09 -14.30 -1.59
CA ILE A 101 -0.51 -15.54 -2.22
C ILE A 101 -1.14 -16.47 -1.18
N LEU A 102 -0.69 -16.35 0.07
CA LEU A 102 -1.21 -17.18 1.15
C LEU A 102 -2.65 -16.79 1.50
N LEU A 103 -2.85 -15.53 1.88
CA LEU A 103 -4.19 -15.04 2.18
C LEU A 103 -5.11 -15.22 0.99
N ASP A 104 -4.73 -14.60 -0.11
CA ASP A 104 -5.59 -14.57 -1.28
C ASP A 104 -4.80 -14.87 -2.55
N PRO A 105 -4.71 -16.16 -2.91
CA PRO A 105 -4.02 -16.59 -4.13
C PRO A 105 -4.87 -16.39 -5.39
N SER A 106 -5.99 -15.70 -5.21
CA SER A 106 -6.93 -15.49 -6.31
C SER A 106 -6.73 -14.10 -6.92
N ILE A 107 -5.68 -13.42 -6.48
CA ILE A 107 -5.36 -12.10 -6.98
C ILE A 107 -4.41 -12.20 -8.17
N ILE A 108 -4.94 -11.94 -9.35
CA ILE A 108 -4.16 -12.00 -10.59
C ILE A 108 -3.04 -10.97 -10.55
N GLU A 109 -3.33 -9.81 -9.97
CA GLU A 109 -2.34 -8.75 -9.86
C GLU A 109 -1.13 -9.21 -9.03
N ALA A 110 -1.39 -9.99 -7.98
CA ALA A 110 -0.33 -10.54 -7.17
C ALA A 110 0.44 -11.57 -7.96
N LYS A 111 -0.27 -12.41 -8.71
CA LYS A 111 0.33 -13.49 -9.48
C LYS A 111 1.41 -12.95 -10.43
N MET A 112 1.18 -11.75 -10.91
CA MET A 112 2.09 -11.13 -11.86
C MET A 112 3.25 -10.45 -11.13
N GLU A 113 3.09 -10.19 -9.84
CA GLU A 113 4.13 -9.53 -9.07
C GLU A 113 5.18 -10.51 -8.57
N LEU A 114 4.75 -11.67 -8.05
CA LEU A 114 5.73 -12.64 -7.53
C LEU A 114 6.63 -13.10 -8.67
N GLU A 115 6.07 -13.17 -9.86
CA GLU A 115 6.82 -13.59 -11.04
C GLU A 115 7.77 -12.45 -11.47
N GLU A 116 7.26 -11.22 -11.44
CA GLU A 116 8.05 -10.06 -11.84
C GLU A 116 9.24 -9.85 -10.92
N VAL A 117 8.96 -9.77 -9.62
CA VAL A 117 9.98 -9.48 -8.64
C VAL A 117 11.06 -10.56 -8.60
N THR A 118 10.68 -11.80 -8.89
CA THR A 118 11.67 -12.87 -8.98
C THR A 118 12.60 -12.62 -10.17
N ARG A 119 12.06 -12.08 -11.26
CA ARG A 119 12.85 -11.83 -12.46
C ARG A 119 13.75 -10.63 -12.23
N LEU A 120 13.25 -9.72 -11.40
CA LEU A 120 14.01 -8.54 -10.99
C LEU A 120 15.15 -8.95 -10.07
N LEU A 121 14.85 -9.90 -9.19
CA LEU A 121 15.85 -10.44 -8.27
C LEU A 121 16.91 -11.22 -9.03
N ASN A 122 16.50 -11.83 -10.14
CA ASN A 122 17.44 -12.55 -11.01
C ASN A 122 18.40 -11.55 -11.65
N LEU A 123 17.94 -10.32 -11.84
CA LEU A 123 18.74 -9.27 -12.42
C LEU A 123 19.59 -8.60 -11.35
N LYS A 124 20.56 -7.81 -11.78
CA LYS A 124 21.46 -7.13 -10.86
C LYS A 124 21.16 -5.63 -10.85
N ASP A 125 20.53 -5.14 -11.90
CA ASP A 125 20.21 -3.73 -12.02
C ASP A 125 18.83 -3.45 -11.43
N GLY A 1 -9.79 21.34 15.50
CA GLY A 1 -11.22 21.30 15.87
C GLY A 1 -12.03 20.47 14.89
N PRO A 2 -13.36 20.41 15.06
CA PRO A 2 -14.25 19.65 14.19
C PRO A 2 -14.47 20.34 12.85
N HIS A 3 -13.64 20.00 11.87
CA HIS A 3 -13.74 20.59 10.55
C HIS A 3 -14.37 19.61 9.57
N MET A 4 -13.75 18.45 9.43
CA MET A 4 -14.23 17.40 8.55
C MET A 4 -14.12 16.06 9.25
N THR A 5 -15.16 15.24 9.15
CA THR A 5 -15.19 13.96 9.83
C THR A 5 -14.46 12.90 9.02
N PHE A 6 -14.14 11.78 9.66
CA PHE A 6 -13.44 10.68 9.01
C PHE A 6 -14.11 10.33 7.68
N LYS A 7 -15.44 10.28 7.72
CA LYS A 7 -16.24 9.95 6.55
C LYS A 7 -15.93 10.88 5.38
N ALA A 8 -15.77 12.17 5.68
CA ALA A 8 -15.52 13.16 4.64
C ALA A 8 -14.15 12.92 4.00
N LEU A 9 -13.10 12.94 4.82
CA LEU A 9 -11.76 12.71 4.34
C LEU A 9 -11.63 11.39 3.58
N LYS A 10 -12.26 10.35 4.10
CA LYS A 10 -12.18 9.03 3.49
C LYS A 10 -12.77 9.06 2.07
N GLU A 11 -13.98 9.58 1.94
CA GLU A 11 -14.66 9.64 0.66
C GLU A 11 -13.94 10.57 -0.31
N GLU A 12 -13.55 11.75 0.17
CA GLU A 12 -12.83 12.72 -0.64
C GLU A 12 -11.50 12.14 -1.11
N GLY A 13 -10.84 11.41 -0.23
CA GLY A 13 -9.59 10.76 -0.58
C GLY A 13 -9.77 9.74 -1.68
N ASN A 14 -10.82 8.92 -1.54
CA ASN A 14 -11.15 7.91 -2.55
C ASN A 14 -11.32 8.56 -3.91
N GLN A 15 -11.99 9.70 -3.92
CA GLN A 15 -12.25 10.43 -5.17
C GLN A 15 -10.96 10.95 -5.77
N CYS A 16 -10.03 11.37 -4.92
CA CYS A 16 -8.72 11.82 -5.38
C CYS A 16 -7.93 10.68 -5.98
N VAL A 17 -8.06 9.49 -5.40
CA VAL A 17 -7.43 8.29 -5.93
C VAL A 17 -7.97 7.98 -7.32
N ASN A 18 -9.30 8.07 -7.47
CA ASN A 18 -9.94 7.83 -8.76
C ASN A 18 -9.51 8.88 -9.77
N ASP A 19 -9.32 10.10 -9.30
CA ASP A 19 -8.90 11.23 -10.13
C ASP A 19 -7.42 11.11 -10.49
N LYS A 20 -6.75 10.13 -9.87
CA LYS A 20 -5.32 9.89 -10.03
C LYS A 20 -4.52 11.05 -9.44
N ASN A 21 -5.09 11.68 -8.43
CA ASN A 21 -4.44 12.75 -7.71
C ASN A 21 -4.03 12.22 -6.34
N TYR A 22 -3.08 11.31 -6.36
CA TYR A 22 -2.72 10.52 -5.19
C TYR A 22 -2.01 11.38 -4.16
N LYS A 23 -1.30 12.39 -4.63
CA LYS A 23 -0.57 13.29 -3.74
C LYS A 23 -1.53 14.09 -2.86
N ASP A 24 -2.72 14.33 -3.38
CA ASP A 24 -3.74 15.08 -2.65
C ASP A 24 -4.57 14.14 -1.79
N ALA A 25 -4.72 12.90 -2.28
CA ALA A 25 -5.40 11.86 -1.53
C ALA A 25 -4.68 11.62 -0.20
N LEU A 26 -3.36 11.72 -0.24
CA LEU A 26 -2.53 11.60 0.96
C LEU A 26 -2.98 12.59 2.02
N SER A 27 -3.22 13.83 1.60
CA SER A 27 -3.65 14.88 2.52
C SER A 27 -4.95 14.49 3.22
N LYS A 28 -5.93 14.03 2.43
CA LYS A 28 -7.19 13.56 2.97
C LYS A 28 -7.00 12.41 3.94
N TYR A 29 -6.28 11.39 3.52
CA TYR A 29 -6.09 10.19 4.32
C TYR A 29 -5.31 10.48 5.61
N SER A 30 -4.39 11.43 5.53
CA SER A 30 -3.62 11.81 6.71
C SER A 30 -4.53 12.48 7.73
N GLU A 31 -5.58 13.15 7.26
CA GLU A 31 -6.57 13.74 8.14
C GLU A 31 -7.43 12.64 8.75
N CYS A 32 -7.69 11.59 7.97
CA CYS A 32 -8.41 10.42 8.46
C CYS A 32 -7.69 9.83 9.67
N LEU A 33 -6.39 9.64 9.53
CA LEU A 33 -5.58 9.04 10.59
C LEU A 33 -5.61 9.89 11.85
N LYS A 34 -5.61 11.21 11.68
CA LYS A 34 -5.67 12.13 12.81
C LYS A 34 -6.94 11.89 13.62
N ILE A 35 -7.97 11.40 12.95
CA ILE A 35 -9.25 11.10 13.58
C ILE A 35 -9.28 9.65 14.06
N ASN A 36 -8.74 8.75 13.24
CA ASN A 36 -8.71 7.33 13.57
C ASN A 36 -7.48 6.66 12.95
N ASN A 37 -6.56 6.23 13.80
CA ASN A 37 -5.35 5.54 13.34
C ASN A 37 -5.55 4.03 13.33
N LYS A 38 -6.77 3.60 13.61
CA LYS A 38 -7.07 2.17 13.71
C LYS A 38 -7.68 1.65 12.41
N GLU A 39 -7.61 2.44 11.36
CA GLU A 39 -8.15 2.02 10.07
C GLU A 39 -7.03 1.66 9.10
N CYS A 40 -6.85 0.36 8.87
CA CYS A 40 -5.83 -0.12 7.96
C CYS A 40 -6.16 0.22 6.50
N ALA A 41 -7.42 0.50 6.22
CA ALA A 41 -7.85 0.88 4.88
C ALA A 41 -7.21 2.20 4.46
N ILE A 42 -7.03 3.09 5.42
CA ILE A 42 -6.42 4.38 5.15
C ILE A 42 -4.95 4.22 4.85
N TYR A 43 -4.27 3.44 5.68
CA TYR A 43 -2.84 3.17 5.49
C TYR A 43 -2.58 2.51 4.14
N THR A 44 -3.38 1.51 3.81
CA THR A 44 -3.21 0.79 2.56
C THR A 44 -3.47 1.69 1.35
N ASN A 45 -4.41 2.63 1.51
CA ASN A 45 -4.71 3.58 0.45
C ASN A 45 -3.61 4.63 0.33
N ARG A 46 -3.04 5.05 1.46
CA ARG A 46 -1.92 5.98 1.43
C ARG A 46 -0.73 5.32 0.77
N ALA A 47 -0.48 4.06 1.11
CA ALA A 47 0.59 3.30 0.49
C ALA A 47 0.42 3.26 -1.02
N LEU A 48 -0.81 3.00 -1.45
CA LEU A 48 -1.14 3.00 -2.87
C LEU A 48 -0.79 4.32 -3.53
N CYS A 49 -1.04 5.41 -2.80
CA CYS A 49 -0.76 6.74 -3.28
C CYS A 49 0.74 7.04 -3.26
N TYR A 50 1.40 6.67 -2.17
CA TYR A 50 2.84 6.90 -2.02
C TYR A 50 3.62 6.28 -3.17
N LEU A 51 3.23 5.09 -3.58
CA LEU A 51 3.87 4.39 -4.70
C LEU A 51 3.84 5.26 -5.95
N LYS A 52 2.75 6.00 -6.13
CA LYS A 52 2.55 6.82 -7.31
C LYS A 52 3.44 8.05 -7.28
N LEU A 53 3.82 8.50 -6.08
CA LEU A 53 4.76 9.61 -5.94
C LEU A 53 6.17 9.10 -5.69
N CYS A 54 6.39 7.81 -5.97
CA CYS A 54 7.70 7.18 -5.85
C CYS A 54 8.19 7.17 -4.40
N GLN A 55 7.28 7.33 -3.47
CA GLN A 55 7.62 7.33 -2.05
C GLN A 55 7.46 5.94 -1.46
N PHE A 56 8.30 5.02 -1.94
CA PHE A 56 8.21 3.61 -1.54
C PHE A 56 8.59 3.44 -0.07
N GLU A 57 9.55 4.25 0.38
CA GLU A 57 10.04 4.16 1.74
C GLU A 57 8.95 4.61 2.71
N GLU A 58 8.11 5.52 2.25
CA GLU A 58 6.97 5.98 3.04
C GLU A 58 5.82 4.97 2.94
N ALA A 59 5.58 4.47 1.74
CA ALA A 59 4.52 3.51 1.48
C ALA A 59 4.67 2.25 2.33
N LYS A 60 5.92 1.81 2.49
CA LYS A 60 6.22 0.63 3.28
C LYS A 60 5.73 0.80 4.71
N GLN A 61 5.93 2.00 5.26
CA GLN A 61 5.54 2.31 6.62
C GLN A 61 4.05 2.11 6.83
N ASP A 62 3.26 2.62 5.90
CA ASP A 62 1.81 2.53 5.99
C ASP A 62 1.34 1.09 5.87
N CYS A 63 1.99 0.33 5.00
CA CYS A 63 1.67 -1.09 4.85
C CYS A 63 1.92 -1.83 6.16
N ASP A 64 3.01 -1.46 6.83
CA ASP A 64 3.36 -2.07 8.11
C ASP A 64 2.33 -1.71 9.17
N GLN A 65 1.99 -0.41 9.23
CA GLN A 65 0.99 0.09 10.16
C GLN A 65 -0.37 -0.57 9.90
N ALA A 66 -0.66 -0.85 8.64
CA ALA A 66 -1.89 -1.52 8.26
C ALA A 66 -1.91 -2.96 8.79
N LEU A 67 -0.76 -3.62 8.73
CA LEU A 67 -0.63 -4.98 9.21
C LEU A 67 -0.73 -5.05 10.73
N GLN A 68 -0.30 -3.98 11.39
CA GLN A 68 -0.42 -3.88 12.84
C GLN A 68 -1.89 -3.90 13.27
N LEU A 69 -2.73 -3.29 12.44
CA LEU A 69 -4.15 -3.23 12.72
C LEU A 69 -4.83 -4.51 12.24
N ALA A 70 -4.50 -4.95 11.04
CA ALA A 70 -5.08 -6.15 10.47
C ALA A 70 -3.99 -7.11 10.00
N ASP A 71 -3.77 -8.16 10.78
CA ASP A 71 -2.79 -9.17 10.45
C ASP A 71 -3.34 -10.09 9.38
N GLY A 72 -3.12 -9.72 8.12
CA GLY A 72 -3.63 -10.52 7.02
C GLY A 72 -4.25 -9.64 5.95
N ASN A 73 -3.81 -8.39 5.89
CA ASN A 73 -4.32 -7.45 4.91
C ASN A 73 -3.53 -7.59 3.61
N VAL A 74 -4.17 -8.18 2.61
CA VAL A 74 -3.53 -8.47 1.32
C VAL A 74 -2.98 -7.21 0.68
N LYS A 75 -3.73 -6.11 0.76
CA LYS A 75 -3.31 -4.84 0.19
C LYS A 75 -2.01 -4.37 0.82
N ALA A 76 -1.89 -4.58 2.13
CA ALA A 76 -0.72 -4.13 2.87
C ALA A 76 0.51 -4.90 2.45
N PHE A 77 0.39 -6.21 2.34
CA PHE A 77 1.50 -7.05 1.91
C PHE A 77 1.91 -6.74 0.48
N TYR A 78 0.93 -6.76 -0.42
CA TYR A 78 1.19 -6.57 -1.84
C TYR A 78 1.87 -5.24 -2.12
N ARG A 79 1.39 -4.18 -1.47
CA ARG A 79 1.92 -2.86 -1.72
C ARG A 79 3.20 -2.61 -0.93
N ARG A 80 3.43 -3.38 0.12
CA ARG A 80 4.70 -3.36 0.82
C ARG A 80 5.77 -4.00 -0.06
N ALA A 81 5.39 -5.08 -0.74
CA ALA A 81 6.24 -5.72 -1.73
C ALA A 81 6.62 -4.71 -2.81
N LEU A 82 5.63 -4.02 -3.35
CA LEU A 82 5.88 -2.98 -4.35
C LEU A 82 6.79 -1.90 -3.78
N ALA A 83 6.57 -1.54 -2.53
CA ALA A 83 7.38 -0.55 -1.85
C ALA A 83 8.82 -1.04 -1.68
N HIS A 84 9.00 -2.34 -1.56
CA HIS A 84 10.33 -2.91 -1.50
C HIS A 84 10.94 -3.00 -2.89
N LYS A 85 10.14 -3.45 -3.85
CA LYS A 85 10.59 -3.58 -5.24
C LYS A 85 11.10 -2.23 -5.76
N GLY A 86 10.38 -1.17 -5.43
CA GLY A 86 10.76 0.15 -5.89
C GLY A 86 12.04 0.65 -5.25
N LEU A 87 12.37 0.09 -4.09
CA LEU A 87 13.59 0.45 -3.38
C LEU A 87 14.70 -0.54 -3.71
N LYS A 88 14.46 -1.36 -4.74
CA LYS A 88 15.42 -2.35 -5.21
C LYS A 88 15.64 -3.45 -4.17
N ASN A 89 14.62 -3.67 -3.35
CA ASN A 89 14.64 -4.74 -2.35
C ASN A 89 13.78 -5.91 -2.82
N TYR A 90 14.36 -6.77 -3.63
CA TYR A 90 13.61 -7.84 -4.26
C TYR A 90 13.43 -9.03 -3.32
N GLN A 91 14.43 -9.30 -2.50
CA GLN A 91 14.35 -10.39 -1.55
C GLN A 91 13.27 -10.09 -0.52
N LYS A 92 13.17 -8.83 -0.15
CA LYS A 92 12.18 -8.39 0.81
C LYS A 92 10.77 -8.45 0.21
N SER A 93 10.66 -8.02 -1.05
CA SER A 93 9.38 -7.99 -1.73
C SER A 93 8.81 -9.38 -1.98
N LEU A 94 9.69 -10.35 -2.24
CA LEU A 94 9.25 -11.72 -2.47
C LEU A 94 8.53 -12.28 -1.26
N ILE A 95 8.97 -11.88 -0.08
CA ILE A 95 8.36 -12.32 1.17
C ILE A 95 6.88 -11.94 1.21
N ASP A 96 6.60 -10.68 0.87
CA ASP A 96 5.24 -10.17 0.94
C ASP A 96 4.40 -10.72 -0.20
N LEU A 97 5.03 -10.94 -1.34
CA LEU A 97 4.33 -11.46 -2.51
C LEU A 97 3.88 -12.88 -2.27
N ASN A 98 4.81 -13.74 -1.85
CA ASN A 98 4.49 -15.11 -1.49
C ASN A 98 3.47 -15.16 -0.36
N LYS A 99 3.51 -14.17 0.53
CA LYS A 99 2.55 -14.06 1.61
C LYS A 99 1.14 -13.86 1.06
N VAL A 100 1.00 -12.89 0.15
CA VAL A 100 -0.29 -12.61 -0.49
C VAL A 100 -0.87 -13.86 -1.14
N ILE A 101 0.00 -14.68 -1.71
CA ILE A 101 -0.43 -15.91 -2.38
C ILE A 101 -1.10 -16.87 -1.38
N LEU A 102 -0.69 -16.79 -0.12
CA LEU A 102 -1.29 -17.61 0.93
C LEU A 102 -2.66 -17.08 1.28
N LEU A 103 -2.73 -15.78 1.52
CA LEU A 103 -3.96 -15.09 1.84
C LEU A 103 -5.00 -15.29 0.76
N ASP A 104 -4.66 -14.86 -0.43
CA ASP A 104 -5.55 -14.96 -1.56
C ASP A 104 -4.83 -15.58 -2.76
N PRO A 105 -4.90 -16.91 -2.87
CA PRO A 105 -4.23 -17.66 -3.94
C PRO A 105 -4.88 -17.50 -5.31
N SER A 106 -5.88 -16.63 -5.38
CA SER A 106 -6.62 -16.43 -6.61
C SER A 106 -6.14 -15.16 -7.31
N ILE A 107 -5.24 -14.45 -6.66
CA ILE A 107 -4.70 -13.21 -7.22
C ILE A 107 -3.62 -13.52 -8.26
N ILE A 108 -4.00 -13.45 -9.53
CA ILE A 108 -3.09 -13.79 -10.62
C ILE A 108 -1.98 -12.75 -10.72
N GLU A 109 -2.34 -11.49 -10.56
CA GLU A 109 -1.40 -10.39 -10.67
C GLU A 109 -0.26 -10.54 -9.67
N ALA A 110 -0.57 -11.06 -8.50
CA ALA A 110 0.44 -11.25 -7.45
C ALA A 110 1.40 -12.38 -7.83
N LYS A 111 0.88 -13.38 -8.53
CA LYS A 111 1.69 -14.50 -8.98
C LYS A 111 2.60 -14.05 -10.10
N MET A 112 2.15 -13.05 -10.83
CA MET A 112 2.93 -12.47 -11.91
C MET A 112 4.00 -11.54 -11.36
N GLU A 113 3.81 -11.10 -10.12
CA GLU A 113 4.77 -10.22 -9.47
C GLU A 113 5.90 -11.01 -8.86
N LEU A 114 5.55 -12.08 -8.15
CA LEU A 114 6.53 -12.90 -7.48
C LEU A 114 7.51 -13.51 -8.49
N GLU A 115 7.02 -13.80 -9.69
CA GLU A 115 7.87 -14.37 -10.72
C GLU A 115 8.83 -13.32 -11.26
N GLU A 116 8.32 -12.10 -11.41
CA GLU A 116 9.12 -10.99 -11.93
C GLU A 116 10.22 -10.62 -10.94
N VAL A 117 9.82 -10.43 -9.69
CA VAL A 117 10.74 -10.03 -8.64
C VAL A 117 11.84 -11.08 -8.45
N THR A 118 11.50 -12.35 -8.65
CA THR A 118 12.49 -13.41 -8.57
C THR A 118 13.51 -13.27 -9.70
N ARG A 119 13.05 -12.88 -10.89
CA ARG A 119 13.93 -12.75 -12.03
C ARG A 119 14.83 -11.55 -11.84
N LEU A 120 14.27 -10.53 -11.20
CA LEU A 120 14.99 -9.32 -10.86
C LEU A 120 16.05 -9.61 -9.80
N LEU A 121 15.65 -10.37 -8.80
CA LEU A 121 16.55 -10.74 -7.70
C LEU A 121 17.65 -11.68 -8.21
N ASN A 122 17.33 -12.45 -9.24
CA ASN A 122 18.29 -13.38 -9.82
C ASN A 122 19.20 -12.67 -10.81
N LEU A 123 18.86 -11.43 -11.16
CA LEU A 123 19.68 -10.64 -12.06
C LEU A 123 21.00 -10.28 -11.40
N LYS A 124 21.92 -9.80 -12.21
CA LYS A 124 23.23 -9.40 -11.74
C LYS A 124 23.20 -7.93 -11.31
N ASP A 125 22.11 -7.27 -11.64
CA ASP A 125 21.91 -5.87 -11.28
C ASP A 125 20.45 -5.65 -10.90
N GLY A 1 -20.59 21.50 14.78
CA GLY A 1 -19.11 21.65 14.61
C GLY A 1 -18.68 21.36 13.19
N PRO A 2 -17.46 20.85 12.99
CA PRO A 2 -16.93 20.53 11.66
C PRO A 2 -17.70 19.42 10.98
N HIS A 3 -18.13 19.66 9.76
CA HIS A 3 -18.86 18.67 8.99
C HIS A 3 -17.89 17.66 8.37
N MET A 4 -16.63 18.06 8.26
CA MET A 4 -15.60 17.17 7.76
C MET A 4 -15.11 16.25 8.86
N THR A 5 -15.50 14.99 8.76
CA THR A 5 -15.12 14.00 9.73
C THR A 5 -14.10 13.04 9.15
N PHE A 6 -13.77 12.00 9.91
CA PHE A 6 -12.91 10.94 9.42
C PHE A 6 -13.50 10.32 8.16
N LYS A 7 -14.82 10.18 8.15
CA LYS A 7 -15.52 9.58 7.03
C LYS A 7 -15.44 10.46 5.80
N ALA A 8 -15.63 11.76 6.01
CA ALA A 8 -15.54 12.74 4.93
C ALA A 8 -14.15 12.71 4.29
N LEU A 9 -13.13 12.79 5.14
CA LEU A 9 -11.74 12.77 4.69
C LEU A 9 -11.46 11.50 3.87
N LYS A 10 -11.93 10.37 4.37
CA LYS A 10 -11.76 9.09 3.69
C LYS A 10 -12.41 9.12 2.31
N GLU A 11 -13.71 9.43 2.28
CA GLU A 11 -14.49 9.41 1.04
C GLU A 11 -13.91 10.37 0.01
N GLU A 12 -13.58 11.58 0.44
CA GLU A 12 -13.00 12.57 -0.46
C GLU A 12 -11.65 12.09 -0.96
N GLY A 13 -10.90 11.42 -0.09
CA GLY A 13 -9.62 10.86 -0.48
C GLY A 13 -9.78 9.80 -1.54
N ASN A 14 -10.81 8.97 -1.39
CA ASN A 14 -11.13 7.94 -2.38
C ASN A 14 -11.41 8.58 -3.74
N GLN A 15 -12.08 9.73 -3.70
CA GLN A 15 -12.40 10.45 -4.93
C GLN A 15 -11.13 10.97 -5.60
N CYS A 16 -10.12 11.29 -4.79
CA CYS A 16 -8.83 11.73 -5.30
C CYS A 16 -8.09 10.54 -5.92
N VAL A 17 -8.20 9.39 -5.27
CA VAL A 17 -7.55 8.17 -5.75
C VAL A 17 -8.09 7.77 -7.11
N ASN A 18 -9.41 7.79 -7.26
CA ASN A 18 -10.04 7.43 -8.53
C ASN A 18 -9.81 8.52 -9.57
N ASP A 19 -9.59 9.75 -9.11
CA ASP A 19 -9.29 10.88 -10.00
C ASP A 19 -7.82 10.84 -10.41
N LYS A 20 -7.09 9.88 -9.83
CA LYS A 20 -5.66 9.73 -10.06
C LYS A 20 -4.89 10.94 -9.58
N ASN A 21 -5.47 11.63 -8.61
CA ASN A 21 -4.82 12.76 -7.96
C ASN A 21 -4.34 12.31 -6.59
N TYR A 22 -3.39 11.38 -6.62
CA TYR A 22 -2.94 10.68 -5.43
C TYR A 22 -2.22 11.62 -4.47
N LYS A 23 -1.61 12.64 -5.04
CA LYS A 23 -0.92 13.66 -4.24
C LYS A 23 -1.88 14.39 -3.32
N ASP A 24 -3.13 14.55 -3.77
CA ASP A 24 -4.15 15.21 -2.96
C ASP A 24 -4.76 14.21 -1.99
N ALA A 25 -4.84 12.96 -2.42
CA ALA A 25 -5.36 11.88 -1.59
C ALA A 25 -4.53 11.71 -0.34
N LEU A 26 -3.21 11.86 -0.49
CA LEU A 26 -2.29 11.78 0.64
C LEU A 26 -2.69 12.75 1.73
N SER A 27 -2.96 13.98 1.34
CA SER A 27 -3.35 15.02 2.29
C SER A 27 -4.64 14.64 3.02
N LYS A 28 -5.56 14.02 2.29
CA LYS A 28 -6.84 13.61 2.85
C LYS A 28 -6.64 12.49 3.86
N TYR A 29 -5.94 11.44 3.46
CA TYR A 29 -5.71 10.28 4.31
C TYR A 29 -4.85 10.63 5.52
N SER A 30 -3.93 11.58 5.35
CA SER A 30 -3.07 11.99 6.46
C SER A 30 -3.87 12.73 7.53
N GLU A 31 -4.96 13.36 7.11
CA GLU A 31 -5.86 14.01 8.05
C GLU A 31 -6.75 12.98 8.74
N CYS A 32 -6.92 11.84 8.11
CA CYS A 32 -7.63 10.72 8.73
C CYS A 32 -6.82 10.19 9.90
N LEU A 33 -5.50 10.14 9.71
CA LEU A 33 -4.58 9.62 10.72
C LEU A 33 -4.46 10.59 11.89
N LYS A 34 -4.98 11.78 11.74
CA LYS A 34 -5.06 12.73 12.82
C LYS A 34 -6.21 12.37 13.75
N ILE A 35 -7.21 11.68 13.20
CA ILE A 35 -8.37 11.27 13.95
C ILE A 35 -8.27 9.80 14.37
N ASN A 36 -7.99 8.94 13.40
CA ASN A 36 -8.01 7.49 13.63
C ASN A 36 -6.85 6.82 12.91
N ASN A 37 -6.15 5.95 13.63
CA ASN A 37 -5.04 5.20 13.07
C ASN A 37 -5.28 3.71 13.19
N LYS A 38 -6.53 3.33 13.40
CA LYS A 38 -6.90 1.93 13.51
C LYS A 38 -7.62 1.48 12.24
N GLU A 39 -7.59 2.33 11.22
CA GLU A 39 -8.20 2.02 9.95
C GLU A 39 -7.13 1.66 8.92
N CYS A 40 -6.92 0.37 8.70
CA CYS A 40 -5.89 -0.09 7.77
C CYS A 40 -6.15 0.39 6.34
N ALA A 41 -7.42 0.66 6.02
CA ALA A 41 -7.79 1.14 4.70
C ALA A 41 -7.11 2.46 4.38
N ILE A 42 -6.90 3.29 5.39
CA ILE A 42 -6.23 4.57 5.21
C ILE A 42 -4.78 4.35 4.81
N TYR A 43 -4.11 3.45 5.51
CA TYR A 43 -2.71 3.16 5.23
C TYR A 43 -2.53 2.48 3.88
N THR A 44 -3.38 1.50 3.59
CA THR A 44 -3.27 0.75 2.34
C THR A 44 -3.51 1.65 1.14
N ASN A 45 -4.51 2.53 1.24
CA ASN A 45 -4.82 3.44 0.14
C ASN A 45 -3.81 4.58 0.06
N ARG A 46 -3.28 4.98 1.21
CA ARG A 46 -2.23 6.01 1.23
C ARG A 46 -0.97 5.45 0.59
N ALA A 47 -0.69 4.18 0.88
CA ALA A 47 0.43 3.48 0.27
C ALA A 47 0.28 3.45 -1.25
N LEU A 48 -0.93 3.19 -1.71
CA LEU A 48 -1.22 3.16 -3.14
C LEU A 48 -0.88 4.51 -3.76
N CYS A 49 -1.23 5.58 -3.06
CA CYS A 49 -0.97 6.93 -3.53
C CYS A 49 0.54 7.21 -3.54
N TYR A 50 1.23 6.73 -2.51
CA TYR A 50 2.67 6.89 -2.42
C TYR A 50 3.39 6.14 -3.55
N LEU A 51 2.91 4.94 -3.85
CA LEU A 51 3.48 4.13 -4.91
C LEU A 51 3.46 4.87 -6.24
N LYS A 52 2.37 5.58 -6.49
CA LYS A 52 2.21 6.32 -7.73
C LYS A 52 3.19 7.49 -7.80
N LEU A 53 3.50 8.06 -6.63
CA LEU A 53 4.44 9.18 -6.56
C LEU A 53 5.86 8.68 -6.36
N CYS A 54 6.05 7.37 -6.55
CA CYS A 54 7.36 6.73 -6.47
C CYS A 54 7.96 6.84 -5.07
N GLN A 55 7.10 6.97 -4.07
CA GLN A 55 7.54 7.05 -2.68
C GLN A 55 7.28 5.72 -1.99
N PHE A 56 8.15 4.77 -2.27
CA PHE A 56 7.97 3.39 -1.82
C PHE A 56 8.19 3.27 -0.32
N GLU A 57 9.23 3.93 0.18
CA GLU A 57 9.58 3.83 1.60
C GLU A 57 8.41 4.28 2.47
N GLU A 58 7.69 5.30 2.02
CA GLU A 58 6.52 5.79 2.72
C GLU A 58 5.40 4.74 2.66
N ALA A 59 5.13 4.28 1.45
CA ALA A 59 4.07 3.30 1.21
C ALA A 59 4.32 2.01 1.96
N LYS A 60 5.58 1.65 2.06
CA LYS A 60 6.02 0.43 2.69
C LYS A 60 5.74 0.46 4.18
N GLN A 61 6.10 1.57 4.82
CA GLN A 61 5.90 1.73 6.25
C GLN A 61 4.42 1.83 6.58
N ASP A 62 3.67 2.45 5.68
CA ASP A 62 2.22 2.55 5.81
C ASP A 62 1.60 1.15 5.86
N CYS A 63 2.02 0.29 4.95
CA CYS A 63 1.53 -1.07 4.89
C CYS A 63 1.87 -1.83 6.18
N ASP A 64 3.00 -1.50 6.78
CA ASP A 64 3.40 -2.08 8.06
C ASP A 64 2.36 -1.77 9.12
N GLN A 65 1.95 -0.50 9.16
CA GLN A 65 0.91 -0.06 10.09
C GLN A 65 -0.42 -0.73 9.79
N ALA A 66 -0.72 -0.88 8.49
CA ALA A 66 -1.96 -1.53 8.07
C ALA A 66 -2.03 -2.97 8.57
N LEU A 67 -0.89 -3.66 8.49
CA LEU A 67 -0.80 -5.05 8.95
C LEU A 67 -0.89 -5.13 10.47
N GLN A 68 -0.47 -4.07 11.14
CA GLN A 68 -0.58 -4.00 12.60
C GLN A 68 -2.04 -3.86 13.02
N LEU A 69 -2.88 -3.42 12.10
CA LEU A 69 -4.30 -3.27 12.36
C LEU A 69 -5.07 -4.49 11.86
N ALA A 70 -4.71 -4.95 10.67
CA ALA A 70 -5.32 -6.13 10.08
C ALA A 70 -4.24 -7.15 9.75
N ASP A 71 -4.16 -8.17 10.59
CA ASP A 71 -3.16 -9.22 10.41
C ASP A 71 -3.62 -10.21 9.35
N GLY A 72 -3.28 -9.92 8.11
CA GLY A 72 -3.68 -10.76 7.01
C GLY A 72 -4.25 -9.97 5.86
N ASN A 73 -4.00 -8.67 5.87
CA ASN A 73 -4.48 -7.78 4.83
C ASN A 73 -3.67 -7.97 3.56
N VAL A 74 -4.27 -8.64 2.58
CA VAL A 74 -3.60 -8.97 1.33
C VAL A 74 -3.14 -7.71 0.60
N LYS A 75 -3.97 -6.67 0.64
CA LYS A 75 -3.64 -5.41 -0.01
C LYS A 75 -2.42 -4.76 0.64
N ALA A 76 -2.27 -4.97 1.94
CA ALA A 76 -1.15 -4.42 2.67
C ALA A 76 0.14 -5.13 2.29
N PHE A 77 0.08 -6.46 2.19
CA PHE A 77 1.24 -7.25 1.80
C PHE A 77 1.63 -6.93 0.37
N TYR A 78 0.65 -6.95 -0.52
CA TYR A 78 0.87 -6.73 -1.93
C TYR A 78 1.52 -5.38 -2.20
N ARG A 79 1.03 -4.34 -1.53
CA ARG A 79 1.53 -2.99 -1.76
C ARG A 79 2.84 -2.76 -1.02
N ARG A 80 3.05 -3.46 0.08
CA ARG A 80 4.34 -3.40 0.77
C ARG A 80 5.41 -4.08 -0.08
N ALA A 81 5.00 -5.16 -0.75
CA ALA A 81 5.87 -5.84 -1.70
C ALA A 81 6.26 -4.92 -2.84
N LEU A 82 5.28 -4.22 -3.40
CA LEU A 82 5.54 -3.26 -4.46
C LEU A 82 6.49 -2.16 -3.98
N ALA A 83 6.30 -1.75 -2.73
CA ALA A 83 7.14 -0.73 -2.13
C ALA A 83 8.56 -1.23 -1.93
N HIS A 84 8.71 -2.38 -1.30
CA HIS A 84 10.02 -3.01 -1.13
C HIS A 84 10.69 -3.19 -2.49
N LYS A 85 9.91 -3.62 -3.47
CA LYS A 85 10.37 -3.85 -4.83
C LYS A 85 10.98 -2.58 -5.41
N GLY A 86 10.30 -1.46 -5.23
CA GLY A 86 10.78 -0.19 -5.74
C GLY A 86 12.03 0.29 -5.01
N LEU A 87 12.24 -0.23 -3.81
CA LEU A 87 13.40 0.12 -3.01
C LEU A 87 14.53 -0.87 -3.24
N LYS A 88 14.32 -1.79 -4.18
CA LYS A 88 15.28 -2.85 -4.49
C LYS A 88 15.43 -3.82 -3.31
N ASN A 89 14.39 -3.87 -2.47
CA ASN A 89 14.33 -4.82 -1.37
C ASN A 89 13.56 -6.05 -1.82
N TYR A 90 14.15 -6.78 -2.76
CA TYR A 90 13.44 -7.83 -3.47
C TYR A 90 13.27 -9.06 -2.59
N GLN A 91 14.25 -9.32 -1.74
CA GLN A 91 14.20 -10.45 -0.83
C GLN A 91 13.04 -10.24 0.16
N LYS A 92 12.81 -8.98 0.49
CA LYS A 92 11.74 -8.60 1.41
C LYS A 92 10.39 -8.64 0.72
N SER A 93 10.34 -8.13 -0.50
CA SER A 93 9.11 -8.08 -1.28
C SER A 93 8.55 -9.47 -1.55
N LEU A 94 9.44 -10.40 -1.87
CA LEU A 94 9.03 -11.77 -2.17
C LEU A 94 8.30 -12.42 -1.00
N ILE A 95 8.67 -12.02 0.21
CA ILE A 95 8.02 -12.55 1.41
C ILE A 95 6.56 -12.13 1.45
N ASP A 96 6.29 -10.91 1.03
CA ASP A 96 4.93 -10.39 1.02
C ASP A 96 4.15 -10.92 -0.17
N LEU A 97 4.82 -11.05 -1.31
CA LEU A 97 4.18 -11.56 -2.51
C LEU A 97 3.78 -13.01 -2.31
N ASN A 98 4.69 -13.80 -1.76
CA ASN A 98 4.38 -15.19 -1.44
C ASN A 98 3.27 -15.28 -0.40
N LYS A 99 3.28 -14.35 0.55
CA LYS A 99 2.24 -14.27 1.57
C LYS A 99 0.87 -14.08 0.91
N VAL A 100 0.82 -13.17 -0.06
CA VAL A 100 -0.39 -12.93 -0.83
C VAL A 100 -0.84 -14.20 -1.55
N ILE A 101 0.13 -14.96 -2.05
CA ILE A 101 -0.15 -16.22 -2.74
C ILE A 101 -0.74 -17.24 -1.76
N LEU A 102 -0.37 -17.14 -0.49
CA LEU A 102 -0.88 -18.04 0.53
C LEU A 102 -2.29 -17.63 0.92
N LEU A 103 -2.50 -16.33 1.07
CA LEU A 103 -3.80 -15.80 1.46
C LEU A 103 -4.80 -15.94 0.33
N ASP A 104 -4.40 -15.54 -0.87
CA ASP A 104 -5.26 -15.64 -2.03
C ASP A 104 -4.44 -15.99 -3.27
N PRO A 105 -4.32 -17.29 -3.57
CA PRO A 105 -3.53 -17.77 -4.71
C PRO A 105 -4.23 -17.55 -6.05
N SER A 106 -5.34 -16.84 -6.01
CA SER A 106 -6.14 -16.60 -7.21
C SER A 106 -5.71 -15.29 -7.87
N ILE A 107 -4.83 -14.56 -7.20
CA ILE A 107 -4.43 -13.25 -7.67
C ILE A 107 -3.32 -13.35 -8.72
N ILE A 108 -3.69 -13.15 -9.98
CA ILE A 108 -2.74 -13.19 -11.08
C ILE A 108 -1.72 -12.06 -10.94
N GLU A 109 -2.19 -10.95 -10.40
CA GLU A 109 -1.35 -9.77 -10.20
C GLU A 109 -0.09 -10.12 -9.41
N ALA A 110 -0.28 -10.86 -8.33
CA ALA A 110 0.82 -11.25 -7.45
C ALA A 110 1.69 -12.30 -8.11
N LYS A 111 1.10 -13.09 -9.00
CA LYS A 111 1.82 -14.17 -9.68
C LYS A 111 2.82 -13.57 -10.65
N MET A 112 2.49 -12.43 -11.20
CA MET A 112 3.34 -11.76 -12.18
C MET A 112 4.39 -10.91 -11.49
N GLU A 113 4.07 -10.43 -10.30
CA GLU A 113 5.00 -9.59 -9.55
C GLU A 113 6.09 -10.44 -8.90
N LEU A 114 5.73 -11.55 -8.27
CA LEU A 114 6.72 -12.34 -7.55
C LEU A 114 7.70 -13.00 -8.51
N GLU A 115 7.24 -13.31 -9.72
CA GLU A 115 8.14 -13.88 -10.73
C GLU A 115 9.13 -12.82 -11.19
N GLU A 116 8.66 -11.57 -11.26
CA GLU A 116 9.50 -10.45 -11.67
C GLU A 116 10.52 -10.15 -10.59
N VAL A 117 10.04 -10.01 -9.36
CA VAL A 117 10.89 -9.70 -8.22
C VAL A 117 11.98 -10.77 -8.04
N THR A 118 11.64 -12.01 -8.34
CA THR A 118 12.61 -13.09 -8.28
C THR A 118 13.76 -12.85 -9.25
N ARG A 119 13.44 -12.36 -10.44
CA ARG A 119 14.46 -12.15 -11.47
C ARG A 119 15.24 -10.88 -11.16
N LEU A 120 14.54 -9.90 -10.62
CA LEU A 120 15.13 -8.66 -10.17
C LEU A 120 16.12 -8.92 -9.04
N LEU A 121 15.73 -9.80 -8.13
CA LEU A 121 16.58 -10.21 -7.01
C LEU A 121 17.81 -10.95 -7.51
N ASN A 122 17.64 -11.69 -8.60
CA ASN A 122 18.74 -12.44 -9.19
C ASN A 122 19.73 -11.50 -9.86
N LEU A 123 19.25 -10.33 -10.27
CA LEU A 123 20.11 -9.31 -10.85
C LEU A 123 20.95 -8.66 -9.76
N LYS A 124 21.99 -7.96 -10.17
CA LYS A 124 22.93 -7.36 -9.23
C LYS A 124 22.73 -5.85 -9.16
N ASP A 125 22.39 -5.25 -10.27
CA ASP A 125 22.21 -3.80 -10.34
C ASP A 125 20.79 -3.41 -9.96
N GLY A 1 -20.52 22.76 14.32
CA GLY A 1 -20.65 21.30 14.07
C GLY A 1 -19.61 20.82 13.08
N PRO A 2 -19.21 19.54 13.15
CA PRO A 2 -18.23 18.96 12.23
C PRO A 2 -18.64 19.07 10.77
N HIS A 3 -17.83 19.74 9.98
CA HIS A 3 -18.09 19.89 8.56
C HIS A 3 -17.52 18.70 7.79
N MET A 4 -16.39 18.20 8.27
CA MET A 4 -15.74 17.06 7.65
C MET A 4 -15.48 15.98 8.69
N THR A 5 -15.84 14.76 8.35
CA THR A 5 -15.64 13.63 9.25
C THR A 5 -14.63 12.65 8.68
N PHE A 6 -14.32 11.61 9.43
CA PHE A 6 -13.41 10.57 8.98
C PHE A 6 -13.90 9.97 7.68
N LYS A 7 -15.19 9.65 7.63
CA LYS A 7 -15.78 9.04 6.45
C LYS A 7 -15.76 10.01 5.28
N ALA A 8 -16.06 11.28 5.55
CA ALA A 8 -16.11 12.31 4.52
C ALA A 8 -14.74 12.55 3.90
N LEU A 9 -13.71 12.48 4.71
CA LEU A 9 -12.35 12.68 4.24
C LEU A 9 -11.86 11.47 3.46
N LYS A 10 -12.24 10.29 3.94
CA LYS A 10 -11.82 9.05 3.30
C LYS A 10 -12.54 8.85 1.97
N GLU A 11 -13.81 9.26 1.90
CA GLU A 11 -14.60 9.08 0.68
C GLU A 11 -14.03 9.94 -0.45
N GLU A 12 -13.69 11.19 -0.14
CA GLU A 12 -13.14 12.08 -1.15
C GLU A 12 -11.70 11.67 -1.47
N GLY A 13 -11.04 11.09 -0.47
CA GLY A 13 -9.70 10.55 -0.69
C GLY A 13 -9.72 9.43 -1.71
N ASN A 14 -10.70 8.54 -1.57
CA ASN A 14 -10.87 7.44 -2.52
C ASN A 14 -11.09 7.98 -3.92
N GLN A 15 -11.79 9.11 -4.02
CA GLN A 15 -12.06 9.74 -5.29
C GLN A 15 -10.77 10.25 -5.92
N CYS A 16 -9.91 10.85 -5.10
CA CYS A 16 -8.62 11.34 -5.56
C CYS A 16 -7.73 10.18 -6.01
N VAL A 17 -7.82 9.06 -5.32
CA VAL A 17 -7.06 7.86 -5.69
C VAL A 17 -7.48 7.37 -7.08
N ASN A 18 -8.79 7.31 -7.32
CA ASN A 18 -9.31 6.89 -8.61
C ASN A 18 -9.10 7.98 -9.65
N ASP A 19 -8.97 9.21 -9.20
CA ASP A 19 -8.72 10.36 -10.06
C ASP A 19 -7.25 10.40 -10.47
N LYS A 20 -6.45 9.55 -9.80
CA LYS A 20 -5.01 9.47 -10.02
C LYS A 20 -4.31 10.69 -9.44
N ASN A 21 -4.98 11.35 -8.50
CA ASN A 21 -4.41 12.50 -7.81
C ASN A 21 -3.99 12.10 -6.41
N TYR A 22 -2.90 11.34 -6.35
CA TYR A 22 -2.47 10.72 -5.11
C TYR A 22 -1.85 11.72 -4.16
N LYS A 23 -1.20 12.74 -4.70
CA LYS A 23 -0.57 13.77 -3.88
C LYS A 23 -1.59 14.47 -2.99
N ASP A 24 -2.82 14.63 -3.48
CA ASP A 24 -3.87 15.24 -2.69
C ASP A 24 -4.56 14.18 -1.84
N ALA A 25 -4.64 12.96 -2.35
CA ALA A 25 -5.21 11.84 -1.61
C ALA A 25 -4.46 11.62 -0.31
N LEU A 26 -3.13 11.77 -0.36
CA LEU A 26 -2.29 11.67 0.81
C LEU A 26 -2.80 12.59 1.92
N SER A 27 -3.07 13.84 1.56
CA SER A 27 -3.54 14.83 2.51
C SER A 27 -4.87 14.41 3.12
N LYS A 28 -5.76 13.89 2.28
CA LYS A 28 -7.08 13.44 2.74
C LYS A 28 -6.93 12.38 3.81
N TYR A 29 -6.14 11.35 3.51
CA TYR A 29 -5.93 10.24 4.42
C TYR A 29 -5.14 10.68 5.65
N SER A 30 -4.31 11.70 5.50
CA SER A 30 -3.54 12.24 6.62
C SER A 30 -4.48 12.87 7.64
N GLU A 31 -5.54 13.50 7.16
CA GLU A 31 -6.54 14.09 8.03
C GLU A 31 -7.38 13.00 8.68
N CYS A 32 -7.55 11.89 7.97
CA CYS A 32 -8.22 10.72 8.52
C CYS A 32 -7.45 10.19 9.72
N LEU A 33 -6.12 10.14 9.58
CA LEU A 33 -5.25 9.64 10.64
C LEU A 33 -5.35 10.51 11.89
N LYS A 34 -5.60 11.80 11.70
CA LYS A 34 -5.76 12.72 12.81
C LYS A 34 -6.96 12.32 13.66
N ILE A 35 -7.93 11.71 13.00
CA ILE A 35 -9.15 11.25 13.67
C ILE A 35 -8.98 9.82 14.16
N ASN A 36 -8.48 8.96 13.28
CA ASN A 36 -8.34 7.54 13.58
C ASN A 36 -7.10 6.95 12.90
N ASN A 37 -6.24 6.31 13.69
CA ASN A 37 -5.04 5.70 13.16
C ASN A 37 -5.14 4.19 13.21
N LYS A 38 -6.29 3.68 13.65
CA LYS A 38 -6.49 2.25 13.79
C LYS A 38 -7.18 1.67 12.56
N GLU A 39 -7.19 2.44 11.48
CA GLU A 39 -7.80 1.99 10.24
C GLU A 39 -6.72 1.61 9.23
N CYS A 40 -6.57 0.32 8.98
CA CYS A 40 -5.59 -0.19 8.04
C CYS A 40 -5.92 0.23 6.61
N ALA A 41 -7.19 0.52 6.36
CA ALA A 41 -7.64 0.95 5.04
C ALA A 41 -6.99 2.28 4.66
N ILE A 42 -6.78 3.15 5.66
CA ILE A 42 -6.13 4.43 5.43
C ILE A 42 -4.69 4.23 5.00
N TYR A 43 -3.94 3.46 5.79
CA TYR A 43 -2.53 3.21 5.53
C TYR A 43 -2.32 2.55 4.17
N THR A 44 -3.12 1.52 3.88
CA THR A 44 -2.99 0.81 2.63
C THR A 44 -3.24 1.74 1.43
N ASN A 45 -4.16 2.69 1.59
CA ASN A 45 -4.45 3.64 0.53
C ASN A 45 -3.36 4.68 0.40
N ARG A 46 -2.81 5.14 1.54
CA ARG A 46 -1.70 6.08 1.51
C ARG A 46 -0.50 5.45 0.83
N ALA A 47 -0.27 4.17 1.14
CA ALA A 47 0.81 3.41 0.53
C ALA A 47 0.66 3.37 -0.99
N LEU A 48 -0.56 3.10 -1.46
CA LEU A 48 -0.85 3.09 -2.88
C LEU A 48 -0.52 4.44 -3.50
N CYS A 49 -0.88 5.50 -2.78
CA CYS A 49 -0.60 6.86 -3.21
C CYS A 49 0.91 7.10 -3.26
N TYR A 50 1.59 6.74 -2.17
CA TYR A 50 3.05 6.91 -2.10
C TYR A 50 3.75 6.20 -3.24
N LEU A 51 3.29 5.00 -3.57
CA LEU A 51 3.88 4.21 -4.64
C LEU A 51 3.92 4.98 -5.95
N LYS A 52 2.88 5.76 -6.22
CA LYS A 52 2.75 6.47 -7.48
C LYS A 52 3.64 7.72 -7.49
N LEU A 53 3.99 8.23 -6.32
CA LEU A 53 4.95 9.34 -6.24
C LEU A 53 6.35 8.79 -5.96
N CYS A 54 6.50 7.48 -6.09
CA CYS A 54 7.78 6.79 -5.91
C CYS A 54 8.28 6.91 -4.46
N GLN A 55 7.37 7.19 -3.54
CA GLN A 55 7.71 7.29 -2.14
C GLN A 55 7.57 5.93 -1.48
N PHE A 56 8.42 5.00 -1.89
CA PHE A 56 8.32 3.61 -1.50
C PHE A 56 8.66 3.43 -0.02
N GLU A 57 9.62 4.21 0.46
CA GLU A 57 10.07 4.12 1.85
C GLU A 57 8.89 4.35 2.80
N GLU A 58 8.10 5.38 2.51
CA GLU A 58 6.94 5.69 3.32
C GLU A 58 5.81 4.69 3.08
N ALA A 59 5.67 4.25 1.84
CA ALA A 59 4.65 3.25 1.49
C ALA A 59 4.87 1.96 2.26
N LYS A 60 6.14 1.58 2.40
CA LYS A 60 6.53 0.39 3.15
C LYS A 60 6.00 0.46 4.58
N GLN A 61 6.23 1.61 5.22
CA GLN A 61 5.88 1.78 6.63
C GLN A 61 4.37 1.81 6.82
N ASP A 62 3.65 2.43 5.89
CA ASP A 62 2.20 2.49 5.98
C ASP A 62 1.59 1.10 5.87
N CYS A 63 2.10 0.31 4.94
CA CYS A 63 1.65 -1.07 4.79
C CYS A 63 1.95 -1.86 6.06
N ASP A 64 3.07 -1.54 6.69
CA ASP A 64 3.47 -2.16 7.94
C ASP A 64 2.46 -1.83 9.04
N GLN A 65 2.14 -0.54 9.16
CA GLN A 65 1.15 -0.08 10.13
C GLN A 65 -0.21 -0.71 9.85
N ALA A 66 -0.51 -0.92 8.58
CA ALA A 66 -1.75 -1.57 8.19
C ALA A 66 -1.77 -3.03 8.68
N LEU A 67 -0.62 -3.66 8.65
CA LEU A 67 -0.50 -5.04 9.10
C LEU A 67 -0.55 -5.14 10.62
N GLN A 68 -0.09 -4.09 11.28
CA GLN A 68 -0.16 -4.00 12.73
C GLN A 68 -1.63 -4.04 13.17
N LEU A 69 -2.49 -3.44 12.36
CA LEU A 69 -3.91 -3.39 12.64
C LEU A 69 -4.63 -4.61 12.08
N ALA A 70 -4.21 -5.05 10.90
CA ALA A 70 -4.82 -6.21 10.26
C ALA A 70 -3.75 -7.20 9.81
N ASP A 71 -3.63 -8.29 10.55
CA ASP A 71 -2.67 -9.33 10.22
C ASP A 71 -3.27 -10.28 9.19
N GLY A 72 -3.08 -9.95 7.92
CA GLY A 72 -3.66 -10.74 6.85
C GLY A 72 -4.29 -9.86 5.79
N ASN A 73 -3.87 -8.60 5.76
CA ASN A 73 -4.40 -7.64 4.80
C ASN A 73 -3.61 -7.72 3.50
N VAL A 74 -4.25 -8.29 2.49
CA VAL A 74 -3.62 -8.52 1.19
C VAL A 74 -3.12 -7.21 0.58
N LYS A 75 -3.91 -6.15 0.69
CA LYS A 75 -3.54 -4.86 0.14
C LYS A 75 -2.25 -4.36 0.78
N ALA A 76 -2.09 -4.63 2.06
CA ALA A 76 -0.91 -4.18 2.79
C ALA A 76 0.33 -4.92 2.33
N PHE A 77 0.22 -6.24 2.18
CA PHE A 77 1.34 -7.06 1.74
C PHE A 77 1.74 -6.69 0.33
N TYR A 78 0.77 -6.68 -0.57
CA TYR A 78 1.02 -6.44 -1.99
C TYR A 78 1.67 -5.09 -2.22
N ARG A 79 1.20 -4.08 -1.51
CA ARG A 79 1.70 -2.72 -1.71
C ARG A 79 3.03 -2.50 -0.99
N ARG A 80 3.27 -3.26 0.09
CA ARG A 80 4.57 -3.24 0.74
C ARG A 80 5.60 -3.91 -0.15
N ALA A 81 5.15 -4.96 -0.84
CA ALA A 81 5.98 -5.64 -1.82
C ALA A 81 6.36 -4.69 -2.95
N LEU A 82 5.40 -3.90 -3.41
CA LEU A 82 5.64 -2.91 -4.45
C LEU A 82 6.61 -1.83 -3.94
N ALA A 83 6.45 -1.47 -2.67
CA ALA A 83 7.33 -0.49 -2.04
C ALA A 83 8.76 -1.02 -2.00
N HIS A 84 8.92 -2.24 -1.50
CA HIS A 84 10.22 -2.88 -1.44
C HIS A 84 10.80 -3.05 -2.84
N LYS A 85 9.93 -3.41 -3.79
CA LYS A 85 10.32 -3.58 -5.18
C LYS A 85 10.98 -2.32 -5.73
N GLY A 86 10.46 -1.16 -5.33
CA GLY A 86 11.02 0.10 -5.77
C GLY A 86 12.31 0.44 -5.05
N LEU A 87 12.43 -0.02 -3.81
CA LEU A 87 13.60 0.27 -3.00
C LEU A 87 14.70 -0.76 -3.24
N LYS A 88 14.49 -1.63 -4.23
CA LYS A 88 15.41 -2.70 -4.58
C LYS A 88 15.52 -3.72 -3.45
N ASN A 89 14.41 -3.94 -2.76
CA ASN A 89 14.32 -4.96 -1.73
C ASN A 89 13.49 -6.11 -2.26
N TYR A 90 14.00 -6.79 -3.27
CA TYR A 90 13.22 -7.79 -3.97
C TYR A 90 13.02 -9.02 -3.10
N GLN A 91 13.99 -9.31 -2.25
CA GLN A 91 13.88 -10.43 -1.33
C GLN A 91 12.78 -10.14 -0.31
N LYS A 92 12.71 -8.90 0.13
CA LYS A 92 11.73 -8.46 1.10
C LYS A 92 10.34 -8.47 0.47
N SER A 93 10.28 -8.01 -0.77
CA SER A 93 9.04 -7.95 -1.53
C SER A 93 8.46 -9.34 -1.75
N LEU A 94 9.33 -10.30 -2.07
CA LEU A 94 8.91 -11.67 -2.30
C LEU A 94 8.23 -12.26 -1.07
N ILE A 95 8.70 -11.86 0.10
CA ILE A 95 8.12 -12.33 1.36
C ILE A 95 6.66 -11.89 1.47
N ASP A 96 6.37 -10.69 0.97
CA ASP A 96 5.02 -10.16 1.00
C ASP A 96 4.18 -10.72 -0.14
N LEU A 97 4.80 -10.90 -1.30
CA LEU A 97 4.11 -11.42 -2.46
C LEU A 97 3.67 -12.86 -2.23
N ASN A 98 4.60 -13.67 -1.74
CA ASN A 98 4.30 -15.06 -1.40
C ASN A 98 3.24 -15.13 -0.30
N LYS A 99 3.25 -14.13 0.57
CA LYS A 99 2.25 -14.03 1.62
C LYS A 99 0.88 -13.76 1.02
N VAL A 100 0.80 -12.85 0.06
CA VAL A 100 -0.44 -12.58 -0.66
C VAL A 100 -0.97 -13.87 -1.30
N ILE A 101 -0.07 -14.68 -1.80
CA ILE A 101 -0.42 -15.97 -2.40
C ILE A 101 -1.08 -16.89 -1.37
N LEU A 102 -0.78 -16.65 -0.10
CA LEU A 102 -1.38 -17.44 0.98
C LEU A 102 -2.81 -17.02 1.22
N LEU A 103 -3.03 -15.72 1.49
CA LEU A 103 -4.38 -15.21 1.64
C LEU A 103 -5.23 -15.48 0.41
N ASP A 104 -4.76 -14.96 -0.71
CA ASP A 104 -5.51 -15.09 -1.95
C ASP A 104 -4.58 -15.36 -3.13
N PRO A 105 -4.40 -16.65 -3.48
CA PRO A 105 -3.58 -17.06 -4.61
C PRO A 105 -4.28 -16.90 -5.95
N SER A 106 -5.45 -16.27 -5.93
CA SER A 106 -6.26 -16.13 -7.14
C SER A 106 -5.98 -14.78 -7.79
N ILE A 107 -5.22 -13.95 -7.09
CA ILE A 107 -4.83 -12.65 -7.60
C ILE A 107 -3.79 -12.80 -8.69
N ILE A 108 -4.20 -12.57 -9.92
CA ILE A 108 -3.31 -12.69 -11.06
C ILE A 108 -2.14 -11.73 -10.93
N GLU A 109 -2.42 -10.54 -10.43
CA GLU A 109 -1.40 -9.51 -10.23
C GLU A 109 -0.28 -10.03 -9.34
N ALA A 110 -0.64 -10.68 -8.24
CA ALA A 110 0.33 -11.19 -7.29
C ALA A 110 1.15 -12.31 -7.90
N LYS A 111 0.51 -13.08 -8.77
CA LYS A 111 1.17 -14.21 -9.41
C LYS A 111 2.15 -13.71 -10.47
N MET A 112 1.87 -12.54 -11.02
CA MET A 112 2.73 -11.96 -12.03
C MET A 112 3.85 -11.15 -11.39
N GLU A 113 3.65 -10.71 -10.17
CA GLU A 113 4.66 -9.93 -9.47
C GLU A 113 5.77 -10.82 -8.93
N LEU A 114 5.43 -11.87 -8.18
CA LEU A 114 6.45 -12.67 -7.52
C LEU A 114 7.34 -13.38 -8.53
N GLU A 115 6.81 -13.62 -9.73
CA GLU A 115 7.60 -14.23 -10.79
C GLU A 115 8.63 -13.24 -11.33
N GLU A 116 8.23 -11.98 -11.40
CA GLU A 116 9.08 -10.93 -11.94
C GLU A 116 10.09 -10.49 -10.90
N VAL A 117 9.63 -10.31 -9.67
CA VAL A 117 10.48 -9.87 -8.58
C VAL A 117 11.61 -10.88 -8.33
N THR A 118 11.33 -12.15 -8.56
CA THR A 118 12.37 -13.17 -8.48
C THR A 118 13.44 -12.95 -9.56
N ARG A 119 13.01 -12.45 -10.71
CA ARG A 119 13.92 -12.22 -11.83
C ARG A 119 14.68 -10.93 -11.61
N LEU A 120 13.97 -9.95 -11.05
CA LEU A 120 14.57 -8.68 -10.67
C LEU A 120 15.65 -8.90 -9.62
N LEU A 121 15.35 -9.75 -8.66
CA LEU A 121 16.30 -10.12 -7.62
C LEU A 121 17.51 -10.81 -8.20
N ASN A 122 17.30 -11.56 -9.27
CA ASN A 122 18.39 -12.28 -9.93
C ASN A 122 19.19 -11.39 -10.87
N LEU A 123 18.59 -10.26 -11.26
CA LEU A 123 19.25 -9.34 -12.18
C LEU A 123 20.30 -8.49 -11.47
N LYS A 124 21.23 -7.98 -12.26
CA LYS A 124 22.29 -7.13 -11.74
C LYS A 124 21.97 -5.67 -12.03
N ASP A 125 20.97 -5.47 -12.89
CA ASP A 125 20.48 -4.15 -13.27
C ASP A 125 21.54 -3.36 -14.02
N GLY A 1 -13.03 21.25 4.51
CA GLY A 1 -14.41 21.26 5.06
C GLY A 1 -14.41 21.16 6.57
N PRO A 2 -15.04 22.12 7.27
CA PRO A 2 -15.11 22.11 8.74
C PRO A 2 -15.78 20.85 9.27
N HIS A 3 -16.90 20.47 8.66
CA HIS A 3 -17.62 19.28 9.06
C HIS A 3 -17.19 18.10 8.18
N MET A 4 -16.01 17.57 8.47
CA MET A 4 -15.49 16.43 7.73
C MET A 4 -15.39 15.22 8.64
N THR A 5 -15.95 14.12 8.18
CA THR A 5 -15.92 12.89 8.95
C THR A 5 -14.90 11.91 8.37
N PHE A 6 -14.68 10.80 9.06
CA PHE A 6 -13.74 9.79 8.59
C PHE A 6 -14.18 9.27 7.23
N LYS A 7 -15.48 9.03 7.09
CA LYS A 7 -16.04 8.54 5.85
C LYS A 7 -15.88 9.55 4.71
N ALA A 8 -16.36 10.76 4.93
CA ALA A 8 -16.33 11.79 3.90
C ALA A 8 -14.92 12.04 3.39
N LEU A 9 -13.97 12.17 4.32
CA LEU A 9 -12.58 12.37 3.96
C LEU A 9 -12.03 11.18 3.17
N LYS A 10 -12.32 9.98 3.65
CA LYS A 10 -11.79 8.76 3.04
C LYS A 10 -12.38 8.53 1.66
N GLU A 11 -13.69 8.69 1.54
CA GLU A 11 -14.39 8.39 0.30
C GLU A 11 -14.08 9.43 -0.78
N GLU A 12 -13.84 10.66 -0.37
CA GLU A 12 -13.40 11.69 -1.31
C GLU A 12 -11.92 11.50 -1.66
N GLY A 13 -11.13 11.12 -0.67
CA GLY A 13 -9.72 10.82 -0.90
C GLY A 13 -9.55 9.66 -1.85
N ASN A 14 -10.48 8.70 -1.80
CA ASN A 14 -10.47 7.56 -2.72
C ASN A 14 -10.65 8.03 -4.16
N GLN A 15 -11.39 9.10 -4.34
CA GLN A 15 -11.62 9.64 -5.68
C GLN A 15 -10.38 10.35 -6.18
N CYS A 16 -9.59 10.90 -5.26
CA CYS A 16 -8.30 11.46 -5.62
C CYS A 16 -7.41 10.37 -6.18
N VAL A 17 -7.49 9.18 -5.58
CA VAL A 17 -6.77 8.01 -6.06
C VAL A 17 -7.25 7.61 -7.45
N ASN A 18 -8.57 7.63 -7.63
CA ASN A 18 -9.17 7.28 -8.92
C ASN A 18 -8.80 8.31 -9.99
N ASP A 19 -8.67 9.56 -9.59
CA ASP A 19 -8.30 10.63 -10.51
C ASP A 19 -6.79 10.67 -10.73
N LYS A 20 -6.08 9.84 -9.97
CA LYS A 20 -4.62 9.78 -10.00
C LYS A 20 -4.00 11.06 -9.49
N ASN A 21 -4.65 11.65 -8.51
CA ASN A 21 -4.14 12.81 -7.81
C ASN A 21 -3.68 12.36 -6.42
N TYR A 22 -2.65 11.51 -6.42
CA TYR A 22 -2.20 10.82 -5.23
C TYR A 22 -1.56 11.78 -4.24
N LYS A 23 -1.00 12.86 -4.76
CA LYS A 23 -0.37 13.87 -3.92
C LYS A 23 -1.40 14.48 -2.97
N ASP A 24 -2.62 14.63 -3.47
CA ASP A 24 -3.69 15.21 -2.68
C ASP A 24 -4.30 14.16 -1.77
N ALA A 25 -4.42 12.94 -2.29
CA ALA A 25 -4.97 11.81 -1.54
C ALA A 25 -4.22 11.62 -0.23
N LEU A 26 -2.91 11.84 -0.25
CA LEU A 26 -2.08 11.75 0.95
C LEU A 26 -2.66 12.62 2.06
N SER A 27 -2.98 13.86 1.72
CA SER A 27 -3.49 14.82 2.70
C SER A 27 -4.84 14.35 3.23
N LYS A 28 -5.70 13.89 2.32
CA LYS A 28 -7.03 13.44 2.68
C LYS A 28 -6.97 12.29 3.68
N TYR A 29 -6.13 11.30 3.38
CA TYR A 29 -6.00 10.14 4.24
C TYR A 29 -5.31 10.49 5.56
N SER A 30 -4.44 11.48 5.52
CA SER A 30 -3.77 11.94 6.74
C SER A 30 -4.77 12.64 7.66
N GLU A 31 -5.80 13.23 7.06
CA GLU A 31 -6.89 13.82 7.83
C GLU A 31 -7.70 12.71 8.50
N CYS A 32 -7.85 11.60 7.79
CA CYS A 32 -8.55 10.43 8.32
C CYS A 32 -7.81 9.88 9.53
N LEU A 33 -6.48 9.86 9.46
CA LEU A 33 -5.65 9.37 10.55
C LEU A 33 -5.91 10.15 11.83
N LYS A 34 -6.12 11.45 11.70
CA LYS A 34 -6.38 12.32 12.85
C LYS A 34 -7.64 11.89 13.59
N ILE A 35 -8.52 11.22 12.87
CA ILE A 35 -9.74 10.69 13.45
C ILE A 35 -9.53 9.25 13.91
N ASN A 36 -8.82 8.46 13.11
CA ASN A 36 -8.57 7.06 13.44
C ASN A 36 -7.27 6.58 12.81
N ASN A 37 -6.29 6.25 13.66
CA ASN A 37 -5.03 5.67 13.19
C ASN A 37 -5.06 4.15 13.31
N LYS A 38 -6.23 3.62 13.69
CA LYS A 38 -6.37 2.18 13.87
C LYS A 38 -6.88 1.53 12.58
N GLU A 39 -7.10 2.33 11.56
CA GLU A 39 -7.61 1.82 10.30
C GLU A 39 -6.48 1.51 9.33
N CYS A 40 -6.31 0.23 9.05
CA CYS A 40 -5.28 -0.23 8.13
C CYS A 40 -5.57 0.21 6.70
N ALA A 41 -6.85 0.39 6.37
CA ALA A 41 -7.25 0.78 5.02
C ALA A 41 -6.63 2.12 4.64
N ILE A 42 -6.53 3.03 5.60
CA ILE A 42 -5.95 4.33 5.36
C ILE A 42 -4.49 4.18 4.96
N TYR A 43 -3.75 3.40 5.73
CA TYR A 43 -2.35 3.15 5.47
C TYR A 43 -2.14 2.50 4.10
N THR A 44 -2.97 1.50 3.79
CA THR A 44 -2.86 0.79 2.52
C THR A 44 -3.16 1.72 1.34
N ASN A 45 -4.05 2.69 1.56
CA ASN A 45 -4.40 3.64 0.51
C ASN A 45 -3.33 4.71 0.38
N ARG A 46 -2.74 5.12 1.51
CA ARG A 46 -1.63 6.07 1.47
C ARG A 46 -0.43 5.45 0.78
N ALA A 47 -0.19 4.18 1.07
CA ALA A 47 0.92 3.43 0.48
C ALA A 47 0.82 3.43 -1.05
N LEU A 48 -0.39 3.18 -1.56
CA LEU A 48 -0.63 3.20 -3.00
C LEU A 48 -0.27 4.56 -3.58
N CYS A 49 -0.60 5.62 -2.85
CA CYS A 49 -0.28 6.97 -3.27
C CYS A 49 1.23 7.21 -3.22
N TYR A 50 1.86 6.71 -2.16
CA TYR A 50 3.31 6.82 -2.01
C TYR A 50 4.04 6.12 -3.14
N LEU A 51 3.54 4.95 -3.53
CA LEU A 51 4.13 4.18 -4.62
C LEU A 51 4.18 4.99 -5.89
N LYS A 52 3.09 5.68 -6.19
CA LYS A 52 2.99 6.52 -7.38
C LYS A 52 3.87 7.76 -7.28
N LEU A 53 4.18 8.19 -6.06
CA LEU A 53 5.01 9.38 -5.88
C LEU A 53 6.46 8.99 -5.64
N CYS A 54 6.80 7.72 -5.90
CA CYS A 54 8.16 7.23 -5.76
C CYS A 54 8.63 7.31 -4.31
N GLN A 55 7.70 7.23 -3.38
CA GLN A 55 8.01 7.27 -1.96
C GLN A 55 7.77 5.90 -1.34
N PHE A 56 8.49 4.91 -1.86
CA PHE A 56 8.30 3.53 -1.49
C PHE A 56 8.68 3.30 -0.03
N GLU A 57 9.70 4.01 0.43
CA GLU A 57 10.19 3.86 1.79
C GLU A 57 9.10 4.23 2.79
N GLU A 58 8.32 5.26 2.48
CA GLU A 58 7.22 5.66 3.35
C GLU A 58 6.03 4.72 3.16
N ALA A 59 5.84 4.25 1.92
CA ALA A 59 4.78 3.29 1.63
C ALA A 59 4.99 2.02 2.44
N LYS A 60 6.23 1.55 2.47
CA LYS A 60 6.62 0.38 3.23
C LYS A 60 6.20 0.51 4.69
N GLN A 61 6.51 1.67 5.26
CA GLN A 61 6.24 1.94 6.66
C GLN A 61 4.74 1.95 6.95
N ASP A 62 3.96 2.56 6.04
CA ASP A 62 2.51 2.61 6.19
C ASP A 62 1.93 1.20 6.15
N CYS A 63 2.43 0.37 5.25
CA CYS A 63 1.96 -1.00 5.13
C CYS A 63 2.24 -1.80 6.39
N ASP A 64 3.42 -1.59 6.98
CA ASP A 64 3.78 -2.28 8.21
C ASP A 64 2.87 -1.85 9.34
N GLN A 65 2.57 -0.56 9.37
CA GLN A 65 1.63 -0.01 10.34
C GLN A 65 0.24 -0.59 10.14
N ALA A 66 -0.13 -0.80 8.89
CA ALA A 66 -1.41 -1.41 8.55
C ALA A 66 -1.46 -2.85 9.03
N LEU A 67 -0.33 -3.55 8.93
CA LEU A 67 -0.24 -4.94 9.35
C LEU A 67 -0.29 -5.06 10.87
N GLN A 68 0.16 -4.02 11.56
CA GLN A 68 0.06 -3.97 13.01
C GLN A 68 -1.41 -3.93 13.42
N LEU A 69 -2.20 -3.24 12.62
CA LEU A 69 -3.62 -3.08 12.90
C LEU A 69 -4.38 -4.32 12.42
N ALA A 70 -4.05 -4.79 11.23
CA ALA A 70 -4.63 -6.01 10.69
C ALA A 70 -3.56 -6.95 10.18
N ASP A 71 -3.28 -8.00 10.94
CA ASP A 71 -2.29 -8.98 10.54
C ASP A 71 -2.91 -10.01 9.63
N GLY A 72 -2.81 -9.75 8.34
CA GLY A 72 -3.41 -10.62 7.35
C GLY A 72 -4.07 -9.81 6.25
N ASN A 73 -3.74 -8.52 6.20
CA ASN A 73 -4.31 -7.61 5.23
C ASN A 73 -3.55 -7.70 3.92
N VAL A 74 -4.21 -8.28 2.92
CA VAL A 74 -3.62 -8.50 1.61
C VAL A 74 -3.10 -7.21 1.00
N LYS A 75 -3.88 -6.13 1.14
CA LYS A 75 -3.51 -4.86 0.57
C LYS A 75 -2.20 -4.36 1.18
N ALA A 76 -2.05 -4.56 2.48
CA ALA A 76 -0.87 -4.10 3.19
C ALA A 76 0.37 -4.84 2.72
N PHE A 77 0.26 -6.16 2.58
CA PHE A 77 1.37 -6.96 2.09
C PHE A 77 1.71 -6.58 0.66
N TYR A 78 0.67 -6.47 -0.17
CA TYR A 78 0.85 -6.20 -1.59
C TYR A 78 1.53 -4.84 -1.80
N ARG A 79 1.05 -3.81 -1.09
CA ARG A 79 1.61 -2.48 -1.24
C ARG A 79 3.06 -2.44 -0.76
N ARG A 80 3.36 -3.14 0.32
CA ARG A 80 4.71 -3.15 0.86
C ARG A 80 5.66 -3.87 -0.08
N ALA A 81 5.18 -4.96 -0.67
CA ALA A 81 5.94 -5.68 -1.69
C ALA A 81 6.26 -4.75 -2.87
N LEU A 82 5.29 -3.95 -3.26
CA LEU A 82 5.49 -2.99 -4.34
C LEU A 82 6.50 -1.93 -3.92
N ALA A 83 6.41 -1.52 -2.66
CA ALA A 83 7.35 -0.57 -2.09
C ALA A 83 8.77 -1.13 -2.10
N HIS A 84 8.91 -2.35 -1.59
CA HIS A 84 10.20 -3.02 -1.58
C HIS A 84 10.73 -3.21 -3.00
N LYS A 85 9.84 -3.51 -3.93
CA LYS A 85 10.21 -3.67 -5.33
C LYS A 85 10.89 -2.39 -5.85
N GLY A 86 10.34 -1.24 -5.47
CA GLY A 86 10.89 0.03 -5.91
C GLY A 86 12.16 0.39 -5.17
N LEU A 87 12.36 -0.18 -3.99
CA LEU A 87 13.55 0.10 -3.19
C LEU A 87 14.62 -0.96 -3.47
N LYS A 88 14.38 -1.76 -4.50
CA LYS A 88 15.27 -2.86 -4.88
C LYS A 88 15.47 -3.84 -3.74
N ASN A 89 14.41 -4.01 -2.95
CA ASN A 89 14.37 -4.99 -1.89
C ASN A 89 13.50 -6.16 -2.35
N TYR A 90 14.00 -6.87 -3.34
CA TYR A 90 13.20 -7.86 -4.05
C TYR A 90 12.96 -9.10 -3.20
N GLN A 91 13.96 -9.47 -2.42
CA GLN A 91 13.83 -10.61 -1.53
C GLN A 91 12.79 -10.30 -0.46
N LYS A 92 12.78 -9.05 -0.04
CA LYS A 92 11.82 -8.59 0.95
C LYS A 92 10.41 -8.54 0.36
N SER A 93 10.33 -8.08 -0.88
CA SER A 93 9.06 -8.02 -1.59
C SER A 93 8.47 -9.41 -1.79
N LEU A 94 9.32 -10.36 -2.16
CA LEU A 94 8.88 -11.73 -2.36
C LEU A 94 8.23 -12.31 -1.12
N ILE A 95 8.73 -11.92 0.05
CA ILE A 95 8.16 -12.36 1.31
C ILE A 95 6.68 -11.95 1.40
N ASP A 96 6.40 -10.70 1.06
CA ASP A 96 5.04 -10.18 1.16
C ASP A 96 4.17 -10.69 0.02
N LEU A 97 4.78 -10.88 -1.14
CA LEU A 97 4.06 -11.39 -2.29
C LEU A 97 3.63 -12.83 -2.07
N ASN A 98 4.56 -13.66 -1.61
CA ASN A 98 4.26 -15.04 -1.27
C ASN A 98 3.24 -15.09 -0.14
N LYS A 99 3.20 -14.05 0.67
CA LYS A 99 2.25 -13.94 1.76
C LYS A 99 0.86 -13.65 1.22
N VAL A 100 0.77 -12.73 0.27
CA VAL A 100 -0.50 -12.42 -0.38
C VAL A 100 -1.10 -13.67 -1.02
N ILE A 101 -0.23 -14.50 -1.58
CA ILE A 101 -0.65 -15.75 -2.20
C ILE A 101 -1.29 -16.68 -1.16
N LEU A 102 -0.92 -16.51 0.11
CA LEU A 102 -1.49 -17.31 1.18
C LEU A 102 -2.92 -16.89 1.46
N LEU A 103 -3.12 -15.62 1.82
CA LEU A 103 -4.45 -15.10 2.07
C LEU A 103 -5.34 -15.26 0.84
N ASP A 104 -4.90 -14.66 -0.26
CA ASP A 104 -5.70 -14.63 -1.47
C ASP A 104 -4.87 -15.07 -2.68
N PRO A 105 -4.87 -16.38 -2.97
CA PRO A 105 -4.10 -16.94 -4.09
C PRO A 105 -4.77 -16.71 -5.46
N SER A 106 -5.88 -15.97 -5.46
CA SER A 106 -6.65 -15.78 -6.68
C SER A 106 -6.32 -14.44 -7.32
N ILE A 107 -5.43 -13.69 -6.68
CA ILE A 107 -5.03 -12.41 -7.20
C ILE A 107 -3.98 -12.59 -8.30
N ILE A 108 -4.42 -12.45 -9.53
CA ILE A 108 -3.55 -12.63 -10.69
C ILE A 108 -2.41 -11.63 -10.66
N GLU A 109 -2.71 -10.42 -10.23
CA GLU A 109 -1.70 -9.37 -10.11
C GLU A 109 -0.55 -9.81 -9.22
N ALA A 110 -0.87 -10.47 -8.12
CA ALA A 110 0.13 -10.95 -7.18
C ALA A 110 0.93 -12.09 -7.79
N LYS A 111 0.28 -12.89 -8.63
CA LYS A 111 0.93 -14.01 -9.28
C LYS A 111 1.92 -13.50 -10.33
N MET A 112 1.63 -12.33 -10.86
CA MET A 112 2.50 -11.71 -11.85
C MET A 112 3.60 -10.92 -11.16
N GLU A 113 3.34 -10.49 -9.94
CA GLU A 113 4.31 -9.71 -9.20
C GLU A 113 5.45 -10.55 -8.67
N LEU A 114 5.14 -11.67 -8.02
CA LEU A 114 6.18 -12.48 -7.40
C LEU A 114 7.08 -13.11 -8.46
N GLU A 115 6.55 -13.32 -9.66
CA GLU A 115 7.36 -13.84 -10.75
C GLU A 115 8.25 -12.73 -11.30
N GLU A 116 7.70 -11.50 -11.35
CA GLU A 116 8.45 -10.34 -11.81
C GLU A 116 9.57 -10.01 -10.84
N VAL A 117 9.23 -9.92 -9.57
CA VAL A 117 10.18 -9.57 -8.53
C VAL A 117 11.30 -10.59 -8.44
N THR A 118 11.00 -11.84 -8.76
CA THR A 118 12.03 -12.86 -8.83
C THR A 118 13.03 -12.54 -9.93
N ARG A 119 12.54 -12.03 -11.05
CA ARG A 119 13.39 -11.74 -12.20
C ARG A 119 14.17 -10.46 -11.93
N LEU A 120 13.59 -9.58 -11.13
CA LEU A 120 14.25 -8.37 -10.69
C LEU A 120 15.35 -8.72 -9.70
N LEU A 121 15.08 -9.71 -8.87
CA LEU A 121 16.07 -10.24 -7.92
C LEU A 121 17.18 -10.96 -8.66
N ASN A 122 16.83 -11.58 -9.78
CA ASN A 122 17.81 -12.25 -10.63
C ASN A 122 18.76 -11.23 -11.26
N LEU A 123 18.27 -10.01 -11.45
CA LEU A 123 19.07 -8.94 -12.00
C LEU A 123 20.12 -8.49 -10.99
N LYS A 124 21.15 -7.81 -11.49
CA LYS A 124 22.29 -7.45 -10.67
C LYS A 124 22.24 -5.98 -10.29
N ASP A 125 21.64 -5.18 -11.14
CA ASP A 125 21.51 -3.75 -10.90
C ASP A 125 20.35 -3.49 -9.95
N GLY A 1 -9.57 18.09 9.08
CA GLY A 1 -10.84 18.85 8.93
C GLY A 1 -11.67 18.82 10.19
N PRO A 2 -11.98 19.99 10.77
CA PRO A 2 -12.76 20.08 12.00
C PRO A 2 -14.25 19.81 11.78
N HIS A 3 -14.70 19.91 10.53
CA HIS A 3 -16.11 19.71 10.23
C HIS A 3 -16.32 18.41 9.46
N MET A 4 -15.50 18.17 8.45
CA MET A 4 -15.59 16.94 7.68
C MET A 4 -15.16 15.77 8.54
N THR A 5 -15.95 14.71 8.51
CA THR A 5 -15.73 13.57 9.37
C THR A 5 -14.77 12.57 8.74
N PHE A 6 -14.41 11.55 9.51
CA PHE A 6 -13.49 10.51 9.03
C PHE A 6 -14.01 9.88 7.74
N LYS A 7 -15.31 9.61 7.71
CA LYS A 7 -15.93 8.99 6.55
C LYS A 7 -15.86 9.90 5.33
N ALA A 8 -16.13 11.19 5.54
CA ALA A 8 -16.09 12.15 4.45
C ALA A 8 -14.67 12.25 3.88
N LEU A 9 -13.70 12.35 4.78
CA LEU A 9 -12.29 12.47 4.39
C LEU A 9 -11.81 11.25 3.63
N LYS A 10 -12.17 10.05 4.12
CA LYS A 10 -11.76 8.82 3.47
C LYS A 10 -12.34 8.74 2.06
N GLU A 11 -13.64 9.00 1.96
CA GLU A 11 -14.35 8.77 0.72
C GLU A 11 -14.11 9.88 -0.30
N GLU A 12 -13.69 11.05 0.14
CA GLU A 12 -13.26 12.09 -0.80
C GLU A 12 -11.85 11.77 -1.26
N GLY A 13 -11.06 11.16 -0.36
CA GLY A 13 -9.74 10.70 -0.72
C GLY A 13 -9.80 9.60 -1.75
N ASN A 14 -10.81 8.74 -1.64
CA ASN A 14 -11.04 7.70 -2.64
C ASN A 14 -11.24 8.32 -4.01
N GLN A 15 -11.98 9.42 -4.05
CA GLN A 15 -12.21 10.15 -5.30
C GLN A 15 -10.91 10.74 -5.82
N CYS A 16 -10.07 11.22 -4.91
CA CYS A 16 -8.77 11.77 -5.29
C CYS A 16 -7.90 10.69 -5.94
N VAL A 17 -7.82 9.52 -5.30
CA VAL A 17 -7.08 8.39 -5.87
C VAL A 17 -7.67 7.97 -7.21
N ASN A 18 -8.99 7.99 -7.29
CA ASN A 18 -9.70 7.61 -8.50
C ASN A 18 -9.40 8.60 -9.64
N ASP A 19 -9.23 9.86 -9.25
CA ASP A 19 -8.90 10.92 -10.20
C ASP A 19 -7.41 10.94 -10.53
N LYS A 20 -6.67 10.03 -9.89
CA LYS A 20 -5.23 9.92 -10.05
C LYS A 20 -4.53 11.13 -9.45
N ASN A 21 -5.16 11.71 -8.44
CA ASN A 21 -4.61 12.82 -7.70
C ASN A 21 -4.09 12.32 -6.35
N TYR A 22 -2.94 11.68 -6.40
CA TYR A 22 -2.41 10.97 -5.25
C TYR A 22 -1.78 11.93 -4.23
N LYS A 23 -1.18 12.99 -4.75
CA LYS A 23 -0.48 13.96 -3.91
C LYS A 23 -1.43 14.65 -2.93
N ASP A 24 -2.66 14.89 -3.37
CA ASP A 24 -3.66 15.49 -2.50
C ASP A 24 -4.43 14.42 -1.72
N ALA A 25 -4.47 13.22 -2.28
CA ALA A 25 -5.10 12.09 -1.61
C ALA A 25 -4.37 11.78 -0.30
N LEU A 26 -3.04 11.90 -0.34
CA LEU A 26 -2.22 11.74 0.84
C LEU A 26 -2.68 12.67 1.96
N SER A 27 -2.94 13.92 1.60
CA SER A 27 -3.39 14.92 2.55
C SER A 27 -4.75 14.54 3.13
N LYS A 28 -5.64 14.03 2.27
CA LYS A 28 -6.96 13.59 2.70
C LYS A 28 -6.85 12.48 3.74
N TYR A 29 -6.02 11.49 3.43
CA TYR A 29 -5.83 10.36 4.32
C TYR A 29 -5.08 10.76 5.59
N SER A 30 -4.27 11.81 5.49
CA SER A 30 -3.58 12.34 6.66
C SER A 30 -4.59 12.99 7.61
N GLU A 31 -5.64 13.58 7.03
CA GLU A 31 -6.74 14.13 7.80
C GLU A 31 -7.47 13.02 8.55
N CYS A 32 -7.54 11.85 7.92
CA CYS A 32 -8.16 10.68 8.53
C CYS A 32 -7.36 10.20 9.73
N LEU A 33 -6.04 10.26 9.62
CA LEU A 33 -5.14 9.80 10.67
C LEU A 33 -5.17 10.74 11.87
N LYS A 34 -5.78 11.89 11.68
CA LYS A 34 -6.00 12.81 12.79
C LYS A 34 -7.14 12.30 13.66
N ILE A 35 -8.09 11.62 13.03
CA ILE A 35 -9.29 11.16 13.71
C ILE A 35 -9.18 9.69 14.12
N ASN A 36 -8.85 8.82 13.17
CA ASN A 36 -8.90 7.39 13.39
C ASN A 36 -7.74 6.67 12.73
N ASN A 37 -6.82 6.17 13.56
CA ASN A 37 -5.64 5.46 13.07
C ASN A 37 -5.80 3.96 13.20
N LYS A 38 -7.03 3.51 13.32
CA LYS A 38 -7.35 2.12 13.42
C LYS A 38 -7.71 1.55 12.04
N GLU A 39 -7.89 2.45 11.09
CA GLU A 39 -8.29 2.07 9.75
C GLU A 39 -7.07 1.71 8.91
N CYS A 40 -6.78 0.42 8.79
CA CYS A 40 -5.67 -0.05 7.99
C CYS A 40 -5.84 0.34 6.52
N ALA A 41 -7.08 0.54 6.10
CA ALA A 41 -7.39 0.92 4.73
C ALA A 41 -6.80 2.28 4.39
N ILE A 42 -6.68 3.14 5.38
CA ILE A 42 -6.10 4.46 5.17
C ILE A 42 -4.63 4.30 4.80
N TYR A 43 -3.94 3.46 5.55
CA TYR A 43 -2.52 3.21 5.33
C TYR A 43 -2.28 2.56 3.98
N THR A 44 -3.10 1.56 3.64
CA THR A 44 -2.96 0.87 2.37
C THR A 44 -3.26 1.82 1.20
N ASN A 45 -4.18 2.75 1.41
CA ASN A 45 -4.53 3.75 0.41
C ASN A 45 -3.41 4.78 0.28
N ARG A 46 -2.82 5.17 1.40
CA ARG A 46 -1.68 6.07 1.38
C ARG A 46 -0.50 5.42 0.68
N ALA A 47 -0.23 4.18 1.06
CA ALA A 47 0.84 3.39 0.44
C ALA A 47 0.63 3.29 -1.05
N LEU A 48 -0.61 3.07 -1.46
CA LEU A 48 -0.98 3.03 -2.87
C LEU A 48 -0.57 4.33 -3.55
N CYS A 49 -0.89 5.45 -2.92
CA CYS A 49 -0.55 6.75 -3.44
C CYS A 49 0.97 6.95 -3.46
N TYR A 50 1.64 6.59 -2.36
CA TYR A 50 3.08 6.75 -2.24
C TYR A 50 3.83 6.06 -3.37
N LEU A 51 3.29 4.95 -3.84
CA LEU A 51 3.90 4.18 -4.93
C LEU A 51 4.03 5.04 -6.18
N LYS A 52 3.08 5.95 -6.40
CA LYS A 52 3.08 6.77 -7.60
C LYS A 52 3.99 7.99 -7.43
N LEU A 53 4.13 8.46 -6.20
CA LEU A 53 5.05 9.57 -5.91
C LEU A 53 6.47 9.07 -5.66
N CYS A 54 6.68 7.77 -5.90
CA CYS A 54 8.00 7.15 -5.75
C CYS A 54 8.45 7.19 -4.28
N GLN A 55 7.49 7.28 -3.38
CA GLN A 55 7.77 7.32 -1.95
C GLN A 55 7.54 5.95 -1.33
N PHE A 56 8.22 4.95 -1.88
CA PHE A 56 8.07 3.56 -1.47
C PHE A 56 8.50 3.39 -0.03
N GLU A 57 9.45 4.20 0.39
CA GLU A 57 10.00 4.15 1.74
C GLU A 57 8.89 4.36 2.77
N GLU A 58 7.97 5.27 2.47
CA GLU A 58 6.84 5.52 3.37
C GLU A 58 5.72 4.51 3.14
N ALA A 59 5.57 4.08 1.89
CA ALA A 59 4.58 3.07 1.55
C ALA A 59 4.83 1.78 2.33
N LYS A 60 6.10 1.42 2.46
CA LYS A 60 6.52 0.26 3.23
C LYS A 60 6.00 0.34 4.66
N GLN A 61 6.14 1.52 5.25
CA GLN A 61 5.82 1.73 6.64
C GLN A 61 4.31 1.79 6.85
N ASP A 62 3.61 2.42 5.92
CA ASP A 62 2.14 2.47 5.98
C ASP A 62 1.55 1.07 5.89
N CYS A 63 2.08 0.26 4.97
CA CYS A 63 1.63 -1.12 4.83
C CYS A 63 1.86 -1.91 6.11
N ASP A 64 2.94 -1.58 6.81
CA ASP A 64 3.24 -2.23 8.09
C ASP A 64 2.21 -1.82 9.13
N GLN A 65 1.95 -0.52 9.23
CA GLN A 65 0.97 -0.01 10.18
C GLN A 65 -0.41 -0.59 9.89
N ALA A 66 -0.70 -0.82 8.61
CA ALA A 66 -1.93 -1.46 8.21
C ALA A 66 -2.02 -2.88 8.78
N LEU A 67 -0.91 -3.61 8.68
CA LEU A 67 -0.84 -4.98 9.15
C LEU A 67 -0.81 -5.04 10.68
N GLN A 68 -0.33 -3.99 11.30
CA GLN A 68 -0.36 -3.88 12.75
C GLN A 68 -1.79 -3.81 13.24
N LEU A 69 -2.64 -3.12 12.49
CA LEU A 69 -4.04 -2.98 12.84
C LEU A 69 -4.81 -4.22 12.43
N ALA A 70 -4.52 -4.72 11.24
CA ALA A 70 -5.13 -5.94 10.75
C ALA A 70 -4.07 -6.91 10.24
N ASP A 71 -3.80 -7.93 11.05
CA ASP A 71 -2.79 -8.92 10.69
C ASP A 71 -3.34 -9.90 9.68
N GLY A 72 -3.17 -9.57 8.41
CA GLY A 72 -3.65 -10.42 7.34
C GLY A 72 -4.33 -9.62 6.25
N ASN A 73 -3.85 -8.40 6.03
CA ASN A 73 -4.41 -7.54 5.00
C ASN A 73 -3.61 -7.71 3.71
N VAL A 74 -4.22 -8.38 2.74
CA VAL A 74 -3.56 -8.70 1.48
C VAL A 74 -3.10 -7.43 0.76
N LYS A 75 -3.91 -6.38 0.84
CA LYS A 75 -3.57 -5.09 0.22
C LYS A 75 -2.26 -4.55 0.79
N ALA A 76 -2.07 -4.77 2.08
CA ALA A 76 -0.88 -4.27 2.76
C ALA A 76 0.37 -5.03 2.33
N PHE A 77 0.26 -6.35 2.22
CA PHE A 77 1.38 -7.17 1.82
C PHE A 77 1.77 -6.86 0.38
N TYR A 78 0.78 -6.86 -0.50
CA TYR A 78 1.00 -6.65 -1.92
C TYR A 78 1.64 -5.30 -2.19
N ARG A 79 1.18 -4.27 -1.48
CA ARG A 79 1.67 -2.92 -1.70
C ARG A 79 2.97 -2.66 -0.96
N ARG A 80 3.24 -3.43 0.09
CA ARG A 80 4.54 -3.38 0.75
C ARG A 80 5.57 -4.02 -0.19
N ALA A 81 5.15 -5.11 -0.84
CA ALA A 81 5.97 -5.76 -1.84
C ALA A 81 6.32 -4.80 -2.96
N LEU A 82 5.33 -4.02 -3.40
CA LEU A 82 5.54 -3.02 -4.43
C LEU A 82 6.48 -1.92 -3.91
N ALA A 83 6.34 -1.59 -2.64
CA ALA A 83 7.20 -0.60 -2.01
C ALA A 83 8.64 -1.09 -1.98
N HIS A 84 8.84 -2.31 -1.48
CA HIS A 84 10.16 -2.92 -1.45
C HIS A 84 10.69 -3.09 -2.87
N LYS A 85 9.82 -3.46 -3.79
CA LYS A 85 10.18 -3.62 -5.18
C LYS A 85 10.76 -2.33 -5.74
N GLY A 86 10.16 -1.21 -5.35
CA GLY A 86 10.64 0.08 -5.81
C GLY A 86 11.95 0.48 -5.15
N LEU A 87 12.21 -0.09 -3.97
CA LEU A 87 13.45 0.19 -3.25
C LEU A 87 14.49 -0.87 -3.58
N LYS A 88 14.19 -1.69 -4.58
CA LYS A 88 15.07 -2.78 -5.01
C LYS A 88 15.31 -3.77 -3.88
N ASN A 89 14.34 -3.88 -2.99
CA ASN A 89 14.36 -4.86 -1.92
C ASN A 89 13.55 -6.07 -2.36
N TYR A 90 14.08 -6.80 -3.31
CA TYR A 90 13.34 -7.86 -3.96
C TYR A 90 13.26 -9.09 -3.08
N GLN A 91 14.26 -9.28 -2.23
CA GLN A 91 14.24 -10.38 -1.28
C GLN A 91 13.13 -10.14 -0.26
N LYS A 92 12.99 -8.89 0.13
CA LYS A 92 11.96 -8.47 1.07
C LYS A 92 10.58 -8.57 0.42
N SER A 93 10.47 -8.05 -0.79
CA SER A 93 9.21 -8.01 -1.52
C SER A 93 8.65 -9.41 -1.74
N LEU A 94 9.51 -10.35 -2.09
CA LEU A 94 9.10 -11.73 -2.32
C LEU A 94 8.41 -12.32 -1.09
N ILE A 95 8.87 -11.92 0.09
CA ILE A 95 8.26 -12.40 1.33
C ILE A 95 6.80 -12.01 1.40
N ASP A 96 6.50 -10.78 1.01
CA ASP A 96 5.14 -10.27 1.08
C ASP A 96 4.31 -10.81 -0.07
N LEU A 97 4.94 -11.01 -1.22
CA LEU A 97 4.25 -11.54 -2.39
C LEU A 97 3.85 -12.98 -2.17
N ASN A 98 4.79 -13.78 -1.66
CA ASN A 98 4.50 -15.17 -1.34
C ASN A 98 3.44 -15.25 -0.25
N LYS A 99 3.39 -14.25 0.62
CA LYS A 99 2.37 -14.18 1.65
C LYS A 99 0.99 -13.98 1.04
N VAL A 100 0.91 -13.08 0.06
CA VAL A 100 -0.33 -12.81 -0.64
C VAL A 100 -0.86 -14.09 -1.28
N ILE A 101 0.05 -14.92 -1.77
CA ILE A 101 -0.31 -16.19 -2.39
C ILE A 101 -0.92 -17.14 -1.35
N LEU A 102 -0.52 -16.98 -0.09
CA LEU A 102 -1.04 -17.80 0.99
C LEU A 102 -2.42 -17.34 1.39
N LEU A 103 -2.61 -16.02 1.41
CA LEU A 103 -3.88 -15.43 1.81
C LEU A 103 -4.90 -15.55 0.68
N ASP A 104 -4.48 -15.25 -0.53
CA ASP A 104 -5.34 -15.36 -1.70
C ASP A 104 -4.54 -15.79 -2.92
N PRO A 105 -4.49 -17.11 -3.18
CA PRO A 105 -3.70 -17.66 -4.30
C PRO A 105 -4.37 -17.45 -5.66
N SER A 106 -5.48 -16.73 -5.69
CA SER A 106 -6.20 -16.51 -6.92
C SER A 106 -5.87 -15.15 -7.52
N ILE A 107 -5.03 -14.41 -6.82
CA ILE A 107 -4.62 -13.10 -7.29
C ILE A 107 -3.54 -13.24 -8.36
N ILE A 108 -3.97 -13.14 -9.61
CA ILE A 108 -3.08 -13.28 -10.75
C ILE A 108 -2.01 -12.19 -10.72
N GLU A 109 -2.39 -11.01 -10.25
CA GLU A 109 -1.45 -9.89 -10.11
C GLU A 109 -0.26 -10.29 -9.26
N ALA A 110 -0.52 -10.99 -8.16
CA ALA A 110 0.53 -11.42 -7.26
C ALA A 110 1.37 -12.52 -7.89
N LYS A 111 0.73 -13.36 -8.70
CA LYS A 111 1.42 -14.45 -9.38
C LYS A 111 2.36 -13.90 -10.44
N MET A 112 1.99 -12.76 -11.00
CA MET A 112 2.78 -12.12 -12.03
C MET A 112 3.86 -11.22 -11.42
N GLU A 113 3.62 -10.75 -10.20
CA GLU A 113 4.58 -9.87 -9.54
C GLU A 113 5.71 -10.67 -8.91
N LEU A 114 5.39 -11.77 -8.22
CA LEU A 114 6.43 -12.53 -7.53
C LEU A 114 7.37 -13.19 -8.53
N GLU A 115 6.87 -13.47 -9.73
CA GLU A 115 7.73 -14.02 -10.77
C GLU A 115 8.65 -12.95 -11.30
N GLU A 116 8.12 -11.73 -11.41
CA GLU A 116 8.89 -10.59 -11.89
C GLU A 116 9.97 -10.25 -10.88
N VAL A 117 9.58 -10.12 -9.62
CA VAL A 117 10.49 -9.76 -8.55
C VAL A 117 11.58 -10.82 -8.36
N THR A 118 11.24 -12.08 -8.59
CA THR A 118 12.22 -13.16 -8.51
C THR A 118 13.31 -12.97 -9.57
N ARG A 119 12.90 -12.50 -10.75
CA ARG A 119 13.84 -12.34 -11.85
C ARG A 119 14.64 -11.07 -11.62
N LEU A 120 13.97 -10.05 -11.12
CA LEU A 120 14.61 -8.80 -10.74
C LEU A 120 15.68 -9.04 -9.69
N LEU A 121 15.36 -9.90 -8.73
CA LEU A 121 16.29 -10.27 -7.68
C LEU A 121 17.47 -11.05 -8.24
N ASN A 122 17.23 -11.79 -9.32
CA ASN A 122 18.27 -12.59 -9.95
C ASN A 122 19.08 -11.75 -10.94
N LEU A 123 18.70 -10.50 -11.10
CA LEU A 123 19.42 -9.58 -11.96
C LEU A 123 20.54 -8.89 -11.18
N LYS A 124 21.15 -7.88 -11.78
CA LYS A 124 22.23 -7.17 -11.14
C LYS A 124 21.70 -6.12 -10.16
N ASP A 125 21.00 -5.12 -10.69
CA ASP A 125 20.53 -4.02 -9.86
C ASP A 125 19.25 -3.42 -10.44
N GLY A 1 -13.45 17.19 10.17
CA GLY A 1 -14.44 17.05 11.27
C GLY A 1 -15.77 17.69 10.91
N PRO A 2 -16.04 18.91 11.44
CA PRO A 2 -17.26 19.66 11.13
C PRO A 2 -17.47 19.84 9.64
N HIS A 3 -16.37 20.02 8.92
CA HIS A 3 -16.37 20.04 7.47
C HIS A 3 -15.55 18.86 6.97
N MET A 4 -16.24 17.91 6.34
CA MET A 4 -15.63 16.66 5.88
C MET A 4 -15.31 15.74 7.06
N THR A 5 -16.01 14.63 7.13
CA THR A 5 -15.82 13.65 8.20
C THR A 5 -14.75 12.64 7.80
N PHE A 6 -14.50 11.66 8.67
CA PHE A 6 -13.55 10.59 8.37
C PHE A 6 -13.95 9.89 7.07
N LYS A 7 -15.24 9.61 6.95
CA LYS A 7 -15.76 8.89 5.80
C LYS A 7 -15.73 9.76 4.55
N ALA A 8 -16.09 11.03 4.70
CA ALA A 8 -16.04 11.97 3.60
C ALA A 8 -14.61 12.14 3.09
N LEU A 9 -13.68 12.25 4.03
CA LEU A 9 -12.26 12.33 3.70
C LEU A 9 -11.81 11.08 2.96
N LYS A 10 -12.30 9.92 3.39
CA LYS A 10 -11.98 8.67 2.73
C LYS A 10 -12.55 8.66 1.31
N GLU A 11 -13.82 9.00 1.18
CA GLU A 11 -14.51 9.00 -0.11
C GLU A 11 -13.83 9.93 -1.10
N GLU A 12 -13.64 11.18 -0.69
CA GLU A 12 -13.01 12.17 -1.56
C GLU A 12 -11.53 11.83 -1.78
N GLY A 13 -10.93 11.19 -0.79
CA GLY A 13 -9.59 10.68 -0.96
C GLY A 13 -9.54 9.63 -2.04
N ASN A 14 -10.53 8.76 -2.05
CA ASN A 14 -10.70 7.75 -3.11
C ASN A 14 -10.83 8.43 -4.46
N GLN A 15 -11.57 9.53 -4.48
CA GLN A 15 -11.79 10.29 -5.71
C GLN A 15 -10.47 10.83 -6.23
N CYS A 16 -9.62 11.28 -5.32
CA CYS A 16 -8.29 11.76 -5.68
C CYS A 16 -7.45 10.62 -6.24
N VAL A 17 -7.55 9.46 -5.62
CA VAL A 17 -6.85 8.27 -6.10
C VAL A 17 -7.29 7.91 -7.53
N ASN A 18 -8.59 7.90 -7.76
CA ASN A 18 -9.14 7.56 -9.07
C ASN A 18 -8.78 8.63 -10.11
N ASP A 19 -8.67 9.88 -9.65
CA ASP A 19 -8.32 11.00 -10.53
C ASP A 19 -6.81 11.05 -10.73
N LYS A 20 -6.11 10.06 -10.17
CA LYS A 20 -4.66 9.95 -10.25
C LYS A 20 -3.98 11.14 -9.59
N ASN A 21 -4.64 11.70 -8.59
CA ASN A 21 -4.09 12.78 -7.80
C ASN A 21 -3.74 12.27 -6.41
N TYR A 22 -2.67 11.48 -6.35
CA TYR A 22 -2.30 10.78 -5.14
C TYR A 22 -1.70 11.74 -4.13
N LYS A 23 -1.18 12.85 -4.64
CA LYS A 23 -0.61 13.89 -3.79
C LYS A 23 -1.64 14.42 -2.81
N ASP A 24 -2.83 14.70 -3.33
CA ASP A 24 -3.89 15.22 -2.49
C ASP A 24 -4.48 14.12 -1.64
N ALA A 25 -4.55 12.92 -2.20
CA ALA A 25 -5.04 11.76 -1.49
C ALA A 25 -4.23 11.52 -0.22
N LEU A 26 -2.92 11.72 -0.31
CA LEU A 26 -2.05 11.63 0.85
C LEU A 26 -2.56 12.51 1.98
N SER A 27 -2.84 13.76 1.66
CA SER A 27 -3.32 14.72 2.64
C SER A 27 -4.68 14.30 3.19
N LYS A 28 -5.58 13.91 2.30
CA LYS A 28 -6.93 13.53 2.70
C LYS A 28 -6.92 12.32 3.63
N TYR A 29 -6.14 11.30 3.28
CA TYR A 29 -6.04 10.12 4.11
C TYR A 29 -5.34 10.43 5.44
N SER A 30 -4.42 11.38 5.40
CA SER A 30 -3.73 11.82 6.60
C SER A 30 -4.67 12.61 7.50
N GLU A 31 -5.71 13.19 6.90
CA GLU A 31 -6.74 13.86 7.66
C GLU A 31 -7.67 12.83 8.31
N CYS A 32 -7.79 11.67 7.66
CA CYS A 32 -8.55 10.56 8.23
C CYS A 32 -7.87 10.04 9.49
N LEU A 33 -6.54 9.89 9.42
CA LEU A 33 -5.75 9.40 10.55
C LEU A 33 -5.88 10.32 11.75
N LYS A 34 -6.11 11.60 11.50
CA LYS A 34 -6.32 12.57 12.57
C LYS A 34 -7.55 12.20 13.40
N ILE A 35 -8.48 11.51 12.76
CA ILE A 35 -9.72 11.10 13.41
C ILE A 35 -9.62 9.64 13.90
N ASN A 36 -9.13 8.78 13.02
CA ASN A 36 -9.01 7.36 13.33
C ASN A 36 -7.73 6.78 12.75
N ASN A 37 -6.90 6.21 13.60
CA ASN A 37 -5.65 5.59 13.17
C ASN A 37 -5.77 4.07 13.19
N LYS A 38 -6.97 3.59 13.45
CA LYS A 38 -7.22 2.16 13.56
C LYS A 38 -7.82 1.60 12.28
N GLU A 39 -7.73 2.36 11.21
CA GLU A 39 -8.23 1.93 9.91
C GLU A 39 -7.06 1.56 9.00
N CYS A 40 -6.77 0.26 8.90
CA CYS A 40 -5.67 -0.22 8.07
C CYS A 40 -5.86 0.16 6.59
N ALA A 41 -7.13 0.35 6.19
CA ALA A 41 -7.45 0.73 4.82
C ALA A 41 -6.87 2.09 4.46
N ILE A 42 -6.70 2.96 5.46
CA ILE A 42 -6.14 4.28 5.22
C ILE A 42 -4.66 4.17 4.91
N TYR A 43 -3.97 3.34 5.68
CA TYR A 43 -2.53 3.14 5.51
C TYR A 43 -2.23 2.52 4.14
N THR A 44 -3.00 1.51 3.77
CA THR A 44 -2.80 0.83 2.51
C THR A 44 -3.08 1.75 1.32
N ASN A 45 -4.03 2.66 1.51
CA ASN A 45 -4.35 3.64 0.48
C ASN A 45 -3.29 4.72 0.40
N ARG A 46 -2.76 5.14 1.56
CA ARG A 46 -1.64 6.08 1.55
C ARG A 46 -0.42 5.45 0.91
N ALA A 47 -0.19 4.18 1.25
CA ALA A 47 0.91 3.42 0.66
C ALA A 47 0.80 3.39 -0.86
N LEU A 48 -0.42 3.13 -1.35
CA LEU A 48 -0.70 3.13 -2.78
C LEU A 48 -0.30 4.47 -3.40
N CYS A 49 -0.64 5.54 -2.70
CA CYS A 49 -0.32 6.88 -3.16
C CYS A 49 1.20 7.11 -3.11
N TYR A 50 1.82 6.74 -2.00
CA TYR A 50 3.27 6.89 -1.84
C TYR A 50 4.03 6.18 -2.95
N LEU A 51 3.53 5.02 -3.35
CA LEU A 51 4.15 4.24 -4.43
C LEU A 51 4.27 5.07 -5.70
N LYS A 52 3.28 5.91 -5.94
CA LYS A 52 3.23 6.72 -7.15
C LYS A 52 4.21 7.89 -7.05
N LEU A 53 4.32 8.47 -5.86
CA LEU A 53 5.26 9.58 -5.64
C LEU A 53 6.67 9.07 -5.36
N CYS A 54 6.89 7.79 -5.65
CA CYS A 54 8.21 7.16 -5.55
C CYS A 54 8.67 7.11 -4.10
N GLN A 55 7.72 7.19 -3.17
CA GLN A 55 8.03 7.15 -1.75
C GLN A 55 7.75 5.76 -1.20
N PHE A 56 8.52 4.79 -1.67
CA PHE A 56 8.31 3.40 -1.30
C PHE A 56 8.66 3.15 0.14
N GLU A 57 9.63 3.89 0.65
CA GLU A 57 10.05 3.73 2.02
C GLU A 57 8.95 4.21 2.96
N GLU A 58 8.34 5.34 2.61
CA GLU A 58 7.21 5.87 3.37
C GLU A 58 6.01 4.95 3.25
N ALA A 59 5.80 4.41 2.05
CA ALA A 59 4.72 3.48 1.80
C ALA A 59 4.85 2.22 2.65
N LYS A 60 6.09 1.72 2.75
CA LYS A 60 6.37 0.50 3.51
C LYS A 60 5.94 0.66 4.96
N GLN A 61 6.22 1.82 5.52
CA GLN A 61 5.87 2.13 6.90
C GLN A 61 4.36 2.05 7.11
N ASP A 62 3.61 2.64 6.19
CA ASP A 62 2.15 2.59 6.25
C ASP A 62 1.64 1.17 6.12
N CYS A 63 2.30 0.40 5.27
CA CYS A 63 1.95 -1.01 5.11
C CYS A 63 2.07 -1.73 6.44
N ASP A 64 3.20 -1.52 7.12
CA ASP A 64 3.47 -2.19 8.40
C ASP A 64 2.48 -1.71 9.45
N GLN A 65 2.08 -0.45 9.35
CA GLN A 65 1.07 0.13 10.23
C GLN A 65 -0.25 -0.60 10.11
N ALA A 66 -0.49 -1.19 8.95
CA ALA A 66 -1.76 -1.85 8.67
C ALA A 66 -1.76 -3.23 9.29
N LEU A 67 -0.56 -3.79 9.43
CA LEU A 67 -0.39 -5.10 10.04
C LEU A 67 -0.59 -5.01 11.54
N GLN A 68 -0.25 -3.87 12.11
CA GLN A 68 -0.44 -3.65 13.54
C GLN A 68 -1.92 -3.69 13.89
N LEU A 69 -2.74 -3.20 12.96
CA LEU A 69 -4.18 -3.18 13.16
C LEU A 69 -4.78 -4.52 12.75
N ALA A 70 -4.35 -5.03 11.60
CA ALA A 70 -4.85 -6.30 11.10
C ALA A 70 -3.68 -7.21 10.73
N ASP A 71 -3.43 -8.20 11.57
CA ASP A 71 -2.36 -9.16 11.32
C ASP A 71 -2.80 -10.18 10.28
N GLY A 72 -2.54 -9.86 9.03
CA GLY A 72 -2.92 -10.75 7.95
C GLY A 72 -3.63 -10.01 6.83
N ASN A 73 -3.42 -8.71 6.76
CA ASN A 73 -4.07 -7.90 5.74
C ASN A 73 -3.33 -8.01 4.43
N VAL A 74 -3.91 -8.74 3.50
CA VAL A 74 -3.30 -8.98 2.18
C VAL A 74 -3.03 -7.67 1.46
N LYS A 75 -3.95 -6.72 1.60
CA LYS A 75 -3.81 -5.41 0.97
C LYS A 75 -2.50 -4.75 1.41
N ALA A 76 -2.14 -4.99 2.67
CA ALA A 76 -0.94 -4.39 3.25
C ALA A 76 0.32 -5.07 2.78
N PHE A 77 0.27 -6.40 2.65
CA PHE A 77 1.42 -7.16 2.18
C PHE A 77 1.73 -6.81 0.74
N TYR A 78 0.66 -6.67 -0.06
CA TYR A 78 0.79 -6.31 -1.47
C TYR A 78 1.46 -4.96 -1.62
N ARG A 79 1.05 -4.01 -0.80
CA ARG A 79 1.65 -2.68 -0.81
C ARG A 79 3.10 -2.73 -0.35
N ARG A 80 3.37 -3.45 0.74
CA ARG A 80 4.72 -3.59 1.27
C ARG A 80 5.65 -4.21 0.23
N ALA A 81 5.15 -5.21 -0.50
CA ALA A 81 5.89 -5.84 -1.58
C ALA A 81 6.27 -4.82 -2.64
N LEU A 82 5.29 -4.06 -3.09
CA LEU A 82 5.52 -3.02 -4.09
C LEU A 82 6.49 -1.98 -3.55
N ALA A 83 6.36 -1.67 -2.27
CA ALA A 83 7.21 -0.70 -1.60
C ALA A 83 8.64 -1.21 -1.48
N HIS A 84 8.81 -2.52 -1.42
CA HIS A 84 10.14 -3.12 -1.44
C HIS A 84 10.67 -3.18 -2.86
N LYS A 85 9.78 -3.52 -3.78
CA LYS A 85 10.12 -3.63 -5.20
C LYS A 85 10.72 -2.31 -5.71
N GLY A 86 10.09 -1.21 -5.35
CA GLY A 86 10.55 0.10 -5.79
C GLY A 86 11.89 0.48 -5.19
N LEU A 87 12.23 -0.14 -4.07
CA LEU A 87 13.51 0.14 -3.42
C LEU A 87 14.56 -0.88 -3.85
N LYS A 88 14.18 -1.70 -4.82
CA LYS A 88 15.03 -2.79 -5.32
C LYS A 88 15.28 -3.82 -4.23
N ASN A 89 14.33 -3.94 -3.31
CA ASN A 89 14.40 -4.95 -2.27
C ASN A 89 13.54 -6.12 -2.68
N TYR A 90 13.95 -6.77 -3.76
CA TYR A 90 13.15 -7.80 -4.38
C TYR A 90 13.16 -9.07 -3.53
N GLN A 91 14.26 -9.28 -2.83
CA GLN A 91 14.38 -10.41 -1.94
C GLN A 91 13.37 -10.29 -0.79
N LYS A 92 13.11 -9.04 -0.43
CA LYS A 92 12.18 -8.73 0.65
C LYS A 92 10.74 -8.76 0.14
N SER A 93 10.54 -8.20 -1.04
CA SER A 93 9.21 -8.11 -1.64
C SER A 93 8.62 -9.50 -1.87
N LEU A 94 9.45 -10.43 -2.33
CA LEU A 94 9.00 -11.80 -2.58
C LEU A 94 8.42 -12.43 -1.33
N ILE A 95 8.95 -12.06 -0.17
CA ILE A 95 8.47 -12.59 1.09
C ILE A 95 7.03 -12.17 1.34
N ASP A 96 6.71 -10.92 0.98
CA ASP A 96 5.37 -10.40 1.16
C ASP A 96 4.45 -10.87 0.05
N LEU A 97 4.98 -10.98 -1.15
CA LEU A 97 4.21 -11.47 -2.29
C LEU A 97 3.80 -12.92 -2.06
N ASN A 98 4.76 -13.74 -1.63
CA ASN A 98 4.47 -15.12 -1.27
C ASN A 98 3.45 -15.19 -0.14
N LYS A 99 3.57 -14.27 0.82
CA LYS A 99 2.61 -14.19 1.92
C LYS A 99 1.20 -13.95 1.37
N VAL A 100 1.09 -13.07 0.39
CA VAL A 100 -0.17 -12.82 -0.28
C VAL A 100 -0.71 -14.09 -0.92
N ILE A 101 0.19 -14.85 -1.55
CA ILE A 101 -0.18 -16.11 -2.21
C ILE A 101 -0.70 -17.12 -1.18
N LEU A 102 -0.15 -17.08 0.03
CA LEU A 102 -0.54 -17.99 1.09
C LEU A 102 -1.90 -17.61 1.65
N LEU A 103 -2.13 -16.32 1.79
CA LEU A 103 -3.38 -15.82 2.34
C LEU A 103 -4.50 -15.89 1.30
N ASP A 104 -4.19 -15.42 0.09
CA ASP A 104 -5.17 -15.40 -0.99
C ASP A 104 -4.49 -15.72 -2.33
N PRO A 105 -4.43 -17.01 -2.67
CA PRO A 105 -3.75 -17.48 -3.89
C PRO A 105 -4.56 -17.23 -5.16
N SER A 106 -5.69 -16.55 -5.02
CA SER A 106 -6.55 -16.30 -6.16
C SER A 106 -6.28 -14.91 -6.73
N ILE A 107 -5.34 -14.22 -6.12
CA ILE A 107 -4.96 -12.89 -6.55
C ILE A 107 -3.97 -12.98 -7.71
N ILE A 108 -4.46 -12.67 -8.90
CA ILE A 108 -3.64 -12.74 -10.11
C ILE A 108 -2.53 -11.70 -10.07
N GLU A 109 -2.84 -10.55 -9.46
CA GLU A 109 -1.89 -9.47 -9.33
C GLU A 109 -0.60 -9.95 -8.69
N ALA A 110 -0.73 -10.66 -7.57
CA ALA A 110 0.42 -11.16 -6.84
C ALA A 110 1.14 -12.24 -7.63
N LYS A 111 0.39 -12.97 -8.45
CA LYS A 111 0.96 -14.05 -9.24
C LYS A 111 1.80 -13.49 -10.37
N MET A 112 1.44 -12.31 -10.84
CA MET A 112 2.15 -11.66 -11.92
C MET A 112 3.32 -10.84 -11.37
N GLU A 113 3.17 -10.37 -10.14
CA GLU A 113 4.21 -9.56 -9.52
C GLU A 113 5.36 -10.42 -9.02
N LEU A 114 5.08 -11.51 -8.31
CA LEU A 114 6.14 -12.32 -7.73
C LEU A 114 6.99 -12.98 -8.81
N GLU A 115 6.41 -13.21 -9.98
CA GLU A 115 7.13 -13.80 -11.09
C GLU A 115 8.04 -12.74 -11.73
N GLU A 116 7.60 -11.50 -11.66
CA GLU A 116 8.35 -10.38 -12.22
C GLU A 116 9.47 -9.97 -11.27
N VAL A 117 9.11 -9.85 -9.99
CA VAL A 117 10.05 -9.47 -8.95
C VAL A 117 11.21 -10.46 -8.85
N THR A 118 10.93 -11.74 -9.10
CA THR A 118 11.97 -12.74 -9.10
C THR A 118 12.94 -12.51 -10.26
N ARG A 119 12.41 -12.04 -11.40
CA ARG A 119 13.24 -11.78 -12.56
C ARG A 119 14.09 -10.56 -12.31
N LEU A 120 13.47 -9.56 -11.69
CA LEU A 120 14.15 -8.33 -11.28
C LEU A 120 15.26 -8.66 -10.30
N LEU A 121 15.00 -9.59 -9.41
CA LEU A 121 15.98 -10.06 -8.44
C LEU A 121 17.11 -10.81 -9.13
N ASN A 122 16.78 -11.54 -10.19
CA ASN A 122 17.78 -12.32 -10.92
C ASN A 122 18.60 -11.43 -11.85
N LEU A 123 18.16 -10.21 -12.04
CA LEU A 123 18.89 -9.26 -12.86
C LEU A 123 20.11 -8.71 -12.13
N LYS A 124 20.96 -7.99 -12.83
CA LYS A 124 22.14 -7.41 -12.22
C LYS A 124 21.76 -6.22 -11.34
N ASP A 125 20.97 -5.31 -11.90
CA ASP A 125 20.53 -4.13 -11.19
C ASP A 125 19.08 -3.85 -11.47
N GLY A 1 -16.54 27.95 8.80
CA GLY A 1 -15.93 27.13 7.73
C GLY A 1 -16.45 25.71 7.74
N PRO A 2 -16.11 24.90 6.73
CA PRO A 2 -16.56 23.53 6.63
C PRO A 2 -15.88 22.60 7.64
N HIS A 3 -16.66 21.72 8.24
CA HIS A 3 -16.11 20.77 9.20
C HIS A 3 -15.88 19.41 8.52
N MET A 4 -14.69 18.87 8.69
CA MET A 4 -14.34 17.61 8.06
C MET A 4 -14.26 16.49 9.08
N THR A 5 -14.84 15.36 8.74
CA THR A 5 -14.80 14.19 9.61
C THR A 5 -13.99 13.08 8.98
N PHE A 6 -13.72 12.03 9.74
CA PHE A 6 -12.99 10.88 9.23
C PHE A 6 -13.71 10.30 8.03
N LYS A 7 -15.03 10.15 8.16
CA LYS A 7 -15.86 9.58 7.10
C LYS A 7 -15.79 10.45 5.85
N ALA A 8 -15.95 11.77 6.03
CA ALA A 8 -15.94 12.70 4.91
C ALA A 8 -14.63 12.62 4.13
N LEU A 9 -13.52 12.67 4.86
CA LEU A 9 -12.20 12.63 4.25
C LEU A 9 -11.93 11.26 3.61
N LYS A 10 -12.34 10.21 4.32
CA LYS A 10 -12.16 8.85 3.85
C LYS A 10 -12.82 8.63 2.50
N GLU A 11 -14.03 9.18 2.34
CA GLU A 11 -14.79 9.02 1.11
C GLU A 11 -14.20 9.85 -0.03
N GLU A 12 -13.92 11.12 0.23
CA GLU A 12 -13.40 12.00 -0.82
C GLU A 12 -11.98 11.62 -1.19
N GLY A 13 -11.26 11.03 -0.24
CA GLY A 13 -9.93 10.53 -0.51
C GLY A 13 -9.94 9.50 -1.63
N ASN A 14 -10.98 8.67 -1.67
CA ASN A 14 -11.13 7.69 -2.74
C ASN A 14 -11.37 8.38 -4.07
N GLN A 15 -12.08 9.50 -4.02
CA GLN A 15 -12.37 10.27 -5.21
C GLN A 15 -11.09 10.85 -5.81
N CYS A 16 -10.20 11.32 -4.92
CA CYS A 16 -8.91 11.84 -5.35
C CYS A 16 -8.10 10.76 -6.04
N VAL A 17 -8.16 9.54 -5.53
CA VAL A 17 -7.46 8.40 -6.12
C VAL A 17 -7.98 8.11 -7.53
N ASN A 18 -9.30 8.15 -7.68
CA ASN A 18 -9.91 7.90 -8.98
C ASN A 18 -9.70 9.09 -9.91
N ASP A 19 -9.49 10.26 -9.32
CA ASP A 19 -9.18 11.47 -10.08
C ASP A 19 -7.73 11.44 -10.55
N LYS A 20 -7.01 10.42 -10.08
CA LYS A 20 -5.58 10.26 -10.36
C LYS A 20 -4.79 11.38 -9.68
N ASN A 21 -5.36 11.91 -8.61
CA ASN A 21 -4.71 12.96 -7.84
C ASN A 21 -4.24 12.38 -6.51
N TYR A 22 -3.23 11.52 -6.59
CA TYR A 22 -2.77 10.75 -5.44
C TYR A 22 -2.08 11.64 -4.44
N LYS A 23 -1.44 12.69 -4.92
CA LYS A 23 -0.73 13.62 -4.07
C LYS A 23 -1.71 14.38 -3.16
N ASP A 24 -2.95 14.51 -3.60
CA ASP A 24 -3.99 15.13 -2.77
C ASP A 24 -4.63 14.08 -1.88
N ALA A 25 -4.78 12.88 -2.42
CA ALA A 25 -5.29 11.75 -1.64
C ALA A 25 -4.43 11.52 -0.42
N LEU A 26 -3.12 11.72 -0.57
CA LEU A 26 -2.19 11.66 0.55
C LEU A 26 -2.64 12.61 1.66
N SER A 27 -2.90 13.85 1.29
CA SER A 27 -3.36 14.86 2.25
C SER A 27 -4.66 14.41 2.91
N LYS A 28 -5.59 13.91 2.11
CA LYS A 28 -6.88 13.44 2.61
C LYS A 28 -6.71 12.36 3.67
N TYR A 29 -6.00 11.30 3.32
CA TYR A 29 -5.83 10.15 4.21
C TYR A 29 -4.99 10.51 5.44
N SER A 30 -4.03 11.41 5.27
CA SER A 30 -3.18 11.81 6.38
C SER A 30 -3.99 12.57 7.42
N GLU A 31 -4.98 13.32 6.98
CA GLU A 31 -5.86 14.03 7.89
C GLU A 31 -6.80 13.05 8.60
N CYS A 32 -7.04 11.91 7.96
CA CYS A 32 -7.79 10.82 8.57
C CYS A 32 -6.99 10.23 9.73
N LEU A 33 -5.67 10.17 9.55
CA LEU A 33 -4.76 9.62 10.56
C LEU A 33 -4.66 10.55 11.76
N LYS A 34 -5.17 11.74 11.62
CA LYS A 34 -5.28 12.67 12.75
C LYS A 34 -6.43 12.26 13.64
N ILE A 35 -7.40 11.58 13.04
CA ILE A 35 -8.60 11.16 13.74
C ILE A 35 -8.51 9.70 14.15
N ASN A 36 -8.20 8.84 13.19
CA ASN A 36 -8.18 7.40 13.43
C ASN A 36 -7.00 6.74 12.74
N ASN A 37 -6.26 5.95 13.51
CA ASN A 37 -5.12 5.21 12.98
C ASN A 37 -5.33 3.72 13.14
N LYS A 38 -6.59 3.33 13.37
CA LYS A 38 -6.94 1.93 13.53
C LYS A 38 -7.60 1.41 12.26
N GLU A 39 -7.53 2.21 11.21
CA GLU A 39 -8.10 1.84 9.92
C GLU A 39 -6.97 1.48 8.95
N CYS A 40 -6.73 0.18 8.76
CA CYS A 40 -5.65 -0.29 7.90
C CYS A 40 -5.86 0.17 6.46
N ALA A 41 -7.12 0.40 6.09
CA ALA A 41 -7.45 0.84 4.74
C ALA A 41 -6.75 2.15 4.40
N ILE A 42 -6.77 3.09 5.34
CA ILE A 42 -6.17 4.41 5.15
C ILE A 42 -4.67 4.29 4.86
N TYR A 43 -4.03 3.32 5.47
CA TYR A 43 -2.61 3.10 5.24
C TYR A 43 -2.38 2.47 3.87
N THR A 44 -3.20 1.48 3.53
CA THR A 44 -3.02 0.76 2.29
C THR A 44 -3.30 1.63 1.06
N ASN A 45 -4.31 2.48 1.13
CA ASN A 45 -4.63 3.34 0.00
C ASN A 45 -3.72 4.57 -0.02
N ARG A 46 -3.19 4.94 1.15
CA ARG A 46 -2.18 5.98 1.22
C ARG A 46 -0.89 5.47 0.60
N ALA A 47 -0.57 4.22 0.91
CA ALA A 47 0.58 3.54 0.33
C ALA A 47 0.50 3.50 -1.19
N LEU A 48 -0.70 3.20 -1.71
CA LEU A 48 -0.92 3.15 -3.14
C LEU A 48 -0.60 4.52 -3.77
N CYS A 49 -0.99 5.57 -3.08
CA CYS A 49 -0.72 6.92 -3.53
C CYS A 49 0.78 7.20 -3.49
N TYR A 50 1.42 6.82 -2.37
CA TYR A 50 2.86 6.99 -2.22
C TYR A 50 3.62 6.26 -3.32
N LEU A 51 3.13 5.08 -3.71
CA LEU A 51 3.75 4.30 -4.77
C LEU A 51 3.78 5.09 -6.08
N LYS A 52 2.79 5.93 -6.30
CA LYS A 52 2.69 6.70 -7.53
C LYS A 52 3.62 7.90 -7.51
N LEU A 53 3.85 8.47 -6.34
CA LEU A 53 4.79 9.59 -6.20
C LEU A 53 6.18 9.09 -5.87
N CYS A 54 6.41 7.79 -6.09
CA CYS A 54 7.71 7.16 -5.87
C CYS A 54 8.20 7.34 -4.44
N GLN A 55 7.28 7.23 -3.49
CA GLN A 55 7.64 7.28 -2.09
C GLN A 55 7.45 5.90 -1.46
N PHE A 56 8.29 4.97 -1.89
CA PHE A 56 8.18 3.58 -1.48
C PHE A 56 8.46 3.45 0.01
N GLU A 57 9.45 4.19 0.49
CA GLU A 57 9.84 4.13 1.89
C GLU A 57 8.65 4.47 2.79
N GLU A 58 7.84 5.42 2.34
CA GLU A 58 6.63 5.80 3.06
C GLU A 58 5.58 4.71 2.95
N ALA A 59 5.31 4.28 1.73
CA ALA A 59 4.28 3.28 1.45
C ALA A 59 4.56 1.96 2.16
N LYS A 60 5.83 1.62 2.25
CA LYS A 60 6.26 0.37 2.83
C LYS A 60 5.98 0.33 4.32
N GLN A 61 6.19 1.46 4.98
CA GLN A 61 5.96 1.57 6.42
C GLN A 61 4.47 1.64 6.71
N ASP A 62 3.73 2.27 5.80
CA ASP A 62 2.27 2.38 5.93
C ASP A 62 1.63 1.01 5.90
N CYS A 63 2.07 0.17 4.96
CA CYS A 63 1.56 -1.19 4.87
C CYS A 63 1.91 -1.99 6.12
N ASP A 64 3.04 -1.66 6.74
CA ASP A 64 3.41 -2.26 8.02
C ASP A 64 2.42 -1.85 9.10
N GLN A 65 2.08 -0.55 9.11
CA GLN A 65 1.06 -0.03 10.02
C GLN A 65 -0.27 -0.72 9.80
N ALA A 66 -0.58 -0.96 8.53
CA ALA A 66 -1.81 -1.65 8.15
C ALA A 66 -1.81 -3.08 8.72
N LEU A 67 -0.67 -3.74 8.66
CA LEU A 67 -0.54 -5.09 9.18
C LEU A 67 -0.64 -5.12 10.70
N GLN A 68 -0.17 -4.05 11.34
CA GLN A 68 -0.28 -3.90 12.79
C GLN A 68 -1.75 -3.93 13.21
N LEU A 69 -2.60 -3.37 12.36
CA LEU A 69 -4.02 -3.29 12.64
C LEU A 69 -4.74 -4.53 12.13
N ALA A 70 -4.36 -4.99 10.95
CA ALA A 70 -4.97 -6.15 10.34
C ALA A 70 -3.92 -7.20 9.97
N ASP A 71 -3.83 -8.23 10.79
CA ASP A 71 -2.93 -9.34 10.51
C ASP A 71 -3.56 -10.25 9.47
N GLY A 72 -3.19 -10.02 8.22
CA GLY A 72 -3.71 -10.82 7.13
C GLY A 72 -4.33 -9.97 6.04
N ASN A 73 -3.98 -8.68 6.04
CA ASN A 73 -4.47 -7.77 5.03
C ASN A 73 -3.65 -7.90 3.76
N VAL A 74 -4.24 -8.54 2.76
CA VAL A 74 -3.55 -8.83 1.51
C VAL A 74 -3.09 -7.54 0.82
N LYS A 75 -3.93 -6.51 0.89
CA LYS A 75 -3.61 -5.22 0.30
C LYS A 75 -2.35 -4.63 0.91
N ALA A 76 -2.12 -4.93 2.18
CA ALA A 76 -0.95 -4.42 2.88
C ALA A 76 0.31 -5.13 2.43
N PHE A 77 0.24 -6.46 2.32
CA PHE A 77 1.39 -7.23 1.88
C PHE A 77 1.74 -6.90 0.44
N TYR A 78 0.73 -6.93 -0.42
CA TYR A 78 0.91 -6.71 -1.85
C TYR A 78 1.52 -5.35 -2.14
N ARG A 79 0.98 -4.31 -1.52
CA ARG A 79 1.44 -2.96 -1.79
C ARG A 79 2.76 -2.65 -1.09
N ARG A 80 3.06 -3.38 -0.03
CA ARG A 80 4.35 -3.26 0.63
C ARG A 80 5.42 -3.90 -0.25
N ALA A 81 5.06 -5.01 -0.88
CA ALA A 81 5.94 -5.68 -1.83
C ALA A 81 6.30 -4.74 -2.97
N LEU A 82 5.32 -3.97 -3.42
CA LEU A 82 5.53 -2.99 -4.47
C LEU A 82 6.48 -1.90 -3.99
N ALA A 83 6.33 -1.52 -2.74
CA ALA A 83 7.21 -0.52 -2.13
C ALA A 83 8.61 -1.07 -1.95
N HIS A 84 8.70 -2.29 -1.43
CA HIS A 84 9.98 -2.98 -1.26
C HIS A 84 10.70 -3.06 -2.60
N LYS A 85 9.96 -3.41 -3.65
CA LYS A 85 10.52 -3.54 -4.99
C LYS A 85 11.21 -2.25 -5.41
N GLY A 86 10.54 -1.12 -5.16
CA GLY A 86 11.08 0.17 -5.55
C GLY A 86 12.29 0.55 -4.73
N LEU A 87 12.43 -0.05 -3.57
CA LEU A 87 13.57 0.22 -2.70
C LEU A 87 14.66 -0.82 -2.95
N LYS A 88 14.44 -1.63 -3.98
CA LYS A 88 15.35 -2.71 -4.37
C LYS A 88 15.45 -3.75 -3.26
N ASN A 89 14.36 -3.91 -2.53
CA ASN A 89 14.26 -4.92 -1.49
C ASN A 89 13.49 -6.12 -2.02
N TYR A 90 14.14 -6.85 -2.91
CA TYR A 90 13.47 -7.89 -3.66
C TYR A 90 13.22 -9.13 -2.81
N GLN A 91 14.16 -9.44 -1.94
CA GLN A 91 14.01 -10.58 -1.04
C GLN A 91 12.86 -10.32 -0.08
N LYS A 92 12.74 -9.06 0.32
CA LYS A 92 11.70 -8.63 1.24
C LYS A 92 10.35 -8.61 0.54
N SER A 93 10.32 -8.09 -0.68
CA SER A 93 9.11 -8.01 -1.46
C SER A 93 8.54 -9.40 -1.72
N LEU A 94 9.43 -10.35 -2.02
CA LEU A 94 9.01 -11.71 -2.29
C LEU A 94 8.30 -12.34 -1.10
N ILE A 95 8.71 -11.95 0.10
CA ILE A 95 8.09 -12.46 1.32
C ILE A 95 6.62 -12.02 1.36
N ASP A 96 6.38 -10.77 1.01
CA ASP A 96 5.02 -10.22 1.02
C ASP A 96 4.20 -10.79 -0.13
N LEU A 97 4.85 -10.92 -1.29
CA LEU A 97 4.19 -11.47 -2.46
C LEU A 97 3.80 -12.92 -2.24
N ASN A 98 4.75 -13.71 -1.73
CA ASN A 98 4.48 -15.10 -1.40
C ASN A 98 3.38 -15.19 -0.35
N LYS A 99 3.36 -14.24 0.58
CA LYS A 99 2.30 -14.20 1.59
C LYS A 99 0.94 -13.97 0.94
N VAL A 100 0.89 -13.07 -0.03
CA VAL A 100 -0.33 -12.82 -0.78
C VAL A 100 -0.79 -14.10 -1.49
N ILE A 101 0.18 -14.85 -1.99
CA ILE A 101 -0.10 -16.13 -2.64
C ILE A 101 -0.70 -17.12 -1.65
N LEU A 102 -0.36 -16.97 -0.37
CA LEU A 102 -0.87 -17.86 0.66
C LEU A 102 -2.28 -17.45 1.03
N LEU A 103 -2.48 -16.16 1.23
CA LEU A 103 -3.76 -15.63 1.66
C LEU A 103 -4.79 -15.66 0.53
N ASP A 104 -4.37 -15.26 -0.66
CA ASP A 104 -5.26 -15.25 -1.81
C ASP A 104 -4.50 -15.65 -3.07
N PRO A 105 -4.44 -16.96 -3.35
CA PRO A 105 -3.67 -17.50 -4.48
C PRO A 105 -4.37 -17.29 -5.82
N SER A 106 -5.48 -16.56 -5.82
CA SER A 106 -6.25 -16.34 -7.02
C SER A 106 -5.92 -15.00 -7.65
N ILE A 107 -5.05 -14.25 -6.99
CA ILE A 107 -4.67 -12.94 -7.47
C ILE A 107 -3.62 -13.07 -8.58
N ILE A 108 -4.05 -12.89 -9.82
CA ILE A 108 -3.17 -12.97 -10.98
C ILE A 108 -2.08 -11.90 -10.89
N GLU A 109 -2.46 -10.74 -10.36
CA GLU A 109 -1.52 -9.65 -10.15
C GLU A 109 -0.31 -10.12 -9.35
N ALA A 110 -0.57 -10.83 -8.27
CA ALA A 110 0.49 -11.31 -7.39
C ALA A 110 1.33 -12.38 -8.08
N LYS A 111 0.70 -13.16 -8.95
CA LYS A 111 1.38 -14.23 -9.66
C LYS A 111 2.39 -13.65 -10.64
N MET A 112 2.07 -12.47 -11.16
CA MET A 112 2.93 -11.79 -12.12
C MET A 112 4.00 -10.97 -11.43
N GLU A 113 3.73 -10.58 -10.19
CA GLU A 113 4.65 -9.73 -9.45
C GLU A 113 5.78 -10.54 -8.82
N LEU A 114 5.46 -11.68 -8.20
CA LEU A 114 6.50 -12.47 -7.54
C LEU A 114 7.44 -13.07 -8.57
N GLU A 115 6.93 -13.35 -9.75
CA GLU A 115 7.75 -13.91 -10.82
C GLU A 115 8.72 -12.85 -11.34
N GLU A 116 8.31 -11.58 -11.23
CA GLU A 116 9.13 -10.47 -11.64
C GLU A 116 10.21 -10.18 -10.61
N VAL A 117 9.79 -10.04 -9.35
CA VAL A 117 10.69 -9.70 -8.26
C VAL A 117 11.76 -10.77 -8.06
N THR A 118 11.40 -12.03 -8.31
CA THR A 118 12.36 -13.11 -8.23
C THR A 118 13.46 -12.94 -9.28
N ARG A 119 13.10 -12.36 -10.43
CA ARG A 119 14.05 -12.16 -11.51
C ARG A 119 14.89 -10.92 -11.24
N LEU A 120 14.28 -9.96 -10.57
CA LEU A 120 14.98 -8.76 -10.13
C LEU A 120 16.03 -9.13 -9.10
N LEU A 121 15.64 -9.96 -8.15
CA LEU A 121 16.55 -10.45 -7.11
C LEU A 121 17.65 -11.32 -7.71
N ASN A 122 17.36 -11.98 -8.81
CA ASN A 122 18.33 -12.84 -9.47
C ASN A 122 19.22 -12.07 -10.43
N LEU A 123 18.92 -10.79 -10.58
CA LEU A 123 19.68 -9.92 -11.42
C LEU A 123 20.56 -9.04 -10.53
N LYS A 124 21.71 -8.63 -11.07
CA LYS A 124 22.76 -7.99 -10.29
C LYS A 124 22.39 -6.58 -9.83
N ASP A 125 21.27 -6.09 -10.34
CA ASP A 125 20.75 -4.76 -9.98
C ASP A 125 20.72 -4.56 -8.47
#